data_9F2D
#
_entry.id   9F2D
#
_cell.length_a   93.399
_cell.length_b   99.047
_cell.length_c   321.130
_cell.angle_alpha   90.000
_cell.angle_beta   90.000
_cell.angle_gamma   90.000
#
_symmetry.space_group_name_H-M   'P 21 21 21'
#
loop_
_entity.id
_entity.type
_entity.pdbx_description
1 polymer 'RIFIN RBK21'
2 polymer 'KIR2DL protein'
3 branched alpha-L-fucopyranose-(1-6)-2-acetamido-2-deoxy-beta-D-glucopyranose
4 non-polymer 2-acetamido-2-deoxy-beta-D-glucopyranose
#
loop_
_entity_poly.entity_id
_entity_poly.type
_entity_poly.pdbx_seq_one_letter_code
_entity_poly.pdbx_strand_id
1 'polypeptide(L)'
;VALAKAIAEGAAKGAEVGEAARIAAAIDAVIKGIETKFGVSTNGVLGLKSLFTANNYNNATKIAGAIIEEYKPSSCLTGG
SGADNSICPWAMENFFAARKIPGFIQREAVSMNDVIEKTVKTIVSDAPKTAETAAKKATEEAIKASTDAVES
;
A,C,E,G,I,K,M,O
2 'polypeptide(L)'
;RKPSLLAHPGPLVKSEETVILQCWSDVMFEHFLLHREGMFNDTLRLIGEHHDGVSKANFSISRMTQDLAGTYRCYGSVTH
SPYQVSAPSDPLDIVIIGLYEKPSLSAQPGPTVLAGENVTLSCSSRSSYDMYHLSREGEAHERRLPAGPKVNGTFQADFP
LGPATHGGTYRCFGSFHDSPYEWSKSSDPLLVSVT
;
B,D,F,H,J,L,N,P
#
loop_
_chem_comp.id
_chem_comp.type
_chem_comp.name
_chem_comp.formula
FUC L-saccharide, alpha linking alpha-L-fucopyranose 'C6 H12 O5'
NAG D-saccharide, beta linking 2-acetamido-2-deoxy-beta-D-glucopyranose 'C8 H15 N O6'
#
# COMPACT_ATOMS: atom_id res chain seq x y z
N GLY A 18 28.85 2.79 -3.80
CA GLY A 18 27.63 2.78 -3.01
C GLY A 18 27.67 1.76 -1.89
N GLU A 19 26.59 0.98 -1.69
CA GLU A 19 26.59 -0.05 -0.64
C GLU A 19 27.64 -1.12 -0.96
N ALA A 20 27.88 -1.42 -2.26
CA ALA A 20 28.94 -2.35 -2.66
C ALA A 20 30.31 -1.85 -2.17
N ALA A 21 30.53 -0.52 -2.19
CA ALA A 21 31.76 0.09 -1.71
C ALA A 21 31.83 0.00 -0.19
N ARG A 22 30.69 0.19 0.50
CA ARG A 22 30.62 0.08 1.97
C ARG A 22 30.95 -1.35 2.42
N ILE A 23 30.48 -2.35 1.66
CA ILE A 23 30.74 -3.76 1.96
C ILE A 23 32.24 -4.05 1.90
N ALA A 24 32.92 -3.64 0.82
CA ALA A 24 34.36 -3.85 0.67
C ALA A 24 35.17 -3.10 1.72
N ALA A 25 34.68 -1.94 2.18
CA ALA A 25 35.35 -1.16 3.21
C ALA A 25 35.34 -1.91 4.55
N ALA A 26 34.18 -2.50 4.92
CA ALA A 26 34.06 -3.23 6.16
C ALA A 26 34.76 -4.60 6.09
N ILE A 27 34.81 -5.23 4.90
CA ILE A 27 35.50 -6.50 4.73
C ILE A 27 37.00 -6.28 4.92
N ASP A 28 37.56 -5.25 4.28
CA ASP A 28 38.96 -4.92 4.42
C ASP A 28 39.34 -4.55 5.85
N ALA A 29 38.41 -3.93 6.60
CA ALA A 29 38.63 -3.60 8.00
C ALA A 29 38.79 -4.87 8.83
N VAL A 30 37.98 -5.90 8.55
CA VAL A 30 38.05 -7.17 9.24
C VAL A 30 39.37 -7.87 8.89
N ILE A 31 39.71 -7.93 7.59
CA ILE A 31 40.96 -8.53 7.13
C ILE A 31 42.17 -7.88 7.80
N LYS A 32 42.24 -6.54 7.79
CA LYS A 32 43.33 -5.78 8.41
C LYS A 32 43.36 -5.99 9.93
N GLY A 33 42.18 -6.04 10.54
CA GLY A 33 42.05 -6.24 11.98
C GLY A 33 42.58 -7.59 12.42
N ILE A 34 42.22 -8.65 11.69
CA ILE A 34 42.68 -10.01 11.99
C ILE A 34 44.19 -10.08 11.84
N GLU A 35 44.71 -9.58 10.73
CA GLU A 35 46.13 -9.60 10.45
C GLU A 35 46.96 -8.84 11.49
N THR A 36 46.54 -7.62 11.88
CA THR A 36 47.33 -6.83 12.83
C THR A 36 47.21 -7.32 14.28
N LYS A 37 46.04 -7.82 14.68
CA LYS A 37 45.83 -8.28 16.04
C LYS A 37 46.53 -9.61 16.29
N PHE A 38 46.40 -10.56 15.37
CA PHE A 38 47.04 -11.87 15.51
C PHE A 38 48.47 -11.94 14.96
N GLY A 39 48.93 -10.89 14.27
CA GLY A 39 50.26 -10.86 13.71
C GLY A 39 50.45 -11.89 12.62
N VAL A 40 49.41 -12.10 11.82
CA VAL A 40 49.39 -13.11 10.75
C VAL A 40 49.04 -12.50 9.39
N SER A 41 49.20 -13.26 8.30
CA SER A 41 48.85 -12.79 6.97
C SER A 41 47.83 -13.73 6.35
N THR A 42 46.75 -13.19 5.78
CA THR A 42 45.73 -14.01 5.13
C THR A 42 46.07 -14.36 3.67
N ASN A 43 47.27 -13.98 3.18
CA ASN A 43 47.72 -14.26 1.81
C ASN A 43 47.96 -15.75 1.64
N GLY A 44 47.30 -16.34 0.64
CA GLY A 44 47.41 -17.77 0.36
C GLY A 44 46.58 -18.67 1.26
N VAL A 45 45.96 -18.09 2.30
CA VAL A 45 45.11 -18.81 3.25
C VAL A 45 43.72 -18.99 2.64
N LEU A 46 43.51 -20.13 1.97
CA LEU A 46 42.27 -20.44 1.27
C LEU A 46 41.03 -20.48 2.16
N GLY A 47 41.13 -21.12 3.33
CA GLY A 47 40.02 -21.22 4.27
C GLY A 47 39.50 -19.89 4.74
N LEU A 48 40.41 -18.96 5.06
CA LEU A 48 40.02 -17.63 5.53
C LEU A 48 39.54 -16.73 4.40
N LYS A 49 40.25 -16.74 3.27
CA LYS A 49 39.85 -15.88 2.15
C LYS A 49 38.45 -16.24 1.62
N SER A 50 38.09 -17.53 1.67
CA SER A 50 36.77 -17.99 1.25
C SER A 50 35.63 -17.36 2.09
N LEU A 51 35.93 -16.95 3.33
CA LEU A 51 34.93 -16.36 4.21
C LEU A 51 34.87 -14.83 4.15
N PHE A 52 35.74 -14.18 3.35
CA PHE A 52 35.71 -12.72 3.25
C PHE A 52 34.65 -12.26 2.25
N THR A 53 33.39 -12.67 2.49
CA THR A 53 32.23 -12.34 1.66
C THR A 53 31.22 -11.50 2.47
N ALA A 54 30.31 -10.81 1.78
CA ALA A 54 29.30 -9.98 2.45
C ALA A 54 28.53 -10.67 3.59
N ASN A 55 28.26 -11.97 3.47
CA ASN A 55 27.52 -12.70 4.52
C ASN A 55 28.42 -13.37 5.55
N ASN A 56 29.57 -13.89 5.11
CA ASN A 56 30.47 -14.62 6.00
C ASN A 56 31.58 -13.80 6.64
N TYR A 57 31.72 -12.52 6.28
CA TYR A 57 32.77 -11.68 6.84
C TYR A 57 32.47 -11.19 8.28
N ASN A 58 31.22 -11.31 8.73
CA ASN A 58 30.84 -10.85 10.06
C ASN A 58 30.52 -11.95 11.05
N ASN A 59 30.52 -13.22 10.61
CA ASN A 59 30.25 -14.34 11.49
C ASN A 59 31.53 -14.64 12.26
N ALA A 60 31.58 -14.23 13.54
CA ALA A 60 32.75 -14.43 14.37
C ALA A 60 33.06 -15.90 14.57
N THR A 61 32.02 -16.74 14.73
CA THR A 61 32.22 -18.18 14.94
C THR A 61 32.94 -18.84 13.77
N LYS A 62 32.54 -18.52 12.53
CA LYS A 62 33.16 -19.08 11.34
C LYS A 62 34.62 -18.64 11.21
N ILE A 63 34.87 -17.34 11.42
CA ILE A 63 36.22 -16.78 11.32
C ILE A 63 37.13 -17.36 12.38
N ALA A 64 36.66 -17.42 13.63
CA ALA A 64 37.42 -17.98 14.73
C ALA A 64 37.76 -19.44 14.46
N GLY A 65 36.81 -20.19 13.91
CA GLY A 65 37.01 -21.59 13.57
C GLY A 65 38.04 -21.77 12.46
N ALA A 66 38.04 -20.86 11.48
CA ALA A 66 38.98 -20.91 10.35
C ALA A 66 40.38 -20.55 10.79
N ILE A 67 40.55 -19.56 11.70
CA ILE A 67 41.86 -19.18 12.22
C ILE A 67 42.51 -20.37 12.93
N ILE A 68 41.73 -21.10 13.71
CA ILE A 68 42.19 -22.29 14.42
C ILE A 68 42.56 -23.39 13.43
N GLU A 69 41.73 -23.57 12.41
CA GLU A 69 41.98 -24.60 11.41
C GLU A 69 43.21 -24.35 10.56
N GLU A 70 43.40 -23.11 10.09
CA GLU A 70 44.52 -22.77 9.23
C GLU A 70 45.83 -22.48 9.96
N TYR A 71 45.75 -21.69 11.03
CA TYR A 71 46.94 -21.31 11.77
C TYR A 71 47.32 -22.25 12.90
N LYS A 72 46.43 -23.21 13.26
CA LYS A 72 46.70 -24.22 14.29
C LYS A 72 47.32 -23.63 15.56
N PRO A 73 46.61 -22.76 16.30
CA PRO A 73 47.21 -22.11 17.47
C PRO A 73 47.61 -23.05 18.59
N SER A 74 46.80 -24.10 18.85
CA SER A 74 47.12 -25.05 19.92
C SER A 74 48.42 -25.79 19.66
N SER A 75 48.85 -25.88 18.39
CA SER A 75 50.12 -26.53 18.06
C SER A 75 51.35 -25.69 18.46
N CYS A 76 51.16 -24.41 18.86
CA CYS A 76 52.23 -23.54 19.32
C CYS A 76 52.83 -23.96 20.68
N LEU A 77 52.20 -24.90 21.37
CA LEU A 77 52.66 -25.44 22.64
C LEU A 77 54.07 -26.03 22.48
N THR A 78 54.33 -26.67 21.32
CA THR A 78 55.61 -27.26 20.98
C THR A 78 56.33 -26.52 19.84
N GLY A 79 56.05 -25.24 19.68
CA GLY A 79 56.72 -24.44 18.66
C GLY A 79 55.90 -24.12 17.43
N GLY A 80 54.82 -24.85 17.19
CA GLY A 80 53.96 -24.60 16.03
C GLY A 80 54.04 -25.69 14.99
N SER A 81 53.06 -25.75 14.09
CA SER A 81 53.11 -26.71 12.97
C SER A 81 54.00 -26.04 11.93
N GLY A 82 54.98 -26.75 11.39
CA GLY A 82 55.88 -26.17 10.40
C GLY A 82 55.20 -25.51 9.22
N ALA A 83 53.93 -25.90 8.96
CA ALA A 83 53.09 -25.35 7.90
C ALA A 83 52.67 -23.92 8.18
N ASP A 84 52.64 -23.49 9.46
CA ASP A 84 52.26 -22.14 9.84
C ASP A 84 52.48 -21.84 11.33
N ASN A 85 53.67 -21.34 11.70
CA ASN A 85 53.92 -20.95 13.09
C ASN A 85 53.78 -19.43 13.28
N SER A 86 53.07 -18.72 12.37
CA SER A 86 52.94 -17.27 12.41
C SER A 86 52.07 -16.77 13.56
N ILE A 87 51.10 -17.58 14.00
CA ILE A 87 50.24 -17.19 15.12
C ILE A 87 50.91 -17.42 16.50
N CYS A 88 52.04 -18.14 16.55
CA CYS A 88 52.70 -18.44 17.82
C CYS A 88 53.08 -17.22 18.63
N PRO A 89 53.66 -16.13 18.08
CA PRO A 89 53.92 -14.94 18.91
C PRO A 89 52.66 -14.45 19.63
N TRP A 90 51.49 -14.47 18.95
CA TRP A 90 50.25 -14.07 19.59
C TRP A 90 49.88 -15.07 20.67
N ALA A 91 49.86 -16.37 20.33
CA ALA A 91 49.51 -17.44 21.25
C ALA A 91 50.33 -17.39 22.53
N MET A 92 51.65 -17.15 22.42
CA MET A 92 52.51 -17.07 23.59
C MET A 92 52.19 -15.85 24.44
N GLU A 93 52.05 -14.69 23.80
CA GLU A 93 51.78 -13.45 24.51
C GLU A 93 50.40 -13.39 25.17
N ASN A 94 49.38 -13.88 24.48
CA ASN A 94 48.02 -13.79 24.94
C ASN A 94 47.47 -15.04 25.61
N PHE A 95 48.16 -16.19 25.53
CA PHE A 95 47.66 -17.39 26.16
C PHE A 95 48.72 -18.19 26.95
N PHE A 96 49.68 -18.82 26.29
CA PHE A 96 50.64 -19.71 26.94
C PHE A 96 51.45 -19.04 28.04
N ALA A 97 51.79 -17.77 27.86
CA ALA A 97 52.54 -17.03 28.88
C ALA A 97 51.86 -15.72 29.23
N ALA A 98 50.52 -15.68 29.18
CA ALA A 98 49.73 -14.49 29.50
C ALA A 98 49.92 -14.12 30.94
N ARG A 99 50.02 -12.83 31.21
CA ARG A 99 50.32 -12.34 32.54
C ARG A 99 49.16 -11.63 33.22
N ARG A 107 41.12 -19.29 40.68
CA ARG A 107 40.75 -18.95 39.30
C ARG A 107 40.11 -20.14 38.55
N GLU A 108 39.82 -19.97 37.25
CA GLU A 108 39.15 -20.97 36.44
C GLU A 108 39.97 -21.38 35.21
N ALA A 109 39.53 -22.41 34.48
CA ALA A 109 40.22 -22.85 33.28
C ALA A 109 39.99 -21.87 32.14
N VAL A 110 41.01 -21.63 31.31
CA VAL A 110 40.91 -20.72 30.18
C VAL A 110 41.11 -21.51 28.90
N SER A 111 40.13 -21.48 27.99
CA SER A 111 40.23 -22.19 26.72
C SER A 111 40.89 -21.30 25.66
N MET A 112 41.89 -21.85 24.93
CA MET A 112 42.57 -21.14 23.85
C MET A 112 41.58 -20.73 22.77
N ASN A 113 40.71 -21.66 22.34
CA ASN A 113 39.71 -21.40 21.31
C ASN A 113 38.71 -20.33 21.74
N ASP A 114 38.42 -20.21 23.05
CA ASP A 114 37.53 -19.17 23.55
C ASP A 114 38.21 -17.84 23.39
N VAL A 115 39.49 -17.74 23.80
CA VAL A 115 40.26 -16.50 23.70
C VAL A 115 40.29 -16.02 22.26
N ILE A 116 40.47 -16.94 21.30
CA ILE A 116 40.47 -16.59 19.89
C ILE A 116 39.12 -16.04 19.48
N GLU A 117 38.04 -16.70 19.88
CA GLU A 117 36.69 -16.24 19.56
C GLU A 117 36.41 -14.85 20.13
N LYS A 118 36.79 -14.60 21.39
CA LYS A 118 36.59 -13.30 22.02
C LYS A 118 37.36 -12.20 21.31
N THR A 119 38.54 -12.51 20.77
CA THR A 119 39.36 -11.55 20.05
C THR A 119 38.70 -11.19 18.73
N VAL A 120 38.18 -12.21 18.02
CA VAL A 120 37.48 -12.01 16.75
C VAL A 120 36.21 -11.17 16.93
N LYS A 121 35.53 -11.31 18.08
CA LYS A 121 34.34 -10.53 18.40
C LYS A 121 34.69 -9.03 18.43
N THR A 122 35.80 -8.67 19.10
CA THR A 122 36.20 -7.27 19.19
C THR A 122 36.62 -6.71 17.84
N ILE A 123 37.32 -7.50 17.02
CA ILE A 123 37.73 -7.05 15.69
C ILE A 123 36.52 -6.74 14.82
N VAL A 124 35.53 -7.65 14.81
CA VAL A 124 34.28 -7.50 14.07
C VAL A 124 33.49 -6.28 14.55
N SER A 125 33.40 -6.08 15.87
CA SER A 125 32.66 -4.94 16.43
C SER A 125 33.36 -3.59 16.23
N ASP A 126 34.68 -3.54 16.45
CA ASP A 126 35.42 -2.29 16.27
C ASP A 126 35.85 -2.06 14.81
N ALA A 127 35.45 -2.96 13.87
CA ALA A 127 35.77 -2.81 12.45
C ALA A 127 35.30 -1.45 11.87
N PRO A 128 34.05 -0.97 12.08
CA PRO A 128 33.67 0.35 11.53
C PRO A 128 34.45 1.50 12.16
N ARG B 1 59.94 -31.63 34.97
CA ARG B 1 59.75 -33.08 34.88
C ARG B 1 58.32 -33.42 34.44
N LYS B 2 58.17 -34.53 33.70
CA LYS B 2 56.92 -35.01 33.16
C LYS B 2 55.78 -35.04 34.18
N PRO B 3 54.73 -34.22 33.98
CA PRO B 3 53.58 -34.28 34.88
C PRO B 3 52.74 -35.57 34.72
N SER B 4 51.70 -35.72 35.54
CA SER B 4 50.85 -36.88 35.53
C SER B 4 49.43 -36.46 35.23
N LEU B 5 48.82 -37.11 34.24
CA LEU B 5 47.45 -36.80 33.88
C LEU B 5 46.55 -37.97 34.21
N LEU B 6 45.55 -37.74 35.05
CA LEU B 6 44.61 -38.74 35.53
C LEU B 6 43.16 -38.35 35.19
N ALA B 7 42.28 -39.33 35.06
CA ALA B 7 40.87 -39.04 34.85
C ALA B 7 40.07 -39.64 36.00
N HIS B 8 39.16 -38.87 36.60
CA HIS B 8 38.32 -39.36 37.70
C HIS B 8 36.86 -39.25 37.31
N PRO B 9 36.11 -40.36 37.34
CA PRO B 9 36.52 -41.70 37.79
C PRO B 9 37.33 -42.54 36.80
N GLY B 10 37.31 -42.16 35.52
CA GLY B 10 38.06 -42.88 34.50
C GLY B 10 37.99 -42.23 33.13
N PRO B 11 38.82 -42.68 32.17
CA PRO B 11 38.77 -42.10 30.83
C PRO B 11 37.56 -42.52 29.98
N LEU B 12 36.92 -43.63 30.36
CA LEU B 12 35.75 -44.14 29.67
C LEU B 12 34.51 -43.48 30.25
N VAL B 13 34.08 -42.42 29.61
CA VAL B 13 32.95 -41.62 30.05
C VAL B 13 31.69 -41.83 29.22
N LYS B 14 30.52 -41.78 29.86
CA LYS B 14 29.26 -41.92 29.14
C LYS B 14 28.80 -40.55 28.70
N SER B 15 28.04 -40.47 27.59
CA SER B 15 27.56 -39.16 27.13
C SER B 15 26.75 -38.42 28.19
N GLU B 16 26.95 -37.10 28.32
CA GLU B 16 26.28 -36.27 29.33
C GLU B 16 26.77 -36.53 30.77
N GLU B 17 27.61 -37.56 31.00
CA GLU B 17 28.14 -37.83 32.32
C GLU B 17 29.31 -36.87 32.67
N THR B 18 29.67 -36.78 33.94
CA THR B 18 30.75 -35.87 34.36
C THR B 18 32.09 -36.58 34.55
N VAL B 19 33.19 -35.88 34.22
CA VAL B 19 34.55 -36.39 34.38
C VAL B 19 35.50 -35.26 34.79
N ILE B 20 36.49 -35.56 35.64
CA ILE B 20 37.46 -34.57 36.07
C ILE B 20 38.86 -35.00 35.64
N LEU B 21 39.52 -34.18 34.84
CA LEU B 21 40.88 -34.48 34.39
C LEU B 21 41.86 -33.78 35.31
N GLN B 22 42.59 -34.55 36.10
CA GLN B 22 43.56 -34.00 37.03
C GLN B 22 44.98 -34.04 36.49
N CYS B 23 45.63 -32.91 36.56
CA CYS B 23 46.97 -32.62 36.09
C CYS B 23 47.75 -32.46 37.40
N TRP B 24 48.85 -33.19 37.61
CA TRP B 24 49.62 -33.07 38.86
C TRP B 24 51.11 -33.37 38.72
N SER B 25 51.96 -32.87 39.63
CA SER B 25 53.39 -33.10 39.56
C SER B 25 54.06 -32.79 40.89
N ASP B 26 55.19 -33.43 41.19
CA ASP B 26 55.96 -33.11 42.39
C ASP B 26 56.74 -31.78 42.23
N VAL B 27 56.94 -31.33 40.97
CA VAL B 27 57.62 -30.07 40.61
C VAL B 27 56.59 -28.95 40.77
N MET B 28 56.97 -27.84 41.42
CA MET B 28 56.04 -26.74 41.66
C MET B 28 55.74 -25.88 40.43
N PHE B 29 54.88 -26.40 39.51
CA PHE B 29 54.47 -25.68 38.31
C PHE B 29 53.39 -24.68 38.72
N GLU B 30 53.54 -23.41 38.35
CA GLU B 30 52.53 -22.42 38.70
C GLU B 30 51.27 -22.57 37.80
N HIS B 31 51.47 -23.01 36.55
CA HIS B 31 50.38 -23.19 35.61
C HIS B 31 50.49 -24.51 34.88
N PHE B 32 49.35 -25.08 34.56
CA PHE B 32 49.29 -26.31 33.79
C PHE B 32 48.59 -26.06 32.47
N LEU B 33 49.06 -26.70 31.41
CA LEU B 33 48.46 -26.55 30.08
C LEU B 33 47.98 -27.91 29.62
N LEU B 34 46.65 -28.08 29.50
CA LEU B 34 46.06 -29.34 29.10
C LEU B 34 45.69 -29.27 27.64
N HIS B 35 46.32 -30.08 26.80
CA HIS B 35 46.07 -30.07 25.37
C HIS B 35 45.20 -31.24 24.96
N ARG B 36 44.13 -30.98 24.19
CA ARG B 36 43.28 -32.04 23.64
C ARG B 36 43.59 -32.17 22.16
N GLU B 37 43.80 -33.38 21.68
CA GLU B 37 44.02 -33.63 20.27
C GLU B 37 42.87 -34.50 19.82
N GLY B 38 42.03 -34.00 18.93
CA GLY B 38 40.88 -34.76 18.46
C GLY B 38 40.20 -34.06 17.31
N MET B 39 38.87 -34.13 17.24
CA MET B 39 38.15 -33.45 16.16
C MET B 39 38.27 -31.95 16.31
N PHE B 40 38.19 -31.45 17.55
CA PHE B 40 38.36 -30.04 17.82
C PHE B 40 39.46 -29.88 18.85
N ASN B 41 40.71 -29.64 18.39
CA ASN B 41 41.83 -29.45 19.29
C ASN B 41 41.63 -28.19 20.11
N ASP B 42 42.11 -28.19 21.34
CA ASP B 42 42.05 -27.03 22.24
C ASP B 42 43.09 -27.17 23.32
N THR B 43 43.47 -26.06 23.94
CA THR B 43 44.42 -26.05 25.06
C THR B 43 43.79 -25.26 26.20
N LEU B 44 43.91 -25.76 27.42
CA LEU B 44 43.34 -25.11 28.58
C LEU B 44 44.42 -24.72 29.57
N ARG B 45 44.41 -23.45 30.02
CA ARG B 45 45.40 -22.99 30.98
C ARG B 45 44.82 -23.05 32.37
N LEU B 46 45.20 -24.07 33.12
CA LEU B 46 44.72 -24.31 34.48
C LEU B 46 45.70 -23.70 35.48
N ILE B 47 45.19 -23.17 36.58
CA ILE B 47 46.04 -22.58 37.61
C ILE B 47 46.43 -23.67 38.63
N GLY B 48 47.72 -23.79 38.89
CA GLY B 48 48.23 -24.81 39.80
C GLY B 48 48.04 -24.53 41.28
N GLU B 49 47.40 -25.48 41.98
CA GLU B 49 47.16 -25.41 43.41
C GLU B 49 48.33 -26.07 44.13
N HIS B 50 49.30 -25.28 44.61
CA HIS B 50 50.47 -25.82 45.30
C HIS B 50 50.07 -26.25 46.69
N HIS B 51 50.07 -27.55 46.98
CA HIS B 51 49.74 -28.03 48.32
C HIS B 51 50.20 -29.46 48.55
N ASP B 52 50.84 -29.70 49.72
CA ASP B 52 51.38 -30.99 50.15
C ASP B 52 52.62 -31.37 49.32
N GLY B 53 53.45 -30.38 49.03
CA GLY B 53 54.65 -30.58 48.24
C GLY B 53 54.40 -31.07 46.82
N VAL B 54 53.12 -30.99 46.36
CA VAL B 54 52.65 -31.41 45.02
C VAL B 54 51.81 -30.28 44.40
N SER B 55 52.00 -29.98 43.11
CA SER B 55 51.23 -28.96 42.42
C SER B 55 50.16 -29.70 41.60
N LYS B 56 48.89 -29.32 41.73
CA LYS B 56 47.82 -29.99 41.00
C LYS B 56 46.77 -29.02 40.44
N ALA B 57 46.04 -29.44 39.42
CA ALA B 57 45.01 -28.62 38.79
C ALA B 57 43.96 -29.52 38.15
N ASN B 58 42.69 -29.14 38.30
CA ASN B 58 41.59 -29.92 37.75
C ASN B 58 40.90 -29.24 36.56
N PHE B 59 40.41 -30.05 35.63
CA PHE B 59 39.61 -29.57 34.52
C PHE B 59 38.34 -30.40 34.57
N SER B 60 37.22 -29.78 34.93
CA SER B 60 35.98 -30.50 35.08
C SER B 60 35.06 -30.39 33.88
N ILE B 61 34.68 -31.54 33.35
CA ILE B 61 33.73 -31.63 32.25
C ILE B 61 32.42 -32.06 32.91
N SER B 62 31.50 -31.12 33.10
CA SER B 62 30.21 -31.38 33.76
C SER B 62 29.31 -32.31 32.96
N ARG B 63 29.21 -32.09 31.64
CA ARG B 63 28.41 -32.93 30.74
C ARG B 63 29.28 -33.31 29.55
N MET B 64 29.67 -34.58 29.45
CA MET B 64 30.54 -35.06 28.40
C MET B 64 29.91 -34.92 27.03
N THR B 65 30.59 -34.27 26.09
CA THR B 65 30.12 -34.06 24.73
C THR B 65 31.18 -34.58 23.73
N GLN B 66 30.77 -35.00 22.52
CA GLN B 66 31.64 -35.54 21.47
C GLN B 66 32.87 -34.68 21.15
N ASP B 67 32.71 -33.38 21.15
CA ASP B 67 33.80 -32.44 20.86
C ASP B 67 34.87 -32.41 21.94
N LEU B 68 34.52 -32.80 23.19
CA LEU B 68 35.45 -32.85 24.30
C LEU B 68 36.23 -34.16 24.40
N ALA B 69 35.95 -35.15 23.53
CA ALA B 69 36.66 -36.42 23.56
C ALA B 69 37.91 -36.31 22.70
N GLY B 70 39.00 -36.90 23.19
CA GLY B 70 40.27 -36.87 22.48
C GLY B 70 41.45 -37.24 23.33
N THR B 71 42.65 -37.14 22.76
CA THR B 71 43.87 -37.45 23.48
C THR B 71 44.36 -36.23 24.25
N TYR B 72 44.29 -36.30 25.56
CA TYR B 72 44.73 -35.22 26.42
C TYR B 72 46.16 -35.42 26.86
N ARG B 73 46.87 -34.32 27.06
CA ARG B 73 48.26 -34.32 27.50
C ARG B 73 48.49 -33.12 28.39
N CYS B 74 49.26 -33.28 29.45
CA CYS B 74 49.53 -32.21 30.39
C CYS B 74 50.94 -31.67 30.26
N TYR B 75 51.09 -30.35 30.18
CA TYR B 75 52.40 -29.69 30.16
C TYR B 75 52.44 -28.74 31.38
N GLY B 76 53.61 -28.58 31.98
CA GLY B 76 53.76 -27.69 33.13
C GLY B 76 54.61 -26.47 32.84
N SER B 77 54.28 -25.32 33.44
CA SER B 77 55.07 -24.10 33.26
C SER B 77 55.31 -23.37 34.60
N VAL B 78 56.34 -22.54 34.65
CA VAL B 78 56.65 -21.73 35.83
C VAL B 78 56.76 -20.28 35.41
N THR B 79 56.20 -19.35 36.18
CA THR B 79 56.28 -17.92 35.84
C THR B 79 57.74 -17.43 35.71
N HIS B 80 58.72 -18.18 36.25
CA HIS B 80 60.14 -17.88 36.14
C HIS B 80 60.54 -17.94 34.66
N SER B 81 60.27 -19.06 33.98
CA SER B 81 60.53 -19.22 32.54
C SER B 81 59.21 -19.59 31.90
N PRO B 82 58.33 -18.60 31.64
CA PRO B 82 57.02 -18.92 31.08
C PRO B 82 57.05 -19.49 29.66
N TYR B 83 58.16 -19.29 28.95
CA TYR B 83 58.35 -19.75 27.57
C TYR B 83 58.97 -21.15 27.47
N GLN B 84 59.42 -21.72 28.60
CA GLN B 84 59.97 -23.07 28.61
C GLN B 84 58.96 -23.98 29.29
N VAL B 85 58.11 -24.69 28.49
CA VAL B 85 57.13 -25.62 29.04
C VAL B 85 57.77 -27.01 29.17
N SER B 86 57.31 -27.79 30.16
CA SER B 86 57.84 -29.12 30.46
C SER B 86 57.56 -30.16 29.36
N ALA B 87 58.11 -31.38 29.52
CA ALA B 87 57.83 -32.47 28.61
C ALA B 87 56.38 -32.90 28.88
N PRO B 88 55.64 -33.33 27.85
CA PRO B 88 54.24 -33.71 28.07
C PRO B 88 54.07 -34.93 28.95
N SER B 89 52.92 -35.02 29.60
CA SER B 89 52.57 -36.20 30.37
C SER B 89 52.26 -37.35 29.39
N ASP B 90 52.08 -38.58 29.90
CA ASP B 90 51.70 -39.69 29.03
C ASP B 90 50.27 -39.44 28.54
N PRO B 91 50.02 -39.63 27.22
CA PRO B 91 48.69 -39.34 26.67
C PRO B 91 47.56 -40.11 27.33
N LEU B 92 46.44 -39.43 27.55
CA LEU B 92 45.27 -40.02 28.17
C LEU B 92 44.12 -39.86 27.21
N ASP B 93 43.59 -40.96 26.69
CA ASP B 93 42.49 -40.89 25.74
C ASP B 93 41.16 -40.89 26.45
N ILE B 94 40.40 -39.79 26.36
CA ILE B 94 39.06 -39.75 26.95
C ILE B 94 38.09 -40.23 25.87
N VAL B 95 37.48 -41.40 26.10
CA VAL B 95 36.60 -42.08 25.16
C VAL B 95 35.15 -42.01 25.63
N ILE B 96 34.21 -41.73 24.71
CA ILE B 96 32.79 -41.75 25.01
C ILE B 96 32.28 -43.17 24.73
N ILE B 97 31.67 -43.79 25.74
CA ILE B 97 31.17 -45.14 25.60
C ILE B 97 29.64 -45.16 25.53
N GLY B 98 29.10 -46.29 25.11
CA GLY B 98 27.67 -46.51 25.01
C GLY B 98 27.07 -46.09 23.69
N LEU B 99 27.88 -46.01 22.63
CA LEU B 99 27.41 -45.54 21.32
C LEU B 99 27.01 -46.63 20.34
N TYR B 100 27.52 -47.85 20.53
CA TYR B 100 27.24 -48.97 19.62
C TYR B 100 26.74 -50.19 20.41
N GLU B 101 26.40 -51.29 19.72
CA GLU B 101 25.87 -52.48 20.38
C GLU B 101 26.76 -53.04 21.47
N LYS B 102 26.12 -53.50 22.54
CA LYS B 102 26.82 -54.07 23.68
C LYS B 102 27.31 -55.42 23.25
N PRO B 103 28.64 -55.66 23.26
CA PRO B 103 29.13 -57.01 22.93
C PRO B 103 28.86 -58.01 24.06
N SER B 104 29.07 -59.30 23.79
CA SER B 104 28.84 -60.34 24.80
C SER B 104 30.13 -60.97 25.22
N LEU B 105 30.35 -61.03 26.53
CA LEU B 105 31.56 -61.60 27.09
C LEU B 105 31.23 -62.93 27.76
N SER B 106 31.90 -64.00 27.32
CA SER B 106 31.71 -65.34 27.87
C SER B 106 33.06 -65.94 28.29
N ALA B 107 33.05 -66.94 29.18
CA ALA B 107 34.28 -67.55 29.64
C ALA B 107 34.40 -69.00 29.21
N GLN B 108 35.63 -69.42 28.87
CA GLN B 108 35.90 -70.79 28.48
C GLN B 108 37.05 -71.33 29.33
N PRO B 109 36.91 -72.48 30.00
CA PRO B 109 35.77 -73.41 29.97
C PRO B 109 34.51 -72.94 30.69
N GLY B 110 34.68 -72.06 31.66
CA GLY B 110 33.59 -71.51 32.44
C GLY B 110 34.00 -70.33 33.28
N PRO B 111 33.05 -69.64 33.91
CA PRO B 111 33.39 -68.48 34.75
C PRO B 111 33.97 -68.83 36.13
N THR B 112 34.01 -70.12 36.48
CA THR B 112 34.55 -70.58 37.76
C THR B 112 35.49 -71.73 37.47
N VAL B 113 36.79 -71.52 37.69
CA VAL B 113 37.80 -72.53 37.39
C VAL B 113 38.76 -72.75 38.56
N LEU B 114 39.41 -73.91 38.58
CA LEU B 114 40.42 -74.21 39.58
C LEU B 114 41.72 -73.52 39.17
N ALA B 115 42.53 -73.08 40.15
CA ALA B 115 43.81 -72.43 39.87
C ALA B 115 44.70 -73.27 38.96
N GLY B 116 45.27 -72.64 37.95
CA GLY B 116 46.11 -73.34 36.97
C GLY B 116 45.38 -73.72 35.70
N GLU B 117 44.05 -73.64 35.68
CA GLU B 117 43.25 -73.97 34.50
C GLU B 117 43.36 -72.83 33.50
N ASN B 118 43.55 -73.15 32.22
CA ASN B 118 43.62 -72.13 31.18
C ASN B 118 42.26 -71.53 30.88
N VAL B 119 42.09 -70.23 31.16
CA VAL B 119 40.85 -69.55 30.85
C VAL B 119 41.03 -68.69 29.60
N THR B 120 39.96 -68.55 28.82
CA THR B 120 39.97 -67.70 27.64
C THR B 120 38.63 -67.04 27.58
N LEU B 121 38.64 -65.71 27.63
CA LEU B 121 37.43 -64.93 27.58
C LEU B 121 37.14 -64.61 26.13
N SER B 122 35.88 -64.74 25.73
CA SER B 122 35.50 -64.53 24.36
C SER B 122 34.52 -63.36 24.24
N CYS B 123 34.93 -62.34 23.47
CA CYS B 123 34.13 -61.16 23.23
C CYS B 123 33.53 -61.28 21.89
N SER B 124 32.20 -61.23 21.78
CA SER B 124 31.54 -61.38 20.48
C SER B 124 30.51 -60.30 20.18
N SER B 125 30.22 -60.06 18.89
CA SER B 125 29.26 -59.05 18.47
C SER B 125 28.79 -59.29 17.02
N ARG B 126 27.57 -58.86 16.69
CA ARG B 126 27.07 -58.93 15.33
C ARG B 126 27.81 -57.87 14.49
N SER B 127 27.97 -56.63 15.05
CA SER B 127 28.67 -55.53 14.39
C SER B 127 30.11 -55.94 14.16
N SER B 128 30.67 -55.57 13.01
CA SER B 128 32.05 -55.90 12.72
C SER B 128 32.99 -54.84 13.24
N TYR B 129 33.23 -54.82 14.57
CA TYR B 129 34.16 -53.86 15.15
C TYR B 129 35.56 -54.13 14.65
N ASP B 130 36.37 -53.08 14.53
CA ASP B 130 37.77 -53.17 14.12
C ASP B 130 38.67 -53.63 15.27
N MET B 131 38.25 -53.41 16.53
CA MET B 131 38.99 -53.82 17.72
C MET B 131 38.06 -54.16 18.87
N TYR B 132 38.50 -55.05 19.75
CA TYR B 132 37.78 -55.40 20.95
C TYR B 132 38.71 -55.05 22.13
N HIS B 133 38.16 -54.47 23.19
CA HIS B 133 38.94 -54.03 24.32
C HIS B 133 38.48 -54.82 25.56
N LEU B 134 39.35 -55.60 26.20
CA LEU B 134 39.01 -56.36 27.39
C LEU B 134 39.52 -55.61 28.60
N SER B 135 38.63 -55.20 29.50
CA SER B 135 39.00 -54.42 30.66
C SER B 135 38.78 -55.19 31.93
N ARG B 136 39.80 -55.25 32.78
CA ARG B 136 39.66 -55.90 34.08
C ARG B 136 39.41 -54.82 35.11
N GLU B 137 38.33 -54.95 35.90
CA GLU B 137 37.97 -53.95 36.90
C GLU B 137 39.10 -53.71 37.88
N GLY B 138 39.55 -52.47 37.92
CA GLY B 138 40.66 -52.06 38.76
C GLY B 138 41.85 -51.67 37.90
N GLU B 139 42.14 -52.52 36.90
CA GLU B 139 43.26 -52.33 35.97
C GLU B 139 43.01 -51.17 35.00
N ALA B 140 44.08 -50.48 34.58
CA ALA B 140 44.00 -49.35 33.64
C ALA B 140 44.40 -49.79 32.22
N HIS B 141 45.41 -50.67 32.13
CA HIS B 141 45.88 -51.25 30.87
C HIS B 141 44.78 -52.15 30.32
N GLU B 142 44.08 -51.72 29.25
CA GLU B 142 43.10 -52.60 28.60
C GLU B 142 43.81 -53.45 27.55
N ARG B 143 43.20 -54.56 27.20
CA ARG B 143 43.78 -55.48 26.25
C ARG B 143 43.05 -55.39 24.93
N ARG B 144 43.76 -55.09 23.84
CA ARG B 144 43.12 -54.95 22.53
C ARG B 144 43.49 -56.11 21.63
N LEU B 145 42.49 -56.75 21.05
CA LEU B 145 42.66 -57.85 20.11
C LEU B 145 41.63 -57.69 19.00
N PRO B 146 42.01 -57.75 17.71
CA PRO B 146 40.99 -57.70 16.64
C PRO B 146 40.15 -59.00 16.68
N ALA B 147 39.16 -59.23 15.77
CA ALA B 147 38.39 -60.49 15.82
C ALA B 147 39.03 -61.62 15.01
N GLY B 148 39.07 -62.83 15.59
CA GLY B 148 39.62 -64.02 14.94
C GLY B 148 38.61 -64.85 14.19
N PRO B 149 37.77 -65.64 14.89
CA PRO B 149 36.77 -66.45 14.20
C PRO B 149 35.41 -65.76 14.02
N LYS B 150 34.47 -66.46 13.38
CA LYS B 150 33.10 -66.00 13.19
C LYS B 150 32.23 -67.15 13.69
N VAL B 151 31.39 -66.89 14.70
CA VAL B 151 30.54 -67.93 15.27
C VAL B 151 29.10 -67.46 15.30
N ASN B 152 28.18 -68.27 14.77
CA ASN B 152 26.75 -68.00 14.78
C ASN B 152 26.40 -66.57 14.36
N GLY B 153 26.98 -66.16 13.24
CA GLY B 153 26.75 -64.83 12.66
C GLY B 153 27.26 -63.67 13.48
N THR B 154 28.15 -63.94 14.42
CA THR B 154 28.77 -62.94 15.29
C THR B 154 30.28 -63.06 15.19
N PHE B 155 30.98 -61.94 15.09
CA PHE B 155 32.43 -61.91 15.07
C PHE B 155 32.90 -62.01 16.51
N GLN B 156 34.01 -62.72 16.75
CA GLN B 156 34.48 -62.91 18.10
C GLN B 156 35.99 -62.77 18.25
N ALA B 157 36.41 -62.12 19.34
CA ALA B 157 37.79 -61.97 19.71
C ALA B 157 38.01 -62.83 20.95
N ASP B 158 38.97 -63.76 20.90
CA ASP B 158 39.23 -64.63 22.04
C ASP B 158 40.51 -64.23 22.76
N PHE B 159 40.38 -63.79 24.00
CA PHE B 159 41.49 -63.34 24.83
C PHE B 159 41.93 -64.45 25.76
N PRO B 160 43.05 -65.11 25.44
CA PRO B 160 43.54 -66.16 26.35
C PRO B 160 44.19 -65.56 27.58
N LEU B 161 43.70 -65.92 28.78
CA LEU B 161 44.24 -65.39 30.02
C LEU B 161 45.34 -66.28 30.67
N GLY B 162 45.62 -67.44 30.07
CA GLY B 162 46.61 -68.35 30.61
C GLY B 162 46.12 -69.06 31.84
N PRO B 163 47.02 -69.76 32.57
CA PRO B 163 46.57 -70.48 33.78
C PRO B 163 46.00 -69.53 34.83
N ALA B 164 44.89 -69.93 35.45
CA ALA B 164 44.19 -69.15 36.45
C ALA B 164 45.05 -68.86 37.69
N THR B 165 45.02 -67.62 38.22
CA THR B 165 45.79 -67.30 39.42
C THR B 165 44.93 -66.53 40.42
N HIS B 166 44.09 -65.62 39.94
CA HIS B 166 43.17 -64.86 40.77
C HIS B 166 41.95 -64.40 39.96
N GLY B 167 40.89 -64.06 40.67
CA GLY B 167 39.62 -63.70 40.05
C GLY B 167 39.55 -62.29 39.52
N GLY B 168 38.35 -61.86 39.14
CA GLY B 168 38.16 -60.51 38.62
C GLY B 168 36.91 -60.33 37.80
N THR B 169 36.36 -59.12 37.75
CA THR B 169 35.20 -58.82 36.92
C THR B 169 35.74 -58.17 35.66
N TYR B 170 35.38 -58.72 34.50
CA TYR B 170 35.81 -58.24 33.21
C TYR B 170 34.67 -57.62 32.44
N ARG B 171 34.98 -56.61 31.63
CA ARG B 171 34.00 -55.98 30.76
C ARG B 171 34.59 -55.93 29.35
N CYS B 172 33.74 -55.72 28.35
CA CYS B 172 34.20 -55.73 26.97
C CYS B 172 33.66 -54.60 26.13
N PHE B 173 34.49 -54.07 25.22
CA PHE B 173 34.08 -52.99 24.34
C PHE B 173 34.51 -53.21 22.89
N GLY B 174 33.84 -52.55 21.95
CA GLY B 174 34.20 -52.63 20.54
C GLY B 174 34.40 -51.25 19.98
N SER B 175 35.36 -51.10 19.07
CA SER B 175 35.63 -49.80 18.46
C SER B 175 35.83 -49.90 16.95
N PHE B 176 35.81 -48.72 16.26
CA PHE B 176 36.06 -48.59 14.83
C PHE B 176 37.26 -47.66 14.61
N HIS B 177 38.14 -47.99 13.65
CA HIS B 177 39.35 -47.19 13.37
C HIS B 177 38.99 -45.73 13.06
N ASP B 178 37.93 -45.52 12.26
CA ASP B 178 37.41 -44.23 11.81
C ASP B 178 36.75 -43.38 12.92
N SER B 179 36.39 -43.98 14.06
CA SER B 179 35.79 -43.26 15.18
C SER B 179 36.57 -43.73 16.39
N PRO B 180 37.74 -43.11 16.71
CA PRO B 180 38.59 -43.70 17.73
C PRO B 180 38.24 -43.35 19.18
N TYR B 181 37.49 -42.28 19.40
CA TYR B 181 37.10 -41.90 20.76
C TYR B 181 35.64 -42.24 21.08
N GLU B 182 35.04 -43.17 20.33
CA GLU B 182 33.68 -43.61 20.50
C GLU B 182 33.76 -45.12 20.55
N TRP B 183 33.40 -45.68 21.67
CA TRP B 183 33.36 -47.12 21.87
C TRP B 183 31.91 -47.60 22.08
N SER B 184 31.73 -48.91 21.99
CA SER B 184 30.48 -49.60 22.16
C SER B 184 29.90 -49.42 23.58
N LYS B 185 28.68 -49.94 23.82
CA LYS B 185 28.12 -50.01 25.16
C LYS B 185 28.93 -51.13 25.85
N SER B 186 29.27 -50.97 27.15
CA SER B 186 30.05 -52.00 27.84
C SER B 186 29.33 -53.33 27.88
N SER B 187 30.06 -54.45 27.74
CA SER B 187 29.42 -55.76 27.88
C SER B 187 28.99 -55.94 29.36
N ASP B 188 28.08 -56.88 29.62
CA ASP B 188 27.66 -57.16 31.00
C ASP B 188 28.86 -57.74 31.74
N PRO B 189 29.19 -57.20 32.93
CA PRO B 189 30.38 -57.67 33.65
C PRO B 189 30.40 -59.17 33.90
N LEU B 190 31.51 -59.83 33.56
CA LEU B 190 31.66 -61.26 33.75
C LEU B 190 32.60 -61.48 34.91
N LEU B 191 32.13 -62.21 35.94
CA LEU B 191 32.95 -62.48 37.10
C LEU B 191 33.67 -63.81 36.96
N VAL B 192 35.00 -63.78 36.96
CA VAL B 192 35.80 -64.99 36.90
C VAL B 192 36.18 -65.36 38.33
N SER B 193 36.05 -66.64 38.69
CA SER B 193 36.38 -67.08 40.04
C SER B 193 37.36 -68.24 40.02
N VAL B 194 38.53 -68.04 40.63
CA VAL B 194 39.54 -69.09 40.68
C VAL B 194 39.49 -69.82 42.02
N ALA C 20 17.83 -21.59 15.87
CA ALA C 20 17.37 -22.77 15.14
C ALA C 20 15.89 -23.05 15.39
N ALA C 21 15.43 -22.83 16.64
CA ALA C 21 14.03 -23.03 17.01
C ALA C 21 13.14 -21.98 16.34
N ARG C 22 13.61 -20.73 16.30
CA ARG C 22 12.87 -19.63 15.67
C ARG C 22 12.72 -19.88 14.17
N ILE C 23 13.75 -20.46 13.53
CA ILE C 23 13.72 -20.78 12.09
C ILE C 23 12.61 -21.80 11.81
N ALA C 24 12.57 -22.91 12.57
CA ALA C 24 11.55 -23.95 12.40
C ALA C 24 10.13 -23.43 12.67
N ALA C 25 10.01 -22.48 13.61
CA ALA C 25 8.71 -21.89 13.95
C ALA C 25 8.17 -21.07 12.77
N ALA C 26 9.03 -20.27 12.11
CA ALA C 26 8.63 -19.46 10.97
C ALA C 26 8.43 -20.30 9.71
N ILE C 27 9.18 -21.39 9.55
CA ILE C 27 9.01 -22.30 8.41
C ILE C 27 7.64 -22.95 8.48
N ASP C 28 7.31 -23.49 9.66
CA ASP C 28 6.02 -24.12 9.89
C ASP C 28 4.86 -23.15 9.71
N ALA C 29 5.06 -21.87 10.04
CA ALA C 29 4.04 -20.84 9.86
C ALA C 29 3.75 -20.64 8.37
N VAL C 30 4.81 -20.66 7.53
CA VAL C 30 4.66 -20.52 6.09
C VAL C 30 3.92 -21.75 5.54
N ILE C 31 4.36 -22.96 5.93
CA ILE C 31 3.71 -24.22 5.51
C ILE C 31 2.22 -24.23 5.87
N LYS C 32 1.89 -23.91 7.14
CA LYS C 32 0.52 -23.87 7.63
C LYS C 32 -0.30 -22.79 6.93
N GLY C 33 0.31 -21.63 6.71
CA GLY C 33 -0.32 -20.52 6.00
C GLY C 33 -0.83 -20.91 4.64
N ILE C 34 0.07 -21.36 3.75
CA ILE C 34 -0.28 -21.82 2.40
C ILE C 34 -1.31 -22.96 2.43
N GLU C 35 -1.18 -23.89 3.38
CA GLU C 35 -2.12 -25.00 3.51
C GLU C 35 -3.54 -24.52 3.84
N THR C 36 -3.65 -23.51 4.72
CA THR C 36 -4.94 -22.95 5.13
C THR C 36 -5.49 -21.91 4.14
N LYS C 37 -4.62 -21.12 3.53
CA LYS C 37 -5.02 -20.09 2.57
C LYS C 37 -5.53 -20.70 1.27
N PHE C 38 -4.76 -21.60 0.68
CA PHE C 38 -5.12 -22.23 -0.59
C PHE C 38 -6.00 -23.49 -0.44
N GLY C 39 -6.24 -23.95 0.79
CA GLY C 39 -7.05 -25.13 1.07
C GLY C 39 -6.43 -26.38 0.50
N VAL C 40 -5.10 -26.48 0.56
CA VAL C 40 -4.35 -27.60 0.00
C VAL C 40 -3.47 -28.30 1.04
N SER C 41 -2.89 -29.46 0.70
CA SER C 41 -1.98 -30.17 1.60
C SER C 41 -0.63 -30.35 0.92
N THR C 42 0.45 -30.04 1.63
CA THR C 42 1.79 -30.20 1.09
C THR C 42 2.36 -31.63 1.24
N ASN C 43 1.56 -32.58 1.76
CA ASN C 43 1.97 -33.98 1.95
C ASN C 43 2.11 -34.67 0.60
N GLY C 44 3.27 -35.27 0.35
CA GLY C 44 3.54 -35.93 -0.93
C GLY C 44 3.98 -34.99 -2.05
N VAL C 45 3.87 -33.67 -1.82
CA VAL C 45 4.24 -32.65 -2.80
C VAL C 45 5.76 -32.42 -2.71
N LEU C 46 6.54 -33.15 -3.51
CA LEU C 46 7.99 -33.04 -3.46
C LEU C 46 8.50 -31.66 -3.79
N GLY C 47 8.02 -31.08 -4.89
CA GLY C 47 8.44 -29.74 -5.32
C GLY C 47 8.34 -28.68 -4.25
N LEU C 48 7.22 -28.66 -3.53
CA LEU C 48 7.04 -27.73 -2.43
C LEU C 48 7.94 -28.11 -1.26
N LYS C 49 7.87 -29.37 -0.81
CA LYS C 49 8.66 -29.87 0.31
C LYS C 49 10.15 -29.56 0.20
N SER C 50 10.72 -29.74 -0.99
CA SER C 50 12.12 -29.44 -1.25
C SER C 50 12.42 -27.96 -1.00
N LEU C 51 11.59 -27.05 -1.55
CA LEU C 51 11.74 -25.62 -1.33
C LEU C 51 11.45 -25.18 0.12
N PHE C 52 10.92 -26.09 0.97
CA PHE C 52 10.69 -25.77 2.38
C PHE C 52 12.03 -25.96 3.09
N THR C 53 12.95 -25.04 2.80
CA THR C 53 14.32 -24.97 3.30
C THR C 53 14.55 -23.51 3.73
N ALA C 54 15.26 -23.25 4.84
CA ALA C 54 15.48 -21.87 5.32
C ALA C 54 15.86 -20.85 4.23
N ASN C 55 16.71 -21.25 3.29
CA ASN C 55 17.12 -20.39 2.19
C ASN C 55 16.02 -20.27 1.10
N ASN C 56 15.45 -21.41 0.69
CA ASN C 56 14.46 -21.46 -0.39
C ASN C 56 13.05 -21.00 -0.02
N TYR C 57 12.54 -21.39 1.16
CA TYR C 57 11.21 -20.98 1.63
C TYR C 57 11.09 -19.44 1.80
N ASN C 58 12.22 -18.71 1.76
CA ASN C 58 12.28 -17.27 1.91
C ASN C 58 11.88 -16.50 0.63
N ASN C 59 11.90 -17.16 -0.54
CA ASN C 59 11.54 -16.48 -1.78
C ASN C 59 10.17 -16.88 -2.34
N ALA C 60 9.20 -15.94 -2.26
CA ALA C 60 7.84 -16.13 -2.75
C ALA C 60 7.81 -16.55 -4.22
N THR C 61 8.64 -15.95 -5.10
CA THR C 61 8.73 -16.31 -6.52
C THR C 61 8.86 -17.84 -6.72
N LYS C 62 9.73 -18.48 -5.94
CA LYS C 62 9.93 -19.93 -6.02
C LYS C 62 8.68 -20.68 -5.56
N ILE C 63 8.10 -20.25 -4.43
CA ILE C 63 6.91 -20.87 -3.85
C ILE C 63 5.73 -20.79 -4.80
N ALA C 64 5.47 -19.59 -5.34
CA ALA C 64 4.39 -19.35 -6.29
C ALA C 64 4.56 -20.22 -7.53
N GLY C 65 5.79 -20.30 -8.05
CA GLY C 65 6.09 -21.13 -9.22
C GLY C 65 5.83 -22.60 -8.97
N ALA C 66 6.18 -23.07 -7.77
CA ALA C 66 5.97 -24.46 -7.40
C ALA C 66 4.50 -24.82 -7.24
N ILE C 67 3.70 -23.98 -6.54
CA ILE C 67 2.26 -24.21 -6.37
C ILE C 67 1.56 -24.37 -7.72
N ILE C 68 1.92 -23.52 -8.70
CA ILE C 68 1.36 -23.62 -10.04
C ILE C 68 1.80 -24.92 -10.69
N GLU C 69 3.08 -25.25 -10.58
CA GLU C 69 3.62 -26.47 -11.16
C GLU C 69 2.92 -27.74 -10.68
N GLU C 70 2.77 -27.89 -9.36
CA GLU C 70 2.15 -29.10 -8.82
C GLU C 70 0.64 -29.08 -8.86
N TYR C 71 0.03 -28.01 -8.33
CA TYR C 71 -1.42 -27.94 -8.22
C TYR C 71 -2.14 -27.49 -9.49
N LYS C 72 -1.41 -27.00 -10.51
CA LYS C 72 -1.98 -26.53 -11.79
C LYS C 72 -3.27 -25.72 -11.64
N PRO C 73 -3.18 -24.52 -11.06
CA PRO C 73 -4.41 -23.74 -10.80
C PRO C 73 -5.20 -23.33 -12.04
N SER C 74 -4.51 -22.94 -13.11
CA SER C 74 -5.18 -22.52 -14.34
C SER C 74 -6.02 -23.64 -14.96
N SER C 75 -5.66 -24.90 -14.70
CA SER C 75 -6.41 -26.03 -15.24
C SER C 75 -7.77 -26.22 -14.58
N CYS C 76 -8.01 -25.57 -13.42
CA CYS C 76 -9.29 -25.67 -12.71
C CYS C 76 -10.46 -25.01 -13.44
N LEU C 77 -10.21 -24.33 -14.57
CA LEU C 77 -11.27 -23.73 -15.39
C LEU C 77 -12.24 -24.83 -15.82
N THR C 78 -11.71 -25.98 -16.25
CA THR C 78 -12.54 -27.15 -16.59
C THR C 78 -12.73 -28.04 -15.36
N ASP C 84 -4.77 -33.25 -9.42
CA ASP C 84 -4.87 -32.46 -8.20
C ASP C 84 -5.83 -31.29 -8.39
N ASN C 85 -7.10 -31.47 -8.05
CA ASN C 85 -8.09 -30.38 -8.12
C ASN C 85 -8.34 -29.74 -6.73
N SER C 86 -7.38 -29.90 -5.79
CA SER C 86 -7.46 -29.41 -4.43
C SER C 86 -7.37 -27.88 -4.37
N ILE C 87 -6.64 -27.25 -5.30
CA ILE C 87 -6.53 -25.78 -5.32
C ILE C 87 -7.79 -25.10 -5.93
N CYS C 88 -8.70 -25.90 -6.49
CA CYS C 88 -9.95 -25.44 -7.08
C CYS C 88 -10.77 -24.52 -6.17
N PRO C 89 -11.05 -24.85 -4.88
CA PRO C 89 -11.79 -23.91 -4.03
C PRO C 89 -11.12 -22.53 -3.91
N TRP C 90 -9.78 -22.49 -3.73
CA TRP C 90 -9.06 -21.23 -3.63
C TRP C 90 -9.14 -20.47 -4.95
N ALA C 91 -8.92 -21.14 -6.08
CA ALA C 91 -8.89 -20.47 -7.39
C ALA C 91 -10.25 -20.07 -7.92
N MET C 92 -11.24 -20.96 -7.88
CA MET C 92 -12.58 -20.65 -8.37
C MET C 92 -13.22 -19.52 -7.60
N GLU C 93 -12.90 -19.38 -6.31
CA GLU C 93 -13.47 -18.31 -5.50
C GLU C 93 -12.58 -17.06 -5.46
N ASN C 94 -11.26 -17.23 -5.49
CA ASN C 94 -10.35 -16.08 -5.42
C ASN C 94 -10.06 -15.42 -6.77
N PHE C 95 -9.95 -16.18 -7.86
CA PHE C 95 -9.67 -15.59 -9.17
C PHE C 95 -10.84 -15.68 -10.14
N PHE C 96 -11.33 -16.90 -10.41
CA PHE C 96 -12.37 -17.11 -11.40
C PHE C 96 -13.68 -16.38 -11.11
N ALA C 97 -14.40 -16.77 -10.05
CA ALA C 97 -15.68 -16.18 -9.73
C ALA C 97 -15.62 -15.14 -8.63
N ALA C 98 -14.47 -14.47 -8.44
CA ALA C 98 -14.38 -13.39 -7.44
C ALA C 98 -15.23 -12.19 -7.92
N ARG C 99 -15.88 -11.44 -7.01
CA ARG C 99 -16.68 -10.28 -7.45
C ARG C 99 -15.74 -9.22 -8.06
N LYS C 100 -14.66 -8.87 -7.35
CA LYS C 100 -13.62 -7.93 -7.75
C LYS C 100 -12.33 -8.31 -7.02
N ILE C 101 -11.30 -8.74 -7.77
CA ILE C 101 -10.02 -9.12 -7.17
C ILE C 101 -9.41 -7.96 -6.37
N PRO C 102 -8.94 -8.22 -5.13
CA PRO C 102 -8.37 -7.12 -4.33
C PRO C 102 -6.87 -6.87 -4.57
N GLY C 103 -6.46 -5.62 -4.50
CA GLY C 103 -5.07 -5.24 -4.71
C GLY C 103 -4.74 -4.80 -6.12
N PHE C 104 -5.63 -5.07 -7.08
CA PHE C 104 -5.42 -4.71 -8.47
C PHE C 104 -6.52 -3.79 -8.92
N ILE C 105 -6.17 -2.83 -9.76
CA ILE C 105 -7.12 -1.86 -10.28
C ILE C 105 -8.07 -2.53 -11.26
N GLN C 106 -9.37 -2.27 -11.12
CA GLN C 106 -10.40 -2.78 -12.04
C GLN C 106 -10.20 -2.10 -13.41
N ARG C 107 -10.80 -2.67 -14.48
CA ARG C 107 -10.59 -2.17 -15.84
C ARG C 107 -9.11 -2.43 -16.24
N GLU C 108 -8.55 -3.56 -15.80
CA GLU C 108 -7.19 -3.99 -16.09
C GLU C 108 -7.16 -5.52 -16.05
N ALA C 109 -6.27 -6.14 -16.84
CA ALA C 109 -6.18 -7.60 -16.85
C ALA C 109 -5.38 -8.07 -15.66
N VAL C 110 -5.90 -9.08 -14.96
CA VAL C 110 -5.20 -9.64 -13.80
C VAL C 110 -4.74 -11.05 -14.11
N SER C 111 -3.47 -11.37 -13.82
CA SER C 111 -2.93 -12.68 -14.12
C SER C 111 -3.13 -13.60 -12.94
N MET C 112 -3.62 -14.83 -13.17
CA MET C 112 -3.79 -15.85 -12.11
C MET C 112 -2.48 -16.02 -11.33
N ASN C 113 -1.38 -16.07 -12.09
CA ASN C 113 -0.02 -16.19 -11.56
C ASN C 113 0.33 -15.01 -10.66
N ASP C 114 0.08 -13.76 -11.10
CA ASP C 114 0.33 -12.56 -10.30
C ASP C 114 -0.47 -12.61 -9.01
N VAL C 115 -1.76 -12.95 -9.08
CA VAL C 115 -2.60 -13.05 -7.90
C VAL C 115 -2.04 -14.03 -6.88
N ILE C 116 -1.63 -15.21 -7.36
CA ILE C 116 -1.03 -16.23 -6.49
C ILE C 116 0.24 -15.72 -5.88
N GLU C 117 1.13 -15.11 -6.69
CA GLU C 117 2.39 -14.56 -6.21
C GLU C 117 2.16 -13.54 -5.11
N LYS C 118 1.20 -12.64 -5.28
CA LYS C 118 0.91 -11.62 -4.27
C LYS C 118 0.29 -12.25 -3.03
N THR C 119 -0.52 -13.30 -3.20
CA THR C 119 -1.11 -14.05 -2.08
C THR C 119 0.02 -14.69 -1.26
N VAL C 120 1.02 -15.26 -1.95
CA VAL C 120 2.19 -15.88 -1.34
C VAL C 120 3.02 -14.83 -0.59
N LYS C 121 3.25 -13.66 -1.21
CA LYS C 121 3.97 -12.53 -0.60
C LYS C 121 3.32 -12.11 0.72
N THR C 122 1.98 -12.14 0.78
CA THR C 122 1.24 -11.80 1.98
C THR C 122 1.47 -12.86 3.07
N ILE C 123 1.44 -14.16 2.69
CA ILE C 123 1.69 -15.26 3.62
C ILE C 123 3.07 -15.15 4.25
N VAL C 124 4.10 -14.89 3.43
CA VAL C 124 5.48 -14.72 3.87
C VAL C 124 5.61 -13.50 4.81
N SER C 125 4.97 -12.39 4.47
CA SER C 125 5.01 -11.18 5.30
C SER C 125 4.26 -11.34 6.64
N ASP C 126 3.25 -12.23 6.67
CA ASP C 126 2.47 -12.52 7.87
C ASP C 126 3.33 -13.34 8.85
N LYS D 2 -21.02 -19.42 -26.41
CA LYS D 2 -19.65 -19.45 -26.92
C LYS D 2 -19.19 -18.04 -27.35
N PRO D 3 -18.24 -17.41 -26.61
CA PRO D 3 -17.74 -16.08 -27.03
C PRO D 3 -16.90 -16.16 -28.31
N SER D 4 -16.49 -15.00 -28.83
CA SER D 4 -15.67 -14.91 -30.03
C SER D 4 -14.32 -14.28 -29.68
N LEU D 5 -13.22 -14.98 -29.94
CA LEU D 5 -11.90 -14.45 -29.64
C LEU D 5 -11.18 -14.15 -30.95
N LEU D 6 -10.78 -12.89 -31.15
CA LEU D 6 -10.07 -12.51 -32.37
C LEU D 6 -8.88 -11.60 -32.02
N ALA D 7 -7.85 -11.58 -32.88
CA ALA D 7 -6.65 -10.78 -32.61
C ALA D 7 -6.50 -9.59 -33.53
N HIS D 8 -5.88 -8.53 -33.03
CA HIS D 8 -5.66 -7.29 -33.79
C HIS D 8 -4.24 -6.80 -33.56
N PRO D 9 -3.45 -6.61 -34.63
CA PRO D 9 -3.83 -6.76 -36.05
C PRO D 9 -3.86 -8.20 -36.59
N GLY D 10 -3.19 -9.11 -35.90
CA GLY D 10 -3.15 -10.50 -36.31
C GLY D 10 -2.47 -11.39 -35.29
N PRO D 11 -2.69 -12.71 -35.40
CA PRO D 11 -2.02 -13.64 -34.46
C PRO D 11 -0.52 -13.80 -34.70
N LEU D 12 -0.02 -13.40 -35.87
CA LEU D 12 1.41 -13.51 -36.15
C LEU D 12 2.07 -12.23 -35.70
N VAL D 13 2.58 -12.26 -34.47
CA VAL D 13 3.16 -11.11 -33.82
C VAL D 13 4.67 -11.15 -33.85
N LYS D 14 5.32 -10.05 -34.22
CA LYS D 14 6.78 -9.97 -34.18
C LYS D 14 7.21 -9.77 -32.74
N SER D 15 8.46 -10.13 -32.41
CA SER D 15 8.96 -9.97 -31.05
C SER D 15 8.94 -8.51 -30.60
N GLU D 16 8.59 -8.27 -29.33
CA GLU D 16 8.50 -6.94 -28.72
C GLU D 16 7.33 -6.09 -29.26
N GLU D 17 6.62 -6.55 -30.31
CA GLU D 17 5.49 -5.81 -30.85
C GLU D 17 4.23 -5.96 -30.00
N THR D 18 3.23 -5.08 -30.21
CA THR D 18 2.00 -5.14 -29.43
C THR D 18 0.83 -5.80 -30.18
N VAL D 19 0.00 -6.56 -29.45
CA VAL D 19 -1.15 -7.26 -30.03
C VAL D 19 -2.34 -7.23 -29.05
N ILE D 20 -3.56 -7.11 -29.58
CA ILE D 20 -4.75 -7.07 -28.74
C ILE D 20 -5.67 -8.24 -29.05
N LEU D 21 -5.98 -9.04 -28.04
CA LEU D 21 -6.91 -10.16 -28.17
C LEU D 21 -8.26 -9.70 -27.67
N GLN D 22 -9.20 -9.46 -28.58
CA GLN D 22 -10.53 -9.01 -28.21
C GLN D 22 -11.48 -10.18 -28.05
N CYS D 23 -12.22 -10.18 -26.94
CA CYS D 23 -13.21 -11.19 -26.62
C CYS D 23 -14.58 -10.55 -26.68
N TRP D 24 -15.50 -11.13 -27.47
CA TRP D 24 -16.82 -10.53 -27.64
C TRP D 24 -17.94 -11.55 -27.46
N SER D 25 -19.14 -11.08 -27.08
CA SER D 25 -20.29 -11.98 -26.97
C SER D 25 -21.59 -11.22 -26.92
N ASP D 26 -22.63 -11.78 -27.54
CA ASP D 26 -23.99 -11.22 -27.51
C ASP D 26 -24.77 -11.63 -26.23
N VAL D 27 -24.09 -12.31 -25.30
CA VAL D 27 -24.61 -12.72 -24.01
C VAL D 27 -24.03 -11.81 -22.95
N MET D 28 -24.84 -11.49 -21.95
CA MET D 28 -24.38 -10.67 -20.85
C MET D 28 -23.40 -11.47 -20.01
N PHE D 29 -22.12 -11.13 -20.12
CA PHE D 29 -21.11 -11.75 -19.27
C PHE D 29 -20.64 -10.74 -18.24
N GLU D 30 -20.55 -11.13 -16.97
CA GLU D 30 -20.09 -10.24 -15.91
C GLU D 30 -18.59 -9.93 -16.00
N HIS D 31 -17.81 -10.85 -16.59
CA HIS D 31 -16.37 -10.71 -16.81
C HIS D 31 -15.87 -11.76 -17.82
N PHE D 32 -14.63 -11.62 -18.30
CA PHE D 32 -14.07 -12.56 -19.28
C PHE D 32 -12.81 -13.22 -18.75
N LEU D 33 -12.60 -14.48 -19.07
CA LEU D 33 -11.42 -15.21 -18.65
C LEU D 33 -10.69 -15.72 -19.87
N LEU D 34 -9.47 -15.25 -20.09
CA LEU D 34 -8.66 -15.66 -21.22
C LEU D 34 -7.57 -16.63 -20.77
N HIS D 35 -7.59 -17.87 -21.25
CA HIS D 35 -6.60 -18.88 -20.85
C HIS D 35 -5.56 -19.09 -21.94
N ARG D 36 -4.30 -19.20 -21.55
CA ARG D 36 -3.23 -19.49 -22.47
C ARG D 36 -2.76 -20.91 -22.25
N GLU D 37 -2.50 -21.64 -23.34
CA GLU D 37 -1.93 -22.97 -23.25
C GLU D 37 -0.66 -22.95 -24.08
N GLY D 38 0.48 -23.03 -23.42
CA GLY D 38 1.80 -23.01 -24.05
C GLY D 38 2.88 -23.45 -23.07
N MET D 39 4.07 -22.83 -23.11
CA MET D 39 5.13 -23.18 -22.16
C MET D 39 4.75 -22.73 -20.76
N PHE D 40 4.14 -21.55 -20.66
CA PHE D 40 3.64 -21.06 -19.35
C PHE D 40 2.12 -20.90 -19.46
N ASN D 41 1.36 -21.77 -18.79
CA ASN D 41 -0.12 -21.78 -18.95
C ASN D 41 -0.77 -20.91 -17.86
N ASP D 42 -1.35 -19.77 -18.25
CA ASP D 42 -1.96 -18.81 -17.28
C ASP D 42 -3.40 -18.48 -17.65
N THR D 43 -4.11 -17.72 -16.81
CA THR D 43 -5.48 -17.28 -17.07
C THR D 43 -5.56 -15.81 -16.69
N LEU D 44 -6.18 -15.00 -17.53
CA LEU D 44 -6.32 -13.56 -17.32
C LEU D 44 -7.78 -13.20 -17.12
N ARG D 45 -8.04 -12.21 -16.26
CA ARG D 45 -9.41 -11.76 -16.02
C ARG D 45 -9.53 -10.29 -16.35
N LEU D 46 -10.56 -9.93 -17.11
CA LEU D 46 -10.79 -8.54 -17.48
C LEU D 46 -12.28 -8.26 -17.45
N ILE D 47 -12.67 -7.20 -16.74
CA ILE D 47 -14.05 -6.79 -16.70
C ILE D 47 -14.23 -5.97 -17.96
N GLY D 48 -15.09 -6.44 -18.85
CA GLY D 48 -15.31 -5.74 -20.11
C GLY D 48 -16.26 -4.58 -20.00
N GLU D 49 -16.99 -4.32 -21.09
CA GLU D 49 -17.97 -3.25 -21.18
C GLU D 49 -19.19 -3.78 -21.90
N HIS D 50 -20.34 -3.80 -21.22
CA HIS D 50 -21.57 -4.26 -21.83
C HIS D 50 -22.37 -3.04 -22.31
N HIS D 51 -22.79 -3.08 -23.57
CA HIS D 51 -23.57 -2.02 -24.19
C HIS D 51 -24.29 -2.58 -25.40
N ASP D 52 -25.55 -2.19 -25.59
CA ASP D 52 -26.40 -2.65 -26.69
C ASP D 52 -26.42 -4.17 -26.84
N GLY D 53 -26.44 -4.85 -25.70
CA GLY D 53 -26.48 -6.30 -25.64
C GLY D 53 -25.23 -7.02 -26.12
N VAL D 54 -24.07 -6.33 -26.14
CA VAL D 54 -22.80 -6.93 -26.57
C VAL D 54 -21.70 -6.64 -25.56
N SER D 55 -21.32 -7.64 -24.78
CA SER D 55 -20.27 -7.52 -23.77
C SER D 55 -18.93 -7.81 -24.46
N LYS D 56 -17.95 -6.90 -24.35
CA LYS D 56 -16.65 -7.09 -24.99
C LYS D 56 -15.48 -6.70 -24.08
N ALA D 57 -14.30 -7.29 -24.31
CA ALA D 57 -13.12 -6.98 -23.51
C ALA D 57 -11.88 -7.11 -24.38
N ASN D 58 -11.00 -6.10 -24.33
CA ASN D 58 -9.80 -6.09 -25.15
C ASN D 58 -8.54 -6.30 -24.31
N PHE D 59 -8.04 -7.54 -24.28
CA PHE D 59 -6.82 -7.89 -23.54
C PHE D 59 -5.62 -7.46 -24.39
N SER D 60 -4.67 -6.76 -23.80
CA SER D 60 -3.55 -6.22 -24.55
C SER D 60 -2.18 -6.72 -24.13
N ILE D 61 -1.41 -7.22 -25.10
CA ILE D 61 -0.03 -7.62 -24.87
C ILE D 61 0.82 -6.49 -25.41
N SER D 62 1.38 -5.67 -24.51
CA SER D 62 2.16 -4.50 -24.89
C SER D 62 3.46 -4.87 -25.59
N ARG D 63 4.19 -5.83 -25.02
CA ARG D 63 5.46 -6.28 -25.57
C ARG D 63 5.41 -7.79 -25.71
N MET D 64 5.38 -8.30 -26.96
CA MET D 64 5.31 -9.73 -27.21
C MET D 64 6.59 -10.46 -26.80
N THR D 65 6.45 -11.42 -25.91
CA THR D 65 7.57 -12.24 -25.45
C THR D 65 7.25 -13.73 -25.63
N GLN D 66 8.28 -14.58 -25.72
CA GLN D 66 8.09 -16.02 -25.93
C GLN D 66 7.12 -16.69 -24.97
N ASP D 67 7.16 -16.32 -23.68
CA ASP D 67 6.26 -16.91 -22.70
C ASP D 67 4.78 -16.59 -22.95
N LEU D 68 4.50 -15.49 -23.66
CA LEU D 68 3.13 -15.09 -23.96
C LEU D 68 2.52 -15.77 -25.19
N ALA D 69 3.29 -16.56 -25.93
CA ALA D 69 2.75 -17.26 -27.11
C ALA D 69 2.05 -18.56 -26.68
N GLY D 70 1.11 -19.00 -27.51
CA GLY D 70 0.36 -20.22 -27.23
C GLY D 70 -1.07 -20.16 -27.71
N THR D 71 -1.86 -21.21 -27.42
CA THR D 71 -3.25 -21.25 -27.84
C THR D 71 -4.13 -20.62 -26.77
N TYR D 72 -4.86 -19.57 -27.12
CA TYR D 72 -5.75 -18.83 -26.23
C TYR D 72 -7.20 -19.22 -26.41
N ARG D 73 -7.96 -19.23 -25.30
CA ARG D 73 -9.39 -19.54 -25.32
C ARG D 73 -10.14 -18.59 -24.40
N CYS D 74 -11.29 -18.10 -24.85
CA CYS D 74 -12.08 -17.15 -24.05
C CYS D 74 -13.30 -17.76 -23.41
N TYR D 75 -13.47 -17.54 -22.11
CA TYR D 75 -14.62 -18.02 -21.37
C TYR D 75 -15.34 -16.80 -20.77
N GLY D 76 -16.67 -16.86 -20.72
CA GLY D 76 -17.44 -15.78 -20.14
C GLY D 76 -18.04 -16.19 -18.83
N SER D 77 -18.06 -15.32 -17.81
CA SER D 77 -18.66 -15.70 -16.53
C SER D 77 -20.06 -15.15 -16.43
N VAL D 78 -21.09 -16.01 -16.62
CA VAL D 78 -22.50 -15.62 -16.58
C VAL D 78 -22.82 -14.98 -15.24
N THR D 79 -22.40 -15.64 -14.14
CA THR D 79 -22.55 -15.16 -12.76
C THR D 79 -21.61 -15.91 -11.84
N HIS D 80 -21.14 -15.24 -10.80
CA HIS D 80 -20.26 -15.85 -9.81
C HIS D 80 -21.07 -16.85 -8.96
N SER D 81 -22.33 -16.49 -8.61
CA SER D 81 -23.26 -17.30 -7.81
C SER D 81 -23.47 -18.75 -8.30
N PRO D 82 -23.89 -19.03 -9.57
CA PRO D 82 -24.06 -20.43 -9.98
C PRO D 82 -22.78 -21.07 -10.51
N TYR D 83 -21.58 -20.51 -10.15
CA TYR D 83 -20.25 -20.92 -10.60
C TYR D 83 -20.23 -21.27 -12.10
N GLN D 84 -21.01 -20.51 -12.88
CA GLN D 84 -21.21 -20.80 -14.29
C GLN D 84 -20.30 -20.09 -15.26
N VAL D 85 -19.29 -20.81 -15.77
CA VAL D 85 -18.48 -20.27 -16.86
C VAL D 85 -19.02 -20.85 -18.19
N SER D 86 -18.95 -20.07 -19.24
CA SER D 86 -19.47 -20.45 -20.55
C SER D 86 -18.58 -21.47 -21.27
N ALA D 87 -19.05 -21.95 -22.44
CA ALA D 87 -18.26 -22.84 -23.27
C ALA D 87 -17.10 -22.00 -23.85
N PRO D 88 -15.90 -22.59 -24.01
CA PRO D 88 -14.78 -21.80 -24.53
C PRO D 88 -14.99 -21.34 -25.97
N SER D 89 -14.41 -20.20 -26.33
CA SER D 89 -14.46 -19.71 -27.70
C SER D 89 -13.50 -20.58 -28.53
N ASP D 90 -13.58 -20.52 -29.87
CA ASP D 90 -12.68 -21.30 -30.73
C ASP D 90 -11.22 -20.91 -30.45
N PRO D 91 -10.36 -21.90 -30.24
CA PRO D 91 -8.95 -21.59 -29.91
C PRO D 91 -8.25 -20.69 -30.93
N LEU D 92 -7.48 -19.73 -30.44
CA LEU D 92 -6.75 -18.80 -31.26
C LEU D 92 -5.29 -18.94 -30.90
N ASP D 93 -4.43 -19.31 -31.85
CA ASP D 93 -3.01 -19.52 -31.55
C ASP D 93 -2.17 -18.28 -31.81
N ILE D 94 -1.61 -17.69 -30.75
CA ILE D 94 -0.75 -16.51 -30.86
C ILE D 94 0.67 -16.98 -31.10
N VAL D 95 1.28 -16.52 -32.20
CA VAL D 95 2.62 -16.95 -32.58
C VAL D 95 3.61 -15.79 -32.65
N ILE D 96 4.84 -16.03 -32.21
CA ILE D 96 5.91 -15.04 -32.29
C ILE D 96 6.77 -15.33 -33.54
N ILE D 97 6.93 -14.34 -34.42
CA ILE D 97 7.67 -14.53 -35.66
C ILE D 97 8.98 -13.71 -35.69
N GLY D 98 9.86 -14.05 -36.63
CA GLY D 98 11.13 -13.37 -36.84
C GLY D 98 12.32 -13.99 -36.14
N LEU D 99 12.15 -15.24 -35.66
CA LEU D 99 13.18 -15.90 -34.85
C LEU D 99 14.22 -16.73 -35.62
N TYR D 100 13.85 -17.27 -36.78
CA TYR D 100 14.76 -18.12 -37.55
C TYR D 100 14.97 -17.58 -38.98
N GLU D 101 15.87 -18.20 -39.76
CA GLU D 101 16.14 -17.72 -41.12
C GLU D 101 14.88 -17.73 -42.05
N LYS D 102 14.74 -16.66 -42.83
CA LYS D 102 13.65 -16.43 -43.75
C LYS D 102 13.61 -17.50 -44.84
N PRO D 103 12.46 -18.17 -45.02
CA PRO D 103 12.37 -19.16 -46.10
C PRO D 103 12.13 -18.52 -47.49
N SER D 104 12.13 -19.32 -48.56
CA SER D 104 11.88 -18.78 -49.91
C SER D 104 10.57 -19.31 -50.44
N LEU D 105 9.66 -18.42 -50.83
CA LEU D 105 8.37 -18.83 -51.38
C LEU D 105 8.35 -18.60 -52.88
N SER D 106 7.98 -19.63 -53.64
CA SER D 106 7.89 -19.56 -55.10
C SER D 106 6.55 -20.12 -55.58
N ALA D 107 6.09 -19.74 -56.77
CA ALA D 107 4.82 -20.25 -57.29
C ALA D 107 5.00 -21.15 -58.50
N GLN D 108 4.18 -22.18 -58.61
CA GLN D 108 4.22 -23.09 -59.75
C GLN D 108 2.84 -23.17 -60.35
N PRO D 109 2.67 -22.97 -61.67
CA PRO D 109 3.71 -22.78 -62.69
C PRO D 109 4.39 -21.41 -62.68
N GLY D 110 3.70 -20.43 -62.16
CA GLY D 110 4.22 -19.07 -62.07
C GLY D 110 3.35 -18.20 -61.18
N PRO D 111 3.79 -16.97 -60.93
CA PRO D 111 2.99 -16.08 -60.07
C PRO D 111 1.79 -15.43 -60.77
N THR D 112 1.61 -15.66 -62.08
CA THR D 112 0.49 -15.12 -62.84
C THR D 112 -0.12 -16.27 -63.64
N VAL D 113 -1.37 -16.63 -63.31
CA VAL D 113 -2.04 -17.75 -63.95
C VAL D 113 -3.48 -17.38 -64.37
N LEU D 114 -4.04 -18.12 -65.32
CA LEU D 114 -5.42 -17.92 -65.75
C LEU D 114 -6.35 -18.57 -64.72
N ALA D 115 -7.54 -18.01 -64.49
CA ALA D 115 -8.52 -18.57 -63.54
C ALA D 115 -8.83 -20.03 -63.85
N GLY D 116 -8.80 -20.88 -62.84
CA GLY D 116 -9.02 -22.31 -63.03
C GLY D 116 -7.73 -23.10 -63.18
N GLU D 117 -6.63 -22.42 -63.52
CA GLU D 117 -5.32 -23.06 -63.62
C GLU D 117 -4.87 -23.39 -62.22
N ASN D 118 -4.30 -24.58 -62.02
CA ASN D 118 -3.89 -24.99 -60.69
C ASN D 118 -2.51 -24.45 -60.28
N VAL D 119 -2.41 -23.96 -59.05
CA VAL D 119 -1.19 -23.36 -58.54
C VAL D 119 -0.68 -24.08 -57.28
N THR D 120 0.64 -24.26 -57.16
CA THR D 120 1.25 -24.86 -55.98
C THR D 120 2.37 -23.93 -55.55
N LEU D 121 2.24 -23.33 -54.34
CA LEU D 121 3.30 -22.48 -53.84
C LEU D 121 4.26 -23.35 -53.04
N SER D 122 5.56 -23.24 -53.33
CA SER D 122 6.59 -24.02 -52.70
C SER D 122 7.40 -23.19 -51.71
N CYS D 123 7.44 -23.62 -50.45
CA CYS D 123 8.17 -22.96 -49.40
C CYS D 123 9.44 -23.78 -49.16
N SER D 124 10.62 -23.19 -49.37
CA SER D 124 11.87 -23.92 -49.23
C SER D 124 12.89 -23.25 -48.29
N SER D 125 13.91 -24.01 -47.81
CA SER D 125 14.92 -23.51 -46.89
C SER D 125 16.21 -24.37 -46.85
N ARG D 126 17.31 -23.85 -46.26
CA ARG D 126 18.53 -24.63 -46.07
C ARG D 126 18.46 -25.29 -44.68
N SER D 127 17.96 -24.55 -43.67
CA SER D 127 17.73 -25.05 -42.33
C SER D 127 16.60 -26.13 -42.42
N SER D 128 16.54 -27.08 -41.48
CA SER D 128 15.56 -28.15 -41.51
C SER D 128 14.36 -27.93 -40.61
N TYR D 129 13.39 -27.11 -41.07
CA TYR D 129 12.18 -26.91 -40.28
C TYR D 129 11.36 -28.20 -40.23
N ASP D 130 10.67 -28.43 -39.14
CA ASP D 130 9.78 -29.59 -39.01
C ASP D 130 8.43 -29.31 -39.67
N MET D 131 8.00 -28.03 -39.73
CA MET D 131 6.74 -27.62 -40.34
C MET D 131 6.90 -26.34 -41.14
N TYR D 132 6.09 -26.17 -42.18
CA TYR D 132 6.06 -24.94 -42.96
C TYR D 132 4.63 -24.41 -42.90
N HIS D 133 4.47 -23.08 -42.79
CA HIS D 133 3.14 -22.49 -42.67
C HIS D 133 2.91 -21.46 -43.76
N LEU D 134 1.85 -21.62 -44.56
CA LEU D 134 1.55 -20.72 -45.66
C LEU D 134 0.41 -19.80 -45.28
N SER D 135 0.66 -18.50 -45.27
CA SER D 135 -0.32 -17.52 -44.88
C SER D 135 -0.74 -16.66 -46.04
N ARG D 136 -2.05 -16.51 -46.23
CA ARG D 136 -2.58 -15.64 -47.27
C ARG D 136 -3.09 -14.39 -46.60
N GLU D 137 -2.76 -13.21 -47.13
CA GLU D 137 -3.24 -11.93 -46.60
C GLU D 137 -4.75 -11.87 -46.68
N GLY D 138 -5.40 -11.76 -45.53
CA GLY D 138 -6.86 -11.73 -45.50
C GLY D 138 -7.53 -13.05 -45.17
N GLU D 139 -6.74 -14.12 -45.00
CA GLU D 139 -7.30 -15.40 -44.60
C GLU D 139 -6.98 -15.59 -43.13
N ALA D 140 -8.01 -15.80 -42.33
CA ALA D 140 -7.84 -15.96 -40.89
C ALA D 140 -7.02 -17.22 -40.52
N HIS D 141 -6.97 -18.22 -41.41
CA HIS D 141 -6.23 -19.44 -41.12
C HIS D 141 -5.07 -19.69 -42.05
N GLU D 142 -4.06 -20.35 -41.51
CA GLU D 142 -2.85 -20.66 -42.27
C GLU D 142 -2.87 -22.14 -42.67
N ARG D 143 -2.00 -22.52 -43.61
CA ARG D 143 -1.91 -23.91 -44.05
C ARG D 143 -0.61 -24.48 -43.50
N ARG D 144 -0.66 -25.62 -42.79
CA ARG D 144 0.56 -26.23 -42.27
C ARG D 144 0.86 -27.49 -43.04
N LEU D 145 2.15 -27.79 -43.20
CA LEU D 145 2.58 -28.95 -43.96
C LEU D 145 4.00 -29.29 -43.61
N PRO D 146 4.33 -30.57 -43.42
CA PRO D 146 5.71 -30.93 -43.10
C PRO D 146 6.70 -30.81 -44.26
N ALA D 147 7.99 -30.87 -43.93
CA ALA D 147 9.10 -30.73 -44.85
C ALA D 147 9.49 -32.04 -45.55
N GLY D 148 10.21 -31.95 -46.67
CA GLY D 148 10.74 -33.09 -47.39
C GLY D 148 12.24 -32.92 -47.63
N PRO D 149 13.06 -33.96 -47.34
CA PRO D 149 14.51 -33.82 -47.57
C PRO D 149 14.84 -33.92 -49.06
N LYS D 150 14.81 -32.78 -49.76
CA LYS D 150 15.07 -32.75 -51.19
C LYS D 150 16.56 -32.87 -51.53
N VAL D 151 16.89 -32.89 -52.84
CA VAL D 151 18.27 -32.97 -53.33
C VAL D 151 19.03 -31.70 -52.93
N ASN D 152 20.33 -31.86 -52.58
CA ASN D 152 21.22 -30.80 -52.11
C ASN D 152 20.91 -30.37 -50.67
N GLY D 153 20.37 -31.27 -49.85
CA GLY D 153 20.03 -31.00 -48.46
C GLY D 153 19.16 -29.77 -48.27
N THR D 154 18.26 -29.51 -49.24
CA THR D 154 17.35 -28.37 -49.20
C THR D 154 15.98 -28.89 -48.79
N PHE D 155 15.34 -28.24 -47.83
CA PHE D 155 14.07 -28.72 -47.31
C PHE D 155 12.93 -27.94 -47.90
N GLN D 156 11.88 -28.63 -48.34
CA GLN D 156 10.79 -27.99 -49.07
C GLN D 156 9.43 -28.53 -48.71
N ALA D 157 8.39 -27.70 -48.82
CA ALA D 157 7.01 -28.12 -48.62
C ALA D 157 6.20 -27.50 -49.74
N ASP D 158 5.45 -28.32 -50.50
CA ASP D 158 4.69 -27.83 -51.64
C ASP D 158 3.22 -27.79 -51.32
N PHE D 159 2.64 -26.60 -51.32
CA PHE D 159 1.25 -26.37 -50.98
C PHE D 159 0.38 -26.25 -52.19
N PRO D 160 -0.38 -27.30 -52.53
CA PRO D 160 -1.30 -27.18 -53.66
C PRO D 160 -2.54 -26.37 -53.29
N LEU D 161 -2.80 -25.29 -54.05
CA LEU D 161 -3.95 -24.42 -53.79
C LEU D 161 -5.20 -24.74 -54.62
N GLY D 162 -5.10 -25.69 -55.55
CA GLY D 162 -6.21 -26.03 -56.41
C GLY D 162 -6.40 -25.04 -57.53
N PRO D 163 -7.53 -25.09 -58.23
CA PRO D 163 -7.75 -24.13 -59.33
C PRO D 163 -7.74 -22.68 -58.84
N ALA D 164 -7.10 -21.79 -59.60
CA ALA D 164 -6.99 -20.38 -59.22
C ALA D 164 -8.36 -19.73 -59.25
N THR D 165 -8.67 -18.95 -58.21
CA THR D 165 -9.97 -18.29 -58.12
C THR D 165 -9.79 -16.77 -58.10
N HIS D 166 -9.09 -16.26 -57.08
CA HIS D 166 -8.81 -14.84 -56.90
C HIS D 166 -7.32 -14.73 -56.54
N GLY D 167 -6.75 -13.54 -56.72
CA GLY D 167 -5.34 -13.32 -56.40
C GLY D 167 -5.05 -13.40 -54.92
N GLY D 168 -3.88 -12.92 -54.53
CA GLY D 168 -3.52 -12.88 -53.12
C GLY D 168 -2.04 -12.77 -52.86
N THR D 169 -1.69 -12.16 -51.73
CA THR D 169 -0.31 -12.03 -51.32
C THR D 169 -0.02 -13.12 -50.27
N TYR D 170 0.97 -13.97 -50.55
CA TYR D 170 1.31 -15.07 -49.67
C TYR D 170 2.66 -14.89 -49.02
N ARG D 171 2.81 -15.47 -47.83
CA ARG D 171 4.04 -15.45 -47.05
C ARG D 171 4.18 -16.81 -46.36
N CYS D 172 5.39 -17.38 -46.29
CA CYS D 172 5.55 -18.65 -45.59
C CYS D 172 6.62 -18.58 -44.51
N PHE D 173 6.45 -19.44 -43.51
CA PHE D 173 7.28 -19.49 -42.33
C PHE D 173 7.69 -20.94 -42.04
N GLY D 174 8.58 -21.12 -41.09
CA GLY D 174 9.03 -22.43 -40.67
C GLY D 174 9.01 -22.56 -39.18
N SER D 175 8.81 -23.76 -38.66
CA SER D 175 8.77 -23.98 -37.22
C SER D 175 9.35 -25.35 -36.84
N PHE D 176 9.50 -25.62 -35.53
CA PHE D 176 10.01 -26.89 -35.06
C PHE D 176 9.01 -27.58 -34.11
N HIS D 177 9.05 -28.94 -34.00
CA HIS D 177 8.16 -29.73 -33.14
C HIS D 177 8.17 -29.20 -31.69
N ASP D 178 9.37 -28.99 -31.14
CA ASP D 178 9.58 -28.57 -29.75
C ASP D 178 9.08 -27.19 -29.41
N SER D 179 8.93 -26.31 -30.39
CA SER D 179 8.45 -24.96 -30.16
C SER D 179 7.44 -24.58 -31.25
N PRO D 180 6.19 -25.05 -31.11
CA PRO D 180 5.20 -24.83 -32.17
C PRO D 180 4.66 -23.42 -32.32
N TYR D 181 4.91 -22.56 -31.34
CA TYR D 181 4.45 -21.17 -31.42
C TYR D 181 5.56 -20.17 -31.72
N GLU D 182 6.72 -20.65 -32.18
CA GLU D 182 7.86 -19.81 -32.52
C GLU D 182 8.18 -20.09 -33.96
N TRP D 183 7.99 -19.07 -34.82
CA TRP D 183 8.16 -19.22 -36.26
C TRP D 183 9.32 -18.42 -36.81
N SER D 184 9.79 -18.81 -38.01
CA SER D 184 10.88 -18.16 -38.74
C SER D 184 10.49 -16.72 -39.15
N LYS D 185 11.45 -16.00 -39.74
CA LYS D 185 11.20 -14.68 -40.33
C LYS D 185 10.32 -14.93 -41.55
N SER D 186 9.34 -14.05 -41.81
CA SER D 186 8.46 -14.23 -42.97
C SER D 186 9.23 -14.27 -44.28
N SER D 187 8.80 -15.13 -45.20
CA SER D 187 9.40 -15.16 -46.53
C SER D 187 9.01 -13.85 -47.26
N ASP D 188 9.72 -13.49 -48.33
CA ASP D 188 9.37 -12.30 -49.11
C ASP D 188 7.99 -12.53 -49.74
N PRO D 189 7.07 -11.57 -49.59
CA PRO D 189 5.70 -11.78 -50.07
C PRO D 189 5.60 -12.08 -51.56
N LEU D 190 4.83 -13.12 -51.89
CA LEU D 190 4.64 -13.51 -53.28
C LEU D 190 3.23 -13.13 -53.70
N LEU D 191 3.09 -12.35 -54.77
CA LEU D 191 1.79 -11.95 -55.25
C LEU D 191 1.33 -12.87 -56.36
N VAL D 192 0.20 -13.54 -56.15
CA VAL D 192 -0.39 -14.40 -57.15
C VAL D 192 -1.44 -13.59 -57.89
N SER D 193 -1.36 -13.55 -59.22
CA SER D 193 -2.28 -12.77 -60.04
C SER D 193 -3.11 -13.71 -60.89
N VAL D 194 -4.42 -13.63 -60.75
CA VAL D 194 -5.34 -14.45 -61.51
C VAL D 194 -5.95 -13.65 -62.67
N THR D 195 -5.64 -14.05 -63.92
CA THR D 195 -6.15 -13.45 -65.13
C THR D 195 -7.52 -14.07 -65.46
N GLU E 19 11.65 23.87 -62.53
CA GLU E 19 12.13 23.59 -63.87
C GLU E 19 13.31 22.60 -63.88
N ALA E 20 13.56 22.00 -65.04
CA ALA E 20 14.66 21.09 -65.35
C ALA E 20 16.02 21.71 -64.99
N ALA E 21 16.15 23.05 -65.15
CA ALA E 21 17.36 23.79 -64.82
C ALA E 21 17.58 23.80 -63.32
N ARG E 22 16.50 23.98 -62.54
CA ARG E 22 16.58 23.97 -61.08
C ARG E 22 17.03 22.61 -60.56
N ILE E 23 16.57 21.52 -61.20
CA ILE E 23 16.96 20.16 -60.82
C ILE E 23 18.46 19.97 -60.98
N ALA E 24 19.02 20.30 -62.15
CA ALA E 24 20.44 20.18 -62.42
C ALA E 24 21.28 21.06 -61.51
N ALA E 25 20.76 22.23 -61.13
CA ALA E 25 21.47 23.16 -60.24
C ALA E 25 21.64 22.56 -58.85
N ALA E 26 20.59 21.93 -58.31
CA ALA E 26 20.66 21.32 -56.99
C ALA E 26 21.45 20.04 -57.00
N ILE E 27 21.39 19.26 -58.10
CA ILE E 27 22.15 18.03 -58.22
C ILE E 27 23.64 18.36 -58.19
N ASP E 28 24.05 19.34 -59.02
CA ASP E 28 25.43 19.78 -59.07
C ASP E 28 25.89 20.37 -57.75
N ALA E 29 24.98 21.04 -57.01
CA ALA E 29 25.28 21.61 -55.71
C ALA E 29 25.63 20.48 -54.72
N VAL E 30 24.92 19.34 -54.78
CA VAL E 30 25.16 18.18 -53.93
C VAL E 30 26.48 17.53 -54.31
N ILE E 31 26.72 17.31 -55.61
CA ILE E 31 27.96 16.73 -56.12
C ILE E 31 29.17 17.57 -55.67
N LYS E 32 29.12 18.90 -55.86
CA LYS E 32 30.18 19.83 -55.46
C LYS E 32 30.37 19.84 -53.93
N GLY E 33 29.27 19.79 -53.19
CA GLY E 33 29.29 19.77 -51.74
C GLY E 33 29.96 18.54 -51.18
N ILE E 34 29.64 17.37 -51.73
CA ILE E 34 30.24 16.11 -51.33
C ILE E 34 31.74 16.14 -51.62
N GLU E 35 32.12 16.52 -52.83
CA GLU E 35 33.50 16.57 -53.24
C GLU E 35 34.35 17.53 -52.41
N THR E 36 33.84 18.75 -52.11
CA THR E 36 34.60 19.74 -51.33
C THR E 36 34.67 19.41 -49.83
N LYS E 37 33.58 18.88 -49.26
CA LYS E 37 33.56 18.56 -47.83
C LYS E 37 34.42 17.34 -47.52
N PHE E 38 34.27 16.27 -48.31
CA PHE E 38 35.04 15.05 -48.08
C PHE E 38 36.43 15.02 -48.76
N GLY E 39 36.72 16.01 -49.62
CA GLY E 39 37.99 16.07 -50.31
C GLY E 39 38.18 14.90 -51.26
N VAL E 40 37.10 14.52 -51.93
CA VAL E 40 37.07 13.38 -52.84
C VAL E 40 36.54 13.77 -54.23
N SER E 41 36.67 12.87 -55.22
CA SER E 41 36.15 13.13 -56.56
C SER E 41 35.17 12.02 -56.93
N THR E 42 34.00 12.40 -57.45
CA THR E 42 33.00 11.42 -57.86
C THR E 42 33.22 10.90 -59.29
N ASN E 43 34.32 11.31 -59.96
CA ASN E 43 34.64 10.89 -61.33
C ASN E 43 35.01 9.41 -61.34
N GLY E 44 34.32 8.64 -62.17
CA GLY E 44 34.55 7.20 -62.27
C GLY E 44 33.87 6.36 -61.20
N VAL E 45 33.31 7.03 -60.17
CA VAL E 45 32.63 6.36 -59.07
C VAL E 45 31.20 6.01 -59.49
N LEU E 46 31.02 4.78 -59.99
CA LEU E 46 29.75 4.30 -60.51
C LEU E 46 28.61 4.29 -59.49
N GLY E 47 28.88 3.82 -58.27
CA GLY E 47 27.88 3.77 -57.23
C GLY E 47 27.29 5.12 -56.86
N LEU E 48 28.15 6.15 -56.75
CA LEU E 48 27.68 7.49 -56.42
C LEU E 48 27.01 8.18 -57.59
N LYS E 49 27.59 8.07 -58.79
CA LYS E 49 27.02 8.73 -59.97
C LYS E 49 25.63 8.18 -60.30
N SER E 50 25.38 6.89 -60.03
CA SER E 50 24.06 6.29 -60.24
C SER E 50 22.97 6.97 -59.36
N LEU E 51 23.38 7.61 -58.24
CA LEU E 51 22.46 8.29 -57.32
C LEU E 51 22.25 9.78 -57.62
N PHE E 52 22.91 10.32 -58.65
CA PHE E 52 22.77 11.73 -58.97
C PHE E 52 21.61 11.96 -59.94
N THR E 53 20.44 11.41 -59.59
CA THR E 53 19.18 11.51 -60.31
C THR E 53 18.21 12.43 -59.54
N ALA E 54 17.23 13.06 -60.21
CA ALA E 54 16.25 13.94 -59.56
C ALA E 54 15.63 13.36 -58.29
N ASN E 55 15.43 12.05 -58.27
CA ASN E 55 14.80 11.38 -57.13
C ASN E 55 15.75 10.87 -56.07
N ASN E 56 16.97 10.48 -56.48
CA ASN E 56 17.94 9.94 -55.54
C ASN E 56 19.13 10.86 -55.23
N TYR E 57 19.03 12.14 -55.61
CA TYR E 57 20.09 13.10 -55.35
C TYR E 57 19.95 13.76 -53.94
N ASN E 58 18.80 13.56 -53.27
CA ASN E 58 18.51 14.18 -52.01
C ASN E 58 18.54 13.21 -50.82
N ASN E 59 18.36 11.90 -51.07
CA ASN E 59 18.33 10.90 -49.99
C ASN E 59 19.67 10.81 -49.29
N ALA E 60 19.78 11.38 -48.08
CA ALA E 60 21.03 11.35 -47.33
C ALA E 60 21.48 9.94 -46.98
N THR E 61 20.55 9.08 -46.59
CA THR E 61 20.87 7.70 -46.22
C THR E 61 21.53 6.94 -47.39
N LYS E 62 20.99 7.11 -48.60
CA LYS E 62 21.52 6.43 -49.78
C LYS E 62 22.89 6.95 -50.20
N ILE E 63 23.11 8.26 -50.07
CA ILE E 63 24.38 8.86 -50.42
C ILE E 63 25.45 8.48 -49.41
N ALA E 64 25.11 8.46 -48.10
CA ALA E 64 26.07 8.04 -47.08
C ALA E 64 26.47 6.59 -47.30
N GLY E 65 25.50 5.73 -47.62
CA GLY E 65 25.74 4.33 -47.89
C GLY E 65 26.68 4.10 -49.06
N ALA E 66 26.61 4.98 -50.07
CA ALA E 66 27.44 4.93 -51.26
C ALA E 66 28.83 5.43 -50.99
N ILE E 67 28.97 6.50 -50.21
CA ILE E 67 30.29 7.02 -49.84
C ILE E 67 31.06 5.96 -49.04
N ILE E 68 30.38 5.29 -48.11
CA ILE E 68 30.92 4.24 -47.27
C ILE E 68 31.31 3.02 -48.12
N GLU E 69 30.52 2.71 -49.14
CA GLU E 69 30.75 1.56 -50.01
C GLU E 69 31.88 1.81 -51.00
N GLU E 70 31.92 3.00 -51.62
CA GLU E 70 32.90 3.34 -52.66
C GLU E 70 34.24 3.82 -52.13
N TYR E 71 34.23 4.62 -51.06
CA TYR E 71 35.44 5.16 -50.48
C TYR E 71 35.96 4.43 -49.27
N LYS E 72 35.21 3.45 -48.74
CA LYS E 72 35.61 2.61 -47.60
C LYS E 72 36.30 3.39 -46.48
N PRO E 73 35.59 4.32 -45.84
CA PRO E 73 36.22 5.17 -44.81
C PRO E 73 36.79 4.45 -43.59
N SER E 74 36.16 3.35 -43.14
CA SER E 74 36.66 2.59 -41.99
C SER E 74 38.00 1.90 -42.29
N SER E 75 38.32 1.70 -43.58
CA SER E 75 39.60 1.11 -43.96
C SER E 75 40.79 2.08 -43.79
N CYS E 76 40.52 3.36 -43.51
CA CYS E 76 41.56 4.35 -43.28
C CYS E 76 42.30 4.17 -41.96
N LEU E 77 41.82 3.28 -41.09
CA LEU E 77 42.42 2.97 -39.80
C LEU E 77 43.85 2.47 -40.00
N THR E 78 44.08 1.70 -41.07
CA THR E 78 45.39 1.16 -41.42
C THR E 78 45.98 1.83 -42.66
N GLY E 79 45.56 3.04 -42.98
CA GLY E 79 46.09 3.77 -44.12
C GLY E 79 45.22 3.86 -45.34
N GLY E 80 44.17 3.06 -45.40
CA GLY E 80 43.27 3.11 -46.53
C GLY E 80 43.08 1.81 -47.26
N SER E 81 42.16 1.82 -48.21
CA SER E 81 41.82 0.65 -48.97
C SER E 81 42.73 0.41 -50.19
N GLY E 82 43.60 1.35 -50.53
CA GLY E 82 44.48 1.20 -51.69
C GLY E 82 43.73 1.57 -52.95
N ALA E 83 42.63 0.84 -53.21
CA ALA E 83 41.70 1.08 -54.32
C ALA E 83 41.08 2.47 -54.22
N ASP E 84 41.08 3.10 -53.01
CA ASP E 84 40.58 4.45 -52.78
C ASP E 84 40.90 4.98 -51.39
N ASN E 85 42.08 5.59 -51.21
CA ASN E 85 42.43 6.21 -49.94
C ASN E 85 42.17 7.73 -49.93
N SER E 86 41.32 8.23 -50.86
CA SER E 86 41.02 9.66 -51.01
C SER E 86 40.26 10.26 -49.84
N ILE E 87 39.43 9.44 -49.19
CA ILE E 87 38.64 9.91 -48.05
C ILE E 87 39.45 9.93 -46.74
N CYS E 88 40.64 9.30 -46.72
CA CYS E 88 41.43 9.25 -45.50
C CYS E 88 41.76 10.61 -44.91
N PRO E 89 42.20 11.65 -45.67
CA PRO E 89 42.40 12.97 -45.03
C PRO E 89 41.16 13.46 -44.26
N TRP E 90 39.95 13.25 -44.81
CA TRP E 90 38.73 13.62 -44.11
C TRP E 90 38.55 12.74 -42.89
N ALA E 91 38.63 11.40 -43.05
CA ALA E 91 38.46 10.44 -41.96
C ALA E 91 39.37 10.73 -40.77
N MET E 92 40.63 11.07 -41.05
CA MET E 92 41.59 11.39 -40.00
C MET E 92 41.21 12.68 -39.30
N GLU E 93 40.89 13.72 -40.05
CA GLU E 93 40.56 15.02 -39.48
C GLU E 93 39.25 15.03 -38.70
N ASN E 94 38.23 14.37 -39.21
CA ASN E 94 36.91 14.41 -38.63
C ASN E 94 36.55 13.22 -37.74
N PHE E 95 37.34 12.14 -37.75
CA PHE E 95 37.02 10.99 -36.90
C PHE E 95 38.22 10.40 -36.14
N PHE E 96 39.17 9.76 -36.83
CA PHE E 96 40.28 9.07 -36.17
C PHE E 96 41.12 9.93 -35.25
N ALA E 97 41.33 11.19 -35.63
CA ALA E 97 42.11 12.11 -34.83
C ALA E 97 41.35 13.41 -34.56
N ALA E 98 40.01 13.34 -34.46
CA ALA E 98 39.18 14.50 -34.17
C ALA E 98 39.37 14.94 -32.72
N ARG E 99 39.09 16.22 -32.42
CA ARG E 99 39.14 16.74 -31.05
C ARG E 99 38.27 18.00 -30.93
N ARG E 107 32.56 9.91 -21.57
CA ARG E 107 31.59 10.36 -22.56
C ARG E 107 30.88 9.13 -23.23
N GLU E 108 30.74 9.09 -24.58
CA GLU E 108 30.06 7.99 -25.26
C GLU E 108 30.84 7.51 -26.52
N ALA E 109 30.34 6.46 -27.21
CA ALA E 109 30.98 5.95 -28.43
C ALA E 109 30.51 6.74 -29.64
N VAL E 110 31.41 6.95 -30.61
CA VAL E 110 31.07 7.69 -31.82
C VAL E 110 31.18 6.77 -33.02
N SER E 111 30.12 6.64 -33.82
CA SER E 111 30.17 5.78 -35.01
C SER E 111 30.65 6.56 -36.24
N MET E 112 31.62 6.01 -36.98
CA MET E 112 32.16 6.60 -38.19
C MET E 112 31.03 6.81 -39.22
N ASN E 113 30.22 5.77 -39.45
CA ASN E 113 29.12 5.83 -40.41
C ASN E 113 28.06 6.86 -40.02
N ASP E 114 27.90 7.11 -38.72
CA ASP E 114 26.98 8.08 -38.19
C ASP E 114 27.49 9.50 -38.51
N VAL E 115 28.81 9.73 -38.35
CA VAL E 115 29.46 11.01 -38.67
C VAL E 115 29.32 11.32 -40.16
N ILE E 116 29.49 10.29 -41.01
CA ILE E 116 29.34 10.46 -42.45
C ILE E 116 27.90 10.86 -42.78
N GLU E 117 26.92 10.19 -42.18
CA GLU E 117 25.53 10.53 -42.41
C GLU E 117 25.20 11.96 -41.97
N LYS E 118 25.69 12.38 -40.81
CA LYS E 118 25.46 13.72 -40.31
C LYS E 118 26.05 14.79 -41.24
N THR E 119 27.21 14.49 -41.86
CA THR E 119 27.86 15.41 -42.80
C THR E 119 27.02 15.54 -44.08
N VAL E 120 26.53 14.41 -44.60
CA VAL E 120 25.70 14.37 -45.79
C VAL E 120 24.39 15.14 -45.57
N LYS E 121 23.84 15.10 -44.35
CA LYS E 121 22.63 15.83 -44.01
C LYS E 121 22.84 17.34 -44.20
N THR E 122 23.97 17.86 -43.72
CA THR E 122 24.26 19.28 -43.84
C THR E 122 24.50 19.69 -45.31
N ILE E 123 25.17 18.86 -46.09
CA ILE E 123 25.42 19.14 -47.50
C ILE E 123 24.10 19.24 -48.26
N VAL E 124 23.20 18.26 -48.03
CA VAL E 124 21.87 18.21 -48.65
C VAL E 124 21.03 19.43 -48.27
N SER E 125 21.05 19.82 -46.98
CA SER E 125 20.29 20.98 -46.53
C SER E 125 20.86 22.31 -47.02
N ASP E 126 22.17 22.36 -47.35
CA ASP E 126 22.80 23.58 -47.85
C ASP E 126 22.75 23.74 -49.39
N ALA E 127 22.10 22.81 -50.11
CA ALA E 127 22.00 22.91 -51.57
C ALA E 127 21.00 24.00 -51.97
N ARG F 1 51.86 -5.43 -26.13
CA ARG F 1 51.73 -4.09 -26.74
C ARG F 1 50.46 -3.91 -27.60
N LYS F 2 49.65 -4.98 -27.74
CA LYS F 2 48.40 -4.93 -28.51
C LYS F 2 47.26 -5.05 -27.50
N PRO F 3 46.12 -4.35 -27.72
CA PRO F 3 45.03 -4.41 -26.74
C PRO F 3 44.32 -5.76 -26.66
N SER F 4 43.40 -5.90 -25.70
CA SER F 4 42.65 -7.14 -25.51
C SER F 4 41.17 -6.83 -25.68
N LEU F 5 40.52 -7.56 -26.58
CA LEU F 5 39.10 -7.36 -26.82
C LEU F 5 38.31 -8.55 -26.27
N LEU F 6 37.39 -8.29 -25.34
CA LEU F 6 36.56 -9.30 -24.71
C LEU F 6 35.08 -8.98 -24.90
N ALA F 7 34.24 -10.01 -24.83
CA ALA F 7 32.81 -9.82 -24.93
C ALA F 7 32.15 -10.31 -23.63
N HIS F 8 31.25 -9.52 -23.05
CA HIS F 8 30.55 -9.90 -21.82
C HIS F 8 29.05 -9.94 -22.08
N PRO F 9 28.40 -11.08 -21.81
CA PRO F 9 28.94 -12.31 -21.21
C PRO F 9 29.73 -13.23 -22.15
N GLY F 10 29.59 -13.03 -23.47
CA GLY F 10 30.30 -13.84 -24.46
C GLY F 10 30.05 -13.40 -25.90
N PRO F 11 30.82 -13.91 -26.86
CA PRO F 11 30.61 -13.51 -28.28
C PRO F 11 29.38 -14.12 -28.92
N LEU F 12 28.84 -15.22 -28.35
CA LEU F 12 27.66 -15.88 -28.87
C LEU F 12 26.45 -15.23 -28.28
N VAL F 13 25.89 -14.29 -29.02
CA VAL F 13 24.77 -13.49 -28.55
C VAL F 13 23.48 -13.95 -29.22
N LYS F 14 22.38 -14.11 -28.45
CA LYS F 14 21.10 -14.42 -29.07
C LYS F 14 20.55 -13.12 -29.68
N SER F 15 19.67 -13.22 -30.70
CA SER F 15 19.10 -12.03 -31.32
C SER F 15 18.33 -11.18 -30.30
N GLU F 16 18.40 -9.86 -30.41
CA GLU F 16 17.72 -8.92 -29.49
C GLU F 16 18.33 -8.88 -28.08
N GLU F 17 19.24 -9.80 -27.74
CA GLU F 17 19.86 -9.80 -26.41
C GLU F 17 20.96 -8.72 -26.32
N THR F 18 21.41 -8.40 -25.09
CA THR F 18 22.42 -7.37 -24.90
C THR F 18 23.84 -7.94 -24.69
N VAL F 19 24.85 -7.28 -25.26
CA VAL F 19 26.24 -7.69 -25.14
C VAL F 19 27.15 -6.46 -25.00
N ILE F 20 28.22 -6.58 -24.20
CA ILE F 20 29.15 -5.49 -24.00
C ILE F 20 30.53 -5.88 -24.50
N LEU F 21 31.07 -5.13 -25.45
CA LEU F 21 32.41 -5.38 -25.96
C LEU F 21 33.39 -4.50 -25.22
N GLN F 22 34.23 -5.10 -24.39
CA GLN F 22 35.21 -4.36 -23.62
C GLN F 22 36.57 -4.44 -24.29
N CYS F 23 37.24 -3.30 -24.37
CA CYS F 23 38.58 -3.17 -24.90
C CYS F 23 39.44 -2.80 -23.73
N TRP F 24 40.62 -3.40 -23.59
CA TRP F 24 41.50 -3.02 -22.47
C TRP F 24 42.98 -3.27 -22.76
N SER F 25 43.84 -2.53 -22.09
CA SER F 25 45.29 -2.74 -22.20
C SER F 25 45.99 -2.09 -21.00
N ASP F 26 47.21 -2.54 -20.70
CA ASP F 26 48.01 -1.92 -19.63
C ASP F 26 48.67 -0.62 -20.10
N VAL F 27 48.83 -0.44 -21.43
CA VAL F 27 49.36 0.78 -22.02
C VAL F 27 48.23 1.81 -21.89
N MET F 28 48.51 3.00 -21.36
CA MET F 28 47.48 4.02 -21.13
C MET F 28 47.03 4.71 -22.41
N PHE F 29 46.16 4.07 -23.20
CA PHE F 29 45.63 4.66 -24.41
C PHE F 29 44.52 5.64 -24.01
N GLU F 30 44.50 6.86 -24.55
CA GLU F 30 43.44 7.82 -24.22
C GLU F 30 42.14 7.49 -24.96
N HIS F 31 42.24 6.90 -26.16
CA HIS F 31 41.09 6.52 -26.97
C HIS F 31 41.26 5.12 -27.51
N PHE F 32 40.13 4.44 -27.71
CA PHE F 32 40.11 3.12 -28.31
C PHE F 32 39.29 3.16 -29.58
N LEU F 33 39.70 2.40 -30.59
CA LEU F 33 38.98 2.34 -31.86
C LEU F 33 38.56 0.91 -32.11
N LEU F 34 37.25 0.67 -32.11
CA LEU F 34 36.72 -0.66 -32.33
C LEU F 34 36.23 -0.78 -33.76
N HIS F 35 36.86 -1.66 -34.55
CA HIS F 35 36.48 -1.84 -35.95
C HIS F 35 35.68 -3.11 -36.14
N ARG F 36 34.55 -3.03 -36.86
CA ARG F 36 33.76 -4.21 -37.17
C ARG F 36 33.89 -4.50 -38.65
N GLU F 37 34.21 -5.74 -39.01
CA GLU F 37 34.31 -6.14 -40.39
C GLU F 37 33.16 -7.14 -40.62
N GLY F 38 32.21 -6.80 -41.47
CA GLY F 38 31.07 -7.67 -41.74
C GLY F 38 30.26 -7.17 -42.90
N MET F 39 28.92 -7.34 -42.86
CA MET F 39 28.09 -6.83 -43.94
C MET F 39 28.10 -5.31 -43.94
N PHE F 40 28.06 -4.70 -42.75
CA PHE F 40 28.13 -3.26 -42.63
C PHE F 40 29.29 -2.91 -41.72
N ASN F 41 30.48 -2.63 -42.32
CA ASN F 41 31.65 -2.27 -41.51
C ASN F 41 31.41 -0.94 -40.83
N ASP F 42 32.03 -0.74 -39.68
CA ASP F 42 31.96 0.51 -38.96
C ASP F 42 33.13 0.61 -37.99
N THR F 43 33.46 1.81 -37.53
CA THR F 43 34.50 2.02 -36.54
C THR F 43 33.90 2.89 -35.44
N LEU F 44 34.18 2.55 -34.17
CA LEU F 44 33.65 3.30 -33.05
C LEU F 44 34.79 3.87 -32.21
N ARG F 45 34.74 5.17 -31.91
CA ARG F 45 35.77 5.80 -31.11
C ARG F 45 35.28 5.89 -29.68
N LEU F 46 35.81 5.01 -28.83
CA LEU F 46 35.47 4.91 -27.41
C LEU F 46 36.50 5.69 -26.59
N ILE F 47 36.10 6.21 -25.44
CA ILE F 47 37.03 6.94 -24.57
C ILE F 47 37.64 6.02 -23.51
N GLY F 48 38.97 6.02 -23.42
CA GLY F 48 39.71 5.18 -22.48
C GLY F 48 39.71 5.65 -21.05
N GLU F 49 39.25 4.79 -20.14
CA GLU F 49 39.20 5.07 -18.71
C GLU F 49 40.36 4.39 -18.04
N HIS F 50 41.26 5.19 -17.46
CA HIS F 50 42.46 4.69 -16.78
C HIS F 50 42.14 4.56 -15.30
N HIS F 51 42.11 3.32 -14.79
CA HIS F 51 41.79 3.10 -13.39
C HIS F 51 43.04 2.78 -12.56
N ASP F 52 43.65 1.60 -12.79
CA ASP F 52 44.86 1.21 -12.06
C ASP F 52 45.74 0.37 -12.96
N GLY F 53 46.63 1.06 -13.68
CA GLY F 53 47.52 0.44 -14.64
C GLY F 53 46.82 -0.16 -15.85
N VAL F 54 45.50 0.03 -15.96
CA VAL F 54 44.69 -0.54 -17.03
C VAL F 54 43.79 0.53 -17.68
N SER F 55 43.95 0.73 -18.99
CA SER F 55 43.08 1.61 -19.74
C SER F 55 42.01 0.72 -20.36
N LYS F 56 40.74 1.07 -20.17
CA LYS F 56 39.65 0.25 -20.69
C LYS F 56 38.47 1.07 -21.18
N ALA F 57 37.69 0.49 -22.09
CA ALA F 57 36.54 1.14 -22.67
C ALA F 57 35.50 0.11 -23.08
N ASN F 58 34.20 0.40 -22.93
CA ASN F 58 33.16 -0.56 -23.28
C ASN F 58 32.18 -0.04 -24.34
N PHE F 59 31.75 -0.92 -25.25
CA PHE F 59 30.78 -0.60 -26.29
C PHE F 59 29.58 -1.49 -26.03
N SER F 60 28.44 -0.89 -25.65
CA SER F 60 27.26 -1.68 -25.32
C SER F 60 26.26 -1.79 -26.45
N ILE F 61 25.93 -3.03 -26.81
CA ILE F 61 24.92 -3.32 -27.81
C ILE F 61 23.70 -3.73 -27.02
N SER F 62 22.73 -2.84 -26.89
CA SER F 62 21.50 -3.05 -26.12
C SER F 62 20.63 -4.16 -26.71
N ARG F 63 20.41 -4.11 -28.02
CA ARG F 63 19.63 -5.12 -28.72
C ARG F 63 20.45 -5.58 -29.90
N MET F 64 20.94 -6.80 -29.84
CA MET F 64 21.75 -7.36 -30.91
C MET F 64 20.95 -7.53 -32.19
N THR F 65 21.52 -7.06 -33.31
CA THR F 65 20.90 -7.11 -34.63
C THR F 65 21.89 -7.61 -35.66
N GLN F 66 21.41 -8.17 -36.79
CA GLN F 66 22.22 -8.73 -37.86
C GLN F 66 23.33 -7.82 -38.37
N ASP F 67 23.06 -6.51 -38.51
CA ASP F 67 24.08 -5.57 -38.98
C ASP F 67 25.22 -5.36 -37.99
N LEU F 68 24.98 -5.61 -36.69
CA LEU F 68 26.01 -5.46 -35.67
C LEU F 68 26.91 -6.68 -35.50
N ALA F 69 26.61 -7.79 -36.20
CA ALA F 69 27.44 -9.00 -36.09
C ALA F 69 28.61 -8.89 -37.06
N GLY F 70 29.78 -9.31 -36.61
CA GLY F 70 30.97 -9.27 -37.43
C GLY F 70 32.25 -9.47 -36.66
N THR F 71 33.39 -9.34 -37.33
CA THR F 71 34.68 -9.49 -36.69
C THR F 71 35.14 -8.17 -36.12
N TYR F 72 35.19 -8.08 -34.80
CA TYR F 72 35.61 -6.86 -34.14
C TYR F 72 37.09 -6.93 -33.80
N ARG F 73 37.75 -5.78 -33.84
CA ARG F 73 39.16 -5.68 -33.54
C ARG F 73 39.37 -4.36 -32.84
N CYS F 74 40.22 -4.34 -31.82
CA CYS F 74 40.46 -3.13 -31.06
C CYS F 74 41.82 -2.56 -31.28
N TYR F 75 41.88 -1.26 -31.59
CA TYR F 75 43.12 -0.51 -31.78
C TYR F 75 43.20 0.58 -30.70
N GLY F 76 44.40 0.88 -30.22
CA GLY F 76 44.59 1.91 -29.21
C GLY F 76 45.30 3.13 -29.75
N SER F 77 44.94 4.32 -29.26
CA SER F 77 45.57 5.55 -29.72
C SER F 77 45.96 6.45 -28.54
N VAL F 78 46.76 7.49 -28.80
CA VAL F 78 47.13 8.45 -27.77
C VAL F 78 46.84 9.86 -28.33
N THR F 79 46.19 10.74 -27.55
CA THR F 79 45.83 12.10 -27.95
C THR F 79 47.06 12.90 -28.38
N HIS F 80 48.21 12.66 -27.74
CA HIS F 80 49.43 13.37 -28.07
C HIS F 80 49.96 12.95 -29.44
N SER F 81 49.78 11.67 -29.82
CA SER F 81 50.14 11.17 -31.15
C SER F 81 48.87 10.52 -31.76
N PRO F 82 47.91 11.34 -32.23
CA PRO F 82 46.62 10.79 -32.69
C PRO F 82 46.65 10.00 -33.98
N TYR F 83 47.65 10.25 -34.80
CA TYR F 83 47.76 9.58 -36.09
C TYR F 83 48.56 8.25 -36.00
N GLN F 84 48.98 7.82 -34.80
CA GLN F 84 49.69 6.56 -34.66
C GLN F 84 48.92 5.59 -33.79
N VAL F 85 48.13 4.73 -34.45
CA VAL F 85 47.34 3.73 -33.76
C VAL F 85 48.16 2.44 -33.54
N SER F 86 47.84 1.70 -32.48
CA SER F 86 48.52 0.47 -32.09
C SER F 86 48.23 -0.70 -33.05
N ALA F 87 48.88 -1.84 -32.81
CA ALA F 87 48.61 -3.05 -33.57
C ALA F 87 47.24 -3.55 -33.09
N PRO F 88 46.45 -4.16 -34.00
CA PRO F 88 45.11 -4.61 -33.61
C PRO F 88 45.10 -5.72 -32.59
N SER F 89 44.03 -5.80 -31.82
CA SER F 89 43.83 -6.88 -30.87
C SER F 89 43.51 -8.17 -31.65
N ASP F 90 43.46 -9.33 -30.98
CA ASP F 90 43.08 -10.57 -31.66
C ASP F 90 41.60 -10.45 -32.06
N PRO F 91 41.28 -10.84 -33.32
CA PRO F 91 39.90 -10.67 -33.80
C PRO F 91 38.88 -11.43 -32.96
N LEU F 92 37.75 -10.76 -32.67
CA LEU F 92 36.68 -11.33 -31.87
C LEU F 92 35.44 -11.37 -32.73
N ASP F 93 34.95 -12.57 -33.05
CA ASP F 93 33.77 -12.69 -33.89
C ASP F 93 32.51 -12.66 -33.03
N ILE F 94 31.66 -11.64 -33.25
CA ILE F 94 30.38 -11.55 -32.53
C ILE F 94 29.31 -12.24 -33.37
N VAL F 95 28.92 -13.46 -32.94
CA VAL F 95 28.02 -14.35 -33.66
C VAL F 95 26.63 -14.32 -33.09
N ILE F 96 25.63 -14.26 -33.95
CA ILE F 96 24.23 -14.26 -33.54
C ILE F 96 23.69 -15.69 -33.60
N ILE F 97 23.21 -16.20 -32.48
CA ILE F 97 22.77 -17.59 -32.38
C ILE F 97 21.24 -17.77 -32.29
N GLY F 98 20.80 -19.00 -32.55
CA GLY F 98 19.40 -19.41 -32.50
C GLY F 98 18.64 -19.26 -33.79
N LEU F 99 19.36 -19.28 -34.94
CA LEU F 99 18.75 -19.07 -36.26
C LEU F 99 18.39 -20.32 -37.04
N TYR F 100 19.01 -21.46 -36.72
CA TYR F 100 18.75 -22.70 -37.42
C TYR F 100 18.35 -23.82 -36.45
N GLU F 101 18.09 -25.03 -36.99
CA GLU F 101 17.76 -26.22 -36.22
C GLU F 101 18.75 -26.47 -35.08
N LYS F 102 18.23 -26.80 -33.90
CA LYS F 102 19.05 -27.16 -32.76
C LYS F 102 19.64 -28.54 -33.04
N PRO F 103 20.97 -28.65 -33.11
CA PRO F 103 21.58 -29.97 -33.31
C PRO F 103 21.44 -30.86 -32.05
N SER F 104 21.86 -32.12 -32.16
CA SER F 104 21.82 -33.03 -31.03
C SER F 104 23.23 -33.43 -30.64
N LEU F 105 23.56 -33.27 -29.36
CA LEU F 105 24.88 -33.59 -28.86
C LEU F 105 24.81 -34.86 -28.01
N SER F 106 25.59 -35.88 -28.37
CA SER F 106 25.64 -37.15 -27.65
C SER F 106 27.08 -37.54 -27.32
N ALA F 107 27.29 -38.56 -26.45
CA ALA F 107 28.64 -38.99 -26.08
C ALA F 107 28.88 -40.50 -26.25
N GLN F 108 30.04 -40.88 -26.77
CA GLN F 108 30.40 -42.29 -26.92
C GLN F 108 31.64 -42.58 -26.06
N PRO F 109 31.58 -43.54 -25.11
CA PRO F 109 30.49 -44.51 -24.86
C PRO F 109 29.27 -44.01 -24.10
N GLY F 110 29.44 -43.00 -23.25
CA GLY F 110 28.33 -42.45 -22.47
C GLY F 110 28.65 -41.12 -21.82
N PRO F 111 27.64 -40.38 -21.34
CA PRO F 111 27.93 -39.09 -20.67
C PRO F 111 28.59 -39.19 -19.31
N THR F 112 28.70 -40.41 -18.76
CA THR F 112 29.34 -40.69 -17.48
C THR F 112 30.37 -41.79 -17.70
N VAL F 113 31.64 -41.46 -17.60
CA VAL F 113 32.73 -42.40 -17.85
C VAL F 113 33.76 -42.42 -16.73
N LEU F 114 34.51 -43.51 -16.63
CA LEU F 114 35.61 -43.63 -15.68
C LEU F 114 36.81 -42.88 -16.23
N ALA F 115 37.62 -42.25 -15.38
CA ALA F 115 38.80 -41.50 -15.83
C ALA F 115 39.74 -42.35 -16.71
N GLY F 116 40.18 -41.76 -17.82
CA GLY F 116 41.03 -42.47 -18.78
C GLY F 116 40.28 -43.06 -19.96
N GLU F 117 38.95 -43.07 -19.91
CA GLU F 117 38.10 -43.58 -20.99
C GLU F 117 38.04 -42.60 -22.15
N ASN F 118 38.17 -43.09 -23.38
CA ASN F 118 38.15 -42.23 -24.56
C ASN F 118 36.74 -41.74 -24.91
N VAL F 119 36.37 -40.53 -24.50
CA VAL F 119 35.07 -39.96 -24.88
C VAL F 119 35.19 -39.27 -26.23
N THR F 120 34.12 -39.28 -27.02
CA THR F 120 34.07 -38.62 -28.32
C THR F 120 32.65 -38.04 -28.45
N LEU F 121 32.48 -36.71 -28.40
CA LEU F 121 31.15 -36.10 -28.48
C LEU F 121 30.73 -35.94 -29.92
N SER F 122 29.53 -36.39 -30.25
CA SER F 122 29.01 -36.34 -31.60
C SER F 122 27.90 -35.32 -31.73
N CYS F 123 28.08 -34.35 -32.61
CA CYS F 123 27.12 -33.29 -32.87
C CYS F 123 26.42 -33.66 -34.17
N SER F 124 25.11 -33.93 -34.15
CA SER F 124 24.38 -34.36 -35.35
C SER F 124 23.20 -33.46 -35.70
N SER F 125 22.82 -33.42 -36.98
CA SER F 125 21.71 -32.61 -37.44
C SER F 125 21.13 -33.12 -38.78
N ARG F 126 19.86 -32.84 -39.05
CA ARG F 126 19.24 -33.16 -40.35
C ARG F 126 19.74 -32.12 -41.39
N SER F 127 19.90 -30.84 -40.99
CA SER F 127 20.43 -29.79 -41.86
C SER F 127 21.87 -30.12 -42.21
N SER F 128 22.28 -29.84 -43.45
CA SER F 128 23.66 -30.08 -43.86
C SER F 128 24.53 -28.85 -43.59
N TYR F 129 24.80 -28.58 -42.31
CA TYR F 129 25.65 -27.46 -41.92
C TYR F 129 27.06 -27.67 -42.47
N ASP F 130 27.73 -26.59 -42.85
CA ASP F 130 29.10 -26.66 -43.34
C ASP F 130 30.07 -26.91 -42.16
N MET F 131 29.74 -26.38 -40.97
CA MET F 131 30.58 -26.52 -39.80
C MET F 131 29.78 -26.79 -38.53
N TYR F 132 30.40 -27.47 -37.58
CA TYR F 132 29.83 -27.70 -36.26
C TYR F 132 30.80 -27.10 -35.23
N HIS F 133 30.27 -26.43 -34.20
CA HIS F 133 31.12 -25.75 -33.22
C HIS F 133 30.84 -26.33 -31.84
N LEU F 134 31.85 -26.89 -31.17
CA LEU F 134 31.69 -27.48 -29.84
C LEU F 134 32.17 -26.50 -28.78
N SER F 135 31.30 -26.10 -27.89
CA SER F 135 31.62 -25.16 -26.84
C SER F 135 31.61 -25.81 -25.47
N ARG F 136 32.70 -25.66 -24.71
CA ARG F 136 32.74 -26.19 -23.35
C ARG F 136 32.49 -25.01 -22.44
N GLU F 137 31.53 -25.14 -21.54
CA GLU F 137 31.16 -24.07 -20.61
C GLU F 137 32.34 -23.75 -19.72
N GLY F 138 32.80 -22.50 -19.83
CA GLY F 138 33.95 -22.03 -19.08
C GLY F 138 35.06 -21.65 -20.03
N GLU F 139 35.29 -22.49 -21.04
CA GLU F 139 36.30 -22.26 -22.06
C GLU F 139 35.89 -21.11 -22.96
N ALA F 140 36.87 -20.31 -23.40
CA ALA F 140 36.56 -19.17 -24.27
C ALA F 140 36.67 -19.47 -25.76
N HIS F 141 37.34 -20.56 -26.13
CA HIS F 141 37.52 -20.89 -27.53
C HIS F 141 36.77 -22.16 -27.94
N GLU F 142 35.89 -22.03 -28.96
CA GLU F 142 35.08 -23.11 -29.47
C GLU F 142 35.87 -23.94 -30.47
N ARG F 143 35.58 -25.22 -30.53
CA ARG F 143 36.24 -26.15 -31.41
C ARG F 143 35.40 -26.34 -32.67
N ARG F 144 35.92 -25.99 -33.85
CA ARG F 144 35.15 -26.15 -35.08
C ARG F 144 35.59 -27.40 -35.84
N LEU F 145 34.65 -28.06 -36.52
CA LEU F 145 34.92 -29.28 -37.27
C LEU F 145 33.84 -29.46 -38.33
N PRO F 146 34.23 -29.83 -39.56
CA PRO F 146 33.22 -30.00 -40.62
C PRO F 146 32.36 -31.24 -40.47
N ALA F 147 31.29 -31.33 -41.25
CA ALA F 147 30.39 -32.47 -41.19
C ALA F 147 30.97 -33.72 -41.87
N GLY F 148 30.90 -34.85 -41.17
CA GLY F 148 31.40 -36.15 -41.60
C GLY F 148 30.33 -37.17 -41.93
N PRO F 149 30.20 -38.26 -41.15
CA PRO F 149 29.19 -39.29 -41.46
C PRO F 149 27.78 -38.77 -41.73
N LYS F 150 27.27 -39.03 -42.94
CA LYS F 150 25.93 -38.61 -43.33
C LYS F 150 25.06 -39.85 -43.37
N VAL F 151 24.98 -40.58 -42.24
CA VAL F 151 24.17 -41.80 -42.18
C VAL F 151 22.76 -41.52 -41.65
N ASN F 152 21.76 -42.24 -42.19
CA ASN F 152 20.34 -42.08 -41.83
C ASN F 152 19.78 -40.71 -42.20
N GLY F 153 20.39 -40.04 -43.17
CA GLY F 153 19.98 -38.72 -43.62
C GLY F 153 20.48 -37.56 -42.75
N THR F 154 21.12 -37.88 -41.61
CA THR F 154 21.65 -36.91 -40.66
C THR F 154 23.14 -36.78 -40.82
N PHE F 155 23.63 -35.57 -40.69
CA PHE F 155 25.04 -35.23 -40.80
C PHE F 155 25.60 -35.09 -39.40
N GLN F 156 26.80 -35.59 -39.17
CA GLN F 156 27.40 -35.50 -37.85
C GLN F 156 28.88 -35.19 -37.88
N ALA F 157 29.35 -34.55 -36.82
CA ALA F 157 30.75 -34.23 -36.66
C ALA F 157 31.14 -34.85 -35.34
N ASP F 158 32.21 -35.64 -35.34
CA ASP F 158 32.64 -36.31 -34.12
C ASP F 158 33.89 -35.66 -33.56
N PHE F 159 33.77 -35.09 -32.36
CA PHE F 159 34.87 -34.39 -31.71
C PHE F 159 35.54 -35.31 -30.70
N PRO F 160 36.73 -35.85 -31.03
CA PRO F 160 37.41 -36.72 -30.06
C PRO F 160 38.03 -35.94 -28.93
N LEU F 161 37.63 -36.24 -27.69
CA LEU F 161 38.17 -35.53 -26.52
C LEU F 161 39.36 -36.25 -25.85
N GLY F 162 39.71 -37.44 -26.31
CA GLY F 162 40.79 -38.22 -25.71
C GLY F 162 40.39 -38.84 -24.39
N PRO F 163 41.37 -39.36 -23.63
CA PRO F 163 41.05 -39.97 -22.34
C PRO F 163 40.43 -38.98 -21.36
N ALA F 164 39.41 -39.42 -20.60
CA ALA F 164 38.69 -38.61 -19.63
C ALA F 164 39.60 -38.10 -18.53
N THR F 165 39.55 -36.78 -18.28
CA THR F 165 40.36 -36.15 -17.23
C THR F 165 39.43 -35.49 -16.21
N HIS F 166 38.62 -34.52 -16.65
CA HIS F 166 37.68 -33.79 -15.82
C HIS F 166 36.37 -33.62 -16.58
N GLY F 167 35.28 -33.40 -15.86
CA GLY F 167 33.97 -33.21 -16.47
C GLY F 167 33.78 -31.89 -17.18
N GLY F 168 32.53 -31.57 -17.51
CA GLY F 168 32.20 -30.32 -18.19
C GLY F 168 30.87 -30.32 -18.92
N THR F 169 30.30 -29.13 -19.09
CA THR F 169 29.03 -28.98 -19.80
C THR F 169 29.31 -28.53 -21.21
N TYR F 170 28.86 -29.30 -22.20
CA TYR F 170 29.11 -28.99 -23.61
C TYR F 170 27.84 -28.60 -24.36
N ARG F 171 27.99 -27.79 -25.38
CA ARG F 171 26.89 -27.36 -26.27
C ARG F 171 27.44 -27.27 -27.68
N CYS F 172 26.68 -27.71 -28.70
CA CYS F 172 27.16 -27.60 -30.07
C CYS F 172 26.18 -26.87 -30.98
N PHE F 173 26.72 -26.18 -31.99
CA PHE F 173 25.97 -25.36 -32.93
C PHE F 173 26.40 -25.69 -34.37
N GLY F 174 25.63 -25.25 -35.36
CA GLY F 174 25.97 -25.43 -36.76
C GLY F 174 26.01 -24.11 -37.50
N SER F 175 26.75 -24.05 -38.61
CA SER F 175 26.84 -22.81 -39.40
C SER F 175 27.07 -23.08 -40.89
N PHE F 176 27.00 -22.03 -41.73
CA PHE F 176 27.27 -22.18 -43.16
C PHE F 176 28.42 -21.20 -43.55
N HIS F 177 29.26 -21.55 -44.54
CA HIS F 177 30.40 -20.70 -44.92
C HIS F 177 29.93 -19.32 -45.39
N ASP F 178 28.82 -19.23 -46.16
CA ASP F 178 28.29 -17.98 -46.68
C ASP F 178 27.77 -17.00 -45.61
N SER F 179 27.40 -17.51 -44.41
CA SER F 179 26.94 -16.67 -43.29
C SER F 179 27.69 -17.07 -42.04
N PRO F 180 28.94 -16.58 -41.90
CA PRO F 180 29.78 -17.02 -40.77
C PRO F 180 29.45 -16.46 -39.41
N TYR F 181 28.60 -15.41 -39.37
CA TYR F 181 28.23 -14.82 -38.08
C TYR F 181 26.83 -15.21 -37.65
N GLU F 182 26.23 -16.23 -38.27
CA GLU F 182 24.90 -16.69 -37.95
C GLU F 182 25.02 -18.18 -37.66
N TRP F 183 24.76 -18.54 -36.40
CA TRP F 183 24.82 -19.93 -35.98
C TRP F 183 23.45 -20.49 -35.59
N SER F 184 23.38 -21.83 -35.51
CA SER F 184 22.17 -22.57 -35.16
C SER F 184 21.75 -22.34 -33.72
N LYS F 185 20.58 -22.86 -33.32
CA LYS F 185 20.15 -22.84 -31.93
C LYS F 185 21.08 -23.78 -31.19
N SER F 186 21.49 -23.43 -29.97
CA SER F 186 22.38 -24.28 -29.19
C SER F 186 21.77 -25.64 -28.93
N SER F 187 22.59 -26.71 -28.99
CA SER F 187 22.09 -28.05 -28.65
C SER F 187 21.79 -28.07 -27.15
N ASP F 188 20.99 -29.03 -26.69
CA ASP F 188 20.71 -29.14 -25.25
C ASP F 188 22.03 -29.48 -24.52
N PRO F 189 22.38 -28.71 -23.47
CA PRO F 189 23.66 -28.94 -22.80
C PRO F 189 23.89 -30.35 -22.33
N LEU F 190 25.04 -30.94 -22.70
CA LEU F 190 25.40 -32.29 -22.32
C LEU F 190 26.43 -32.25 -21.22
N LEU F 191 26.12 -32.85 -20.06
CA LEU F 191 27.07 -32.86 -18.95
C LEU F 191 27.90 -34.14 -18.98
N VAL F 192 29.22 -33.99 -19.07
CA VAL F 192 30.13 -35.11 -19.05
C VAL F 192 30.65 -35.27 -17.62
N SER F 193 30.47 -36.47 -17.04
CA SER F 193 30.87 -36.74 -15.67
C SER F 193 31.98 -37.78 -15.65
N VAL F 194 33.12 -37.42 -15.05
CA VAL F 194 34.26 -38.32 -14.98
C VAL F 194 34.39 -38.88 -13.55
N THR F 195 34.25 -40.20 -13.40
CA THR F 195 34.33 -40.84 -12.08
C THR F 195 35.60 -41.66 -11.89
N GLU G 19 31.47 -56.63 68.60
CA GLU G 19 30.09 -56.19 68.69
C GLU G 19 29.20 -56.84 67.63
N ALA G 20 29.54 -58.06 67.19
CA ALA G 20 28.74 -58.77 66.18
C ALA G 20 27.27 -58.89 66.58
N ALA G 21 27.02 -59.11 67.88
CA ALA G 21 25.67 -59.21 68.43
C ALA G 21 24.97 -57.85 68.40
N ARG G 22 25.70 -56.78 68.73
CA ARG G 22 25.17 -55.41 68.71
C ARG G 22 24.77 -55.00 67.29
N ILE G 23 25.57 -55.42 66.29
CA ILE G 23 25.30 -55.12 64.88
C ILE G 23 23.96 -55.76 64.46
N ALA G 24 23.78 -57.06 64.73
CA ALA G 24 22.56 -57.77 64.39
C ALA G 24 21.35 -57.21 65.13
N ALA G 25 21.53 -56.69 66.35
CA ALA G 25 20.43 -56.09 67.12
C ALA G 25 19.93 -54.81 66.45
N ALA G 26 20.84 -53.96 65.95
CA ALA G 26 20.45 -52.73 65.27
C ALA G 26 19.89 -52.99 63.86
N ILE G 27 20.40 -54.03 63.18
CA ILE G 27 19.92 -54.40 61.86
C ILE G 27 18.48 -54.91 62.01
N ASP G 28 18.22 -55.77 62.99
CA ASP G 28 16.87 -56.30 63.26
C ASP G 28 15.90 -55.19 63.66
N ALA G 29 16.38 -54.10 64.28
CA ALA G 29 15.53 -52.97 64.62
C ALA G 29 15.03 -52.29 63.32
N VAL G 30 15.93 -52.16 62.32
CA VAL G 30 15.56 -51.61 61.01
C VAL G 30 14.61 -52.59 60.30
N ILE G 31 14.93 -53.89 60.33
CA ILE G 31 14.10 -54.96 59.75
C ILE G 31 12.67 -54.91 60.32
N LYS G 32 12.52 -54.84 61.66
CA LYS G 32 11.23 -54.77 62.33
C LYS G 32 10.46 -53.52 61.93
N GLY G 33 11.18 -52.40 61.82
CA GLY G 33 10.62 -51.13 61.41
C GLY G 33 10.06 -51.17 60.00
N ILE G 34 10.80 -51.78 59.06
CA ILE G 34 10.38 -51.93 57.67
C ILE G 34 9.16 -52.85 57.58
N GLU G 35 9.22 -54.00 58.25
CA GLU G 35 8.13 -54.96 58.24
C GLU G 35 6.82 -54.43 58.82
N THR G 36 6.86 -53.71 59.96
CA THR G 36 5.64 -53.19 60.58
C THR G 36 5.07 -51.97 59.86
N LYS G 37 5.93 -51.10 59.32
CA LYS G 37 5.47 -49.91 58.63
C LYS G 37 4.87 -50.24 57.26
N PHE G 38 5.56 -51.08 56.48
CA PHE G 38 5.08 -51.46 55.16
C PHE G 38 4.13 -52.66 55.13
N GLY G 39 3.95 -53.33 56.26
CA GLY G 39 3.07 -54.50 56.36
C GLY G 39 3.57 -55.63 55.50
N VAL G 40 4.89 -55.82 55.47
CA VAL G 40 5.53 -56.85 54.64
C VAL G 40 6.45 -57.75 55.47
N SER G 41 6.92 -58.87 54.90
CA SER G 41 7.84 -59.76 55.60
C SER G 41 9.13 -59.90 54.79
N THR G 42 10.28 -59.75 55.46
CA THR G 42 11.56 -59.89 54.78
C THR G 42 12.05 -61.35 54.73
N ASN G 43 11.25 -62.33 55.20
CA ASN G 43 11.62 -63.74 55.19
C ASN G 43 11.63 -64.27 53.77
N GLY G 44 12.76 -64.86 53.37
CA GLY G 44 12.93 -65.38 52.01
C GLY G 44 13.29 -64.33 50.97
N VAL G 45 13.23 -63.04 51.33
CA VAL G 45 13.54 -61.92 50.45
C VAL G 45 15.05 -61.77 50.37
N LEU G 46 15.66 -62.43 49.38
CA LEU G 46 17.10 -62.44 49.20
C LEU G 46 17.69 -61.07 48.81
N GLY G 47 16.89 -60.23 48.17
CA GLY G 47 17.32 -58.90 47.73
C GLY G 47 17.51 -57.88 48.84
N LEU G 48 16.65 -57.89 49.86
CA LEU G 48 16.78 -56.95 50.98
C LEU G 48 17.15 -57.68 52.26
N LYS G 49 16.37 -58.69 52.70
CA LYS G 49 16.71 -59.41 53.93
C LYS G 49 18.08 -60.06 53.87
N SER G 50 18.44 -60.62 52.71
CA SER G 50 19.76 -61.20 52.52
C SER G 50 20.81 -60.18 52.05
N LEU G 51 20.52 -58.88 52.18
CA LEU G 51 21.38 -57.74 51.83
C LEU G 51 21.62 -56.81 53.04
N PHE G 52 20.95 -57.04 54.18
CA PHE G 52 21.15 -56.23 55.38
C PHE G 52 22.53 -56.58 55.91
N THR G 53 23.47 -55.66 55.76
CA THR G 53 24.84 -55.81 56.24
C THR G 53 25.23 -54.58 57.08
N ALA G 54 26.27 -54.70 57.91
CA ALA G 54 26.76 -53.62 58.77
C ALA G 54 26.91 -52.26 58.05
N ASN G 55 27.30 -52.26 56.77
CA ASN G 55 27.45 -51.01 56.02
C ASN G 55 26.16 -50.60 55.30
N ASN G 56 25.51 -51.53 54.58
CA ASN G 56 24.30 -51.25 53.80
C ASN G 56 23.07 -50.83 54.58
N TYR G 57 22.86 -51.36 55.79
CA TYR G 57 21.65 -51.08 56.54
C TYR G 57 21.51 -49.61 57.03
N ASN G 58 22.63 -48.92 57.33
CA ASN G 58 22.57 -47.54 57.81
C ASN G 58 22.06 -46.57 56.72
N ASN G 59 22.32 -46.89 55.45
CA ASN G 59 21.87 -46.09 54.31
C ASN G 59 20.36 -46.33 54.04
N ALA G 60 19.69 -45.36 53.39
CA ALA G 60 18.27 -45.38 53.06
C ALA G 60 18.00 -45.58 51.57
N THR G 61 18.84 -45.02 50.71
CA THR G 61 18.68 -45.13 49.26
C THR G 61 18.70 -46.58 48.79
N LYS G 62 19.66 -47.37 49.30
CA LYS G 62 19.80 -48.78 48.95
C LYS G 62 18.58 -49.58 49.41
N ILE G 63 18.12 -49.37 50.66
CA ILE G 63 16.97 -50.07 51.20
C ILE G 63 15.71 -49.74 50.44
N ALA G 64 15.48 -48.44 50.18
CA ALA G 64 14.31 -47.99 49.42
C ALA G 64 14.31 -48.60 48.03
N GLY G 65 15.49 -48.67 47.39
CA GLY G 65 15.64 -49.27 46.07
C GLY G 65 15.33 -50.75 46.07
N ALA G 66 15.73 -51.47 47.13
CA ALA G 66 15.50 -52.90 47.27
C ALA G 66 14.03 -53.21 47.51
N ILE G 67 13.32 -52.39 48.31
CA ILE G 67 11.89 -52.58 48.56
C ILE G 67 11.11 -52.47 47.25
N ILE G 68 11.47 -51.48 46.42
CA ILE G 68 10.84 -51.28 45.11
C ILE G 68 11.15 -52.45 44.18
N GLU G 69 12.40 -52.92 44.20
CA GLU G 69 12.82 -54.03 43.36
C GLU G 69 12.16 -55.36 43.72
N GLU G 70 12.08 -55.69 45.01
CA GLU G 70 11.51 -56.95 45.45
C GLU G 70 9.99 -56.94 45.55
N TYR G 71 9.42 -55.90 46.15
CA TYR G 71 7.99 -55.83 46.35
C TYR G 71 7.21 -55.19 45.22
N LYS G 72 7.89 -54.56 44.23
CA LYS G 72 7.27 -53.91 43.06
C LYS G 72 6.01 -53.10 43.42
N PRO G 73 6.16 -52.00 44.16
CA PRO G 73 4.98 -51.24 44.61
C PRO G 73 4.15 -50.62 43.50
N SER G 74 4.80 -50.11 42.45
CA SER G 74 4.09 -49.50 41.33
C SER G 74 3.17 -50.49 40.60
N SER G 75 3.46 -51.80 40.70
CA SER G 75 2.62 -52.83 40.09
C SER G 75 1.29 -53.05 40.82
N CYS G 76 1.11 -52.44 42.01
CA CYS G 76 -0.14 -52.54 42.76
C CYS G 76 -1.33 -51.81 42.08
N LEU G 77 -1.14 -51.37 40.83
CA LEU G 77 -2.18 -50.77 40.02
C LEU G 77 -2.91 -51.85 39.21
N ILE G 87 2.94 -55.56 49.61
CA ILE G 87 3.08 -54.11 49.79
C ILE G 87 1.86 -53.32 49.33
N CYS G 88 0.92 -53.95 48.58
CA CYS G 88 -0.27 -53.28 48.08
C CYS G 88 -1.12 -52.63 49.18
N PRO G 89 -1.41 -53.27 50.34
CA PRO G 89 -2.16 -52.56 51.39
C PRO G 89 -1.51 -51.23 51.80
N TRP G 90 -0.16 -51.20 51.91
CA TRP G 90 0.54 -49.97 52.23
C TRP G 90 0.39 -48.99 51.08
N ALA G 91 0.71 -49.43 49.85
CA ALA G 91 0.64 -48.59 48.64
C ALA G 91 -0.73 -47.92 48.49
N MET G 92 -1.81 -48.66 48.72
CA MET G 92 -3.15 -48.09 48.60
C MET G 92 -3.43 -47.06 49.70
N GLU G 93 -3.10 -47.40 50.95
CA GLU G 93 -3.35 -46.53 52.08
C GLU G 93 -2.52 -45.25 52.06
N ASN G 94 -1.25 -45.37 51.73
CA ASN G 94 -0.32 -44.23 51.78
C ASN G 94 -0.06 -43.50 50.46
N PHE G 95 -0.39 -44.08 49.29
CA PHE G 95 -0.11 -43.40 48.02
C PHE G 95 -1.29 -43.38 47.04
N PHE G 96 -1.79 -44.55 46.58
CA PHE G 96 -2.84 -44.58 45.56
C PHE G 96 -4.14 -43.92 46.00
N ALA G 97 -4.57 -44.17 47.24
CA ALA G 97 -5.82 -43.62 47.74
C ALA G 97 -5.64 -42.80 49.02
N ALA G 98 -4.46 -42.21 49.25
CA ALA G 98 -4.23 -41.39 50.44
C ALA G 98 -5.03 -40.09 50.23
N ARG G 99 -5.87 -39.66 51.18
CA ARG G 99 -6.64 -38.40 51.01
C ARG G 99 -5.67 -37.23 50.73
N LYS G 100 -4.60 -37.16 51.53
CA LYS G 100 -3.52 -36.19 51.40
C LYS G 100 -2.24 -36.94 51.78
N ILE G 101 -1.28 -37.07 50.84
CA ILE G 101 -0.02 -37.73 51.14
C ILE G 101 0.83 -36.77 51.99
N PRO G 102 1.10 -37.16 53.26
CA PRO G 102 1.91 -36.29 54.11
C PRO G 102 3.37 -36.22 53.66
N GLY G 103 3.91 -35.02 53.65
CA GLY G 103 5.28 -34.78 53.23
C GLY G 103 5.44 -33.86 52.03
N PHE G 104 4.34 -33.61 51.30
CA PHE G 104 4.39 -32.78 50.10
C PHE G 104 3.15 -31.89 50.01
N ILE G 105 3.16 -30.94 49.07
CA ILE G 105 2.02 -30.06 48.85
C ILE G 105 0.99 -30.72 47.89
N GLN G 106 -0.18 -30.11 47.69
CA GLN G 106 -1.20 -30.67 46.81
C GLN G 106 -1.22 -30.06 45.41
N ARG G 107 -0.14 -29.43 44.97
CA ARG G 107 -0.03 -28.85 43.62
C ARG G 107 1.16 -29.41 42.84
N GLU G 108 2.15 -29.98 43.55
CA GLU G 108 3.32 -30.60 42.97
C GLU G 108 3.04 -32.08 42.74
N ALA G 109 3.82 -32.69 41.86
CA ALA G 109 3.68 -34.12 41.59
C ALA G 109 4.32 -34.89 42.74
N VAL G 110 3.71 -36.03 43.11
CA VAL G 110 4.24 -36.86 44.18
C VAL G 110 4.68 -38.19 43.60
N SER G 111 5.96 -38.52 43.77
CA SER G 111 6.52 -39.76 43.26
C SER G 111 6.35 -40.89 44.28
N MET G 112 5.89 -42.07 43.83
CA MET G 112 5.71 -43.26 44.68
C MET G 112 7.06 -43.66 45.30
N ASN G 113 8.11 -43.72 44.47
CA ASN G 113 9.45 -44.08 44.93
C ASN G 113 10.01 -43.07 45.93
N ASP G 114 9.61 -41.80 45.83
CA ASP G 114 10.01 -40.73 46.73
C ASP G 114 9.35 -40.95 48.11
N VAL G 115 8.06 -41.34 48.12
CA VAL G 115 7.30 -41.62 49.34
C VAL G 115 7.94 -42.80 50.07
N ILE G 116 8.34 -43.84 49.32
CA ILE G 116 9.01 -45.01 49.89
C ILE G 116 10.32 -44.60 50.54
N GLU G 117 11.13 -43.78 49.85
CA GLU G 117 12.40 -43.31 50.38
C GLU G 117 12.21 -42.49 51.65
N LYS G 118 11.23 -41.58 51.68
CA LYS G 118 10.95 -40.76 52.85
C LYS G 118 10.53 -41.61 54.06
N THR G 119 9.80 -42.70 53.81
CA THR G 119 9.37 -43.60 54.88
C THR G 119 10.57 -44.33 55.47
N VAL G 120 11.49 -44.79 54.60
CA VAL G 120 12.73 -45.47 55.00
C VAL G 120 13.56 -44.55 55.88
N LYS G 121 13.66 -43.26 55.49
CA LYS G 121 14.42 -42.27 56.25
C LYS G 121 13.97 -42.21 57.72
N THR G 122 12.65 -42.17 57.95
CA THR G 122 12.12 -42.12 59.30
C THR G 122 12.39 -43.41 60.07
N ILE G 123 12.27 -44.57 59.41
CA ILE G 123 12.54 -45.86 60.06
C ILE G 123 14.01 -45.93 60.51
N VAL G 124 14.94 -45.54 59.63
CA VAL G 124 16.37 -45.53 59.91
C VAL G 124 16.71 -44.56 61.06
N SER G 125 16.09 -43.36 61.06
CA SER G 125 16.34 -42.38 62.11
C SER G 125 15.73 -42.78 63.47
N ASP G 126 14.69 -43.62 63.46
CA ASP G 126 14.04 -44.07 64.70
C ASP G 126 14.67 -45.34 65.30
N ALA G 127 15.71 -45.90 64.67
CA ALA G 127 16.36 -47.11 65.20
C ALA G 127 17.20 -46.79 66.44
N ARG H 1 -15.08 -46.34 30.84
CA ARG H 1 -14.30 -45.32 30.12
C ARG H 1 -12.91 -45.15 30.70
N LYS H 2 -11.99 -44.65 29.86
CA LYS H 2 -10.61 -44.45 30.25
C LYS H 2 -10.12 -43.04 29.90
N PRO H 3 -9.18 -42.49 30.69
CA PRO H 3 -8.66 -41.14 30.40
C PRO H 3 -7.84 -41.08 29.11
N SER H 4 -7.40 -39.87 28.72
CA SER H 4 -6.60 -39.66 27.53
C SER H 4 -5.24 -39.11 27.91
N LEU H 5 -4.16 -39.81 27.51
CA LEU H 5 -2.81 -39.35 27.82
C LEU H 5 -2.12 -38.89 26.55
N LEU H 6 -1.72 -37.61 26.51
CA LEU H 6 -1.06 -37.01 25.35
C LEU H 6 0.27 -36.41 25.75
N ALA H 7 1.21 -36.29 24.79
CA ALA H 7 2.50 -35.69 25.07
C ALA H 7 2.65 -34.41 24.25
N HIS H 8 3.03 -33.29 24.89
CA HIS H 8 3.22 -32.02 24.22
C HIS H 8 4.66 -31.57 24.38
N PRO H 9 5.38 -31.32 23.27
CA PRO H 9 4.91 -31.36 21.88
C PRO H 9 4.81 -32.74 21.23
N GLY H 10 5.44 -33.74 21.83
CA GLY H 10 5.42 -35.10 21.30
C GLY H 10 6.14 -36.10 22.18
N PRO H 11 6.04 -37.42 21.88
CA PRO H 11 6.69 -38.43 22.73
C PRO H 11 8.17 -38.66 22.47
N LEU H 12 8.67 -38.27 21.29
CA LEU H 12 10.08 -38.41 20.98
C LEU H 12 10.77 -37.13 21.43
N VAL H 13 11.32 -37.16 22.64
CA VAL H 13 11.92 -36.00 23.31
C VAL H 13 13.42 -36.05 23.23
N LYS H 14 14.09 -34.92 22.94
CA LYS H 14 15.55 -34.89 22.95
C LYS H 14 16.06 -34.79 24.38
N SER H 15 17.31 -35.18 24.62
CA SER H 15 17.89 -35.14 25.97
C SER H 15 17.90 -33.72 26.55
N GLU H 16 17.57 -33.59 27.84
CA GLU H 16 17.52 -32.31 28.55
C GLU H 16 16.38 -31.38 28.08
N GLU H 17 15.63 -31.75 27.04
CA GLU H 17 14.50 -30.94 26.58
C GLU H 17 13.27 -31.14 27.48
N THR H 18 12.30 -30.24 27.38
CA THR H 18 11.11 -30.30 28.22
C THR H 18 9.90 -30.91 27.51
N VAL H 19 9.11 -31.70 28.23
CA VAL H 19 7.91 -32.34 27.69
C VAL H 19 6.79 -32.35 28.74
N ILE H 20 5.54 -32.18 28.29
CA ILE H 20 4.40 -32.16 29.20
C ILE H 20 3.47 -33.31 28.87
N LEU H 21 3.24 -34.20 29.82
CA LEU H 21 2.32 -35.31 29.64
C LEU H 21 0.98 -34.87 30.23
N GLN H 22 0.00 -34.55 29.36
CA GLN H 22 -1.31 -34.09 29.81
C GLN H 22 -2.34 -35.23 29.88
N CYS H 23 -2.94 -35.43 31.05
CA CYS H 23 -3.93 -36.47 31.28
C CYS H 23 -5.29 -35.81 31.45
N TRP H 24 -6.32 -36.26 30.71
CA TRP H 24 -7.64 -35.64 30.84
C TRP H 24 -8.78 -36.65 30.73
N SER H 25 -9.92 -36.36 31.39
CA SER H 25 -11.09 -37.23 31.34
C SER H 25 -12.40 -36.48 31.49
N ASP H 26 -13.51 -37.10 31.02
CA ASP H 26 -14.87 -36.60 31.17
C ASP H 26 -15.55 -37.16 32.48
N VAL H 27 -14.82 -37.95 33.27
CA VAL H 27 -15.31 -38.51 34.53
C VAL H 27 -14.54 -37.87 35.67
N MET H 28 -15.25 -37.24 36.62
CA MET H 28 -14.64 -36.60 37.80
C MET H 28 -13.71 -37.57 38.54
N PHE H 29 -12.43 -37.22 38.60
CA PHE H 29 -11.46 -38.04 39.30
C PHE H 29 -10.93 -37.24 40.46
N GLU H 30 -10.99 -37.77 41.69
CA GLU H 30 -10.47 -37.06 42.87
C GLU H 30 -9.03 -36.56 42.67
N HIS H 31 -8.25 -37.36 41.95
CA HIS H 31 -6.86 -37.11 41.58
C HIS H 31 -6.45 -37.98 40.36
N PHE H 32 -5.19 -37.86 39.92
CA PHE H 32 -4.69 -38.61 38.77
C PHE H 32 -3.46 -39.42 39.15
N LEU H 33 -3.28 -40.58 38.52
CA LEU H 33 -2.13 -41.42 38.78
C LEU H 33 -1.46 -41.81 37.48
N LEU H 34 -0.23 -41.36 37.27
CA LEU H 34 0.50 -41.64 36.03
C LEU H 34 1.54 -42.74 36.28
N HIS H 35 1.43 -43.87 35.60
CA HIS H 35 2.37 -44.97 35.80
C HIS H 35 3.39 -45.06 34.69
N ARG H 36 4.67 -45.16 35.04
CA ARG H 36 5.73 -45.33 34.07
C ARG H 36 6.27 -46.72 34.22
N GLU H 37 6.45 -47.44 33.13
CA GLU H 37 7.05 -48.77 33.16
C GLU H 37 8.30 -48.65 32.31
N GLY H 38 9.45 -48.99 32.88
CA GLY H 38 10.70 -48.93 32.16
C GLY H 38 11.87 -49.37 32.99
N MET H 39 13.01 -48.70 32.82
CA MET H 39 14.24 -48.93 33.56
C MET H 39 13.93 -48.74 35.05
N PHE H 40 13.39 -47.56 35.40
CA PHE H 40 13.00 -47.26 36.76
C PHE H 40 11.53 -46.93 36.72
N ASN H 41 10.65 -47.93 36.89
CA ASN H 41 9.22 -47.67 36.80
C ASN H 41 8.71 -47.11 38.14
N ASP H 42 7.82 -46.11 38.04
CA ASP H 42 7.30 -45.33 39.15
C ASP H 42 5.83 -44.93 38.90
N THR H 43 5.15 -44.40 39.91
CA THR H 43 3.78 -43.91 39.79
C THR H 43 3.77 -42.49 40.36
N LEU H 44 3.12 -41.56 39.66
CA LEU H 44 3.09 -40.17 40.09
C LEU H 44 1.68 -39.70 40.39
N ARG H 45 1.54 -38.92 41.45
CA ARG H 45 0.26 -38.43 41.90
C ARG H 45 0.12 -36.93 41.72
N LEU H 46 -0.88 -36.51 40.96
CA LEU H 46 -1.17 -35.09 40.75
C LEU H 46 -2.67 -34.91 40.87
N ILE H 47 -3.10 -33.91 41.64
CA ILE H 47 -4.52 -33.70 41.90
C ILE H 47 -5.29 -33.31 40.63
N GLY H 48 -4.93 -32.21 40.01
CA GLY H 48 -5.60 -31.78 38.79
C GLY H 48 -6.66 -30.72 39.00
N GLU H 49 -7.42 -30.41 37.94
CA GLU H 49 -8.44 -29.39 37.96
C GLU H 49 -9.74 -29.86 37.30
N HIS H 50 -10.85 -29.87 38.05
CA HIS H 50 -12.15 -30.25 37.48
C HIS H 50 -12.97 -29.00 37.20
N HIS H 51 -13.35 -28.80 35.94
CA HIS H 51 -14.15 -27.66 35.51
C HIS H 51 -15.01 -28.11 34.34
N ASP H 52 -16.30 -27.77 34.34
CA ASP H 52 -17.24 -28.11 33.26
C ASP H 52 -17.22 -29.59 32.88
N GLY H 53 -17.22 -30.44 33.89
CA GLY H 53 -17.23 -31.88 33.72
C GLY H 53 -15.95 -32.47 33.14
N VAL H 54 -14.85 -31.71 33.18
CA VAL H 54 -13.58 -32.20 32.66
C VAL H 54 -12.47 -32.07 33.72
N SER H 55 -11.79 -33.18 34.02
CA SER H 55 -10.68 -33.17 34.96
C SER H 55 -9.40 -33.27 34.15
N LYS H 56 -8.38 -32.44 34.46
CA LYS H 56 -7.12 -32.45 33.72
C LYS H 56 -5.93 -32.34 34.66
N ALA H 57 -4.80 -32.98 34.32
CA ALA H 57 -3.56 -32.87 35.08
C ALA H 57 -2.40 -32.81 34.11
N ASN H 58 -1.42 -31.92 34.39
CA ASN H 58 -0.25 -31.74 33.54
C ASN H 58 1.02 -32.12 34.27
N PHE H 59 1.63 -33.25 33.89
CA PHE H 59 2.87 -33.73 34.51
C PHE H 59 4.02 -33.22 33.65
N SER H 60 4.77 -32.23 34.15
CA SER H 60 5.85 -31.63 33.38
C SER H 60 7.22 -32.18 33.68
N ILE H 61 7.93 -32.60 32.62
CA ILE H 61 9.31 -33.04 32.74
C ILE H 61 10.14 -31.87 32.21
N SER H 62 10.76 -31.11 33.13
CA SER H 62 11.53 -29.93 32.76
C SER H 62 12.77 -30.27 31.98
N ARG H 63 13.53 -31.27 32.45
CA ARG H 63 14.75 -31.73 31.80
C ARG H 63 14.59 -33.22 31.56
N MET H 64 14.54 -33.63 30.29
CA MET H 64 14.40 -35.05 29.94
C MET H 64 15.64 -35.82 30.31
N THR H 65 15.47 -36.92 31.04
CA THR H 65 16.58 -37.77 31.44
C THR H 65 16.27 -39.23 31.19
N GLN H 66 17.31 -40.04 31.05
CA GLN H 66 17.24 -41.49 30.81
C GLN H 66 16.21 -42.21 31.69
N ASP H 67 16.27 -41.99 33.00
CA ASP H 67 15.38 -42.62 33.96
C ASP H 67 13.91 -42.29 33.76
N LEU H 68 13.60 -41.15 33.15
CA LEU H 68 12.22 -40.72 32.91
C LEU H 68 11.58 -41.29 31.64
N ALA H 69 12.35 -42.04 30.84
CA ALA H 69 11.82 -42.61 29.61
C ALA H 69 11.15 -43.97 29.91
N GLY H 70 10.01 -44.22 29.29
CA GLY H 70 9.28 -45.46 29.48
C GLY H 70 7.84 -45.39 28.97
N THR H 71 7.05 -46.46 29.22
CA THR H 71 5.65 -46.50 28.79
C THR H 71 4.76 -45.93 29.87
N TYR H 72 4.13 -44.78 29.59
CA TYR H 72 3.26 -44.12 30.54
C TYR H 72 1.80 -44.46 30.30
N ARG H 73 0.99 -44.40 31.37
CA ARG H 73 -0.46 -44.60 31.30
C ARG H 73 -1.09 -43.93 32.50
N CYS H 74 -2.15 -43.12 32.31
CA CYS H 74 -2.77 -42.49 33.47
C CYS H 74 -4.12 -43.13 33.84
N TYR H 75 -4.38 -43.15 35.14
CA TYR H 75 -5.55 -43.70 35.80
C TYR H 75 -6.21 -42.59 36.65
N GLY H 76 -7.48 -42.79 37.00
CA GLY H 76 -8.24 -41.87 37.85
C GLY H 76 -8.52 -42.43 39.23
N SER H 77 -9.42 -41.80 40.00
CA SER H 77 -9.71 -42.25 41.35
C SER H 77 -11.16 -41.98 41.75
N VAL H 78 -11.80 -42.93 42.47
CA VAL H 78 -13.19 -42.80 42.91
C VAL H 78 -13.46 -43.56 44.20
N PRO H 82 -10.51 -43.24 47.61
CA PRO H 82 -10.38 -43.71 46.22
C PRO H 82 -9.86 -45.14 46.06
N TYR H 83 -10.61 -46.14 46.60
CA TYR H 83 -10.20 -47.54 46.46
C TYR H 83 -10.35 -48.04 45.04
N GLN H 84 -11.39 -47.57 44.33
CA GLN H 84 -11.62 -47.94 42.95
C GLN H 84 -10.94 -46.95 42.02
N VAL H 85 -10.03 -47.42 41.17
CA VAL H 85 -9.35 -46.57 40.17
C VAL H 85 -9.91 -46.86 38.77
N SER H 86 -9.85 -45.89 37.85
CA SER H 86 -10.40 -46.06 36.50
C SER H 86 -9.59 -47.03 35.62
N ALA H 87 -10.10 -47.35 34.42
CA ALA H 87 -9.36 -48.18 33.48
C ALA H 87 -8.19 -47.33 32.94
N PRO H 88 -7.02 -47.94 32.68
CA PRO H 88 -5.88 -47.14 32.22
C PRO H 88 -6.09 -46.54 30.84
N SER H 89 -5.42 -45.42 30.59
CA SER H 89 -5.45 -44.79 29.27
C SER H 89 -4.62 -45.65 28.30
N ASP H 90 -4.65 -45.31 27.00
CA ASP H 90 -3.85 -46.01 26.01
C ASP H 90 -2.37 -45.70 26.28
N PRO H 91 -1.51 -46.72 26.27
CA PRO H 91 -0.08 -46.50 26.58
C PRO H 91 0.61 -45.50 25.67
N LEU H 92 1.44 -44.65 26.28
CA LEU H 92 2.17 -43.62 25.56
C LEU H 92 3.65 -43.83 25.85
N ASP H 93 4.45 -44.18 24.83
CA ASP H 93 5.88 -44.40 25.03
C ASP H 93 6.68 -43.12 24.93
N ILE H 94 7.27 -42.66 26.04
CA ILE H 94 8.12 -41.46 26.01
C ILE H 94 9.53 -41.92 25.75
N VAL H 95 10.07 -41.61 24.57
CA VAL H 95 11.40 -42.04 24.18
C VAL H 95 12.39 -40.88 24.10
N ILE H 96 13.62 -41.09 24.56
CA ILE H 96 14.65 -40.05 24.51
C ILE H 96 15.49 -40.28 23.20
N ILE H 97 15.57 -39.26 22.33
CA ILE H 97 16.17 -39.42 21.00
C ILE H 97 17.50 -38.66 20.76
N GLY H 98 18.20 -39.00 19.67
CA GLY H 98 19.45 -38.38 19.23
C GLY H 98 20.70 -38.80 19.97
N LEU H 99 20.70 -40.03 20.53
CA LEU H 99 21.81 -40.55 21.32
C LEU H 99 22.86 -41.37 20.57
N TYR H 100 22.49 -41.98 19.43
CA TYR H 100 23.42 -42.83 18.66
C TYR H 100 23.52 -42.33 17.20
N GLU H 101 24.53 -42.79 16.41
CA GLU H 101 24.71 -42.29 15.04
C GLU H 101 23.50 -42.57 14.13
N LYS H 102 23.07 -41.54 13.38
CA LYS H 102 21.93 -41.47 12.48
C LYS H 102 21.89 -42.60 11.42
N PRO H 103 20.82 -43.42 11.33
CA PRO H 103 20.76 -44.44 10.27
C PRO H 103 20.31 -43.86 8.90
N SER H 104 20.17 -44.69 7.86
CA SER H 104 19.75 -44.24 6.52
C SER H 104 18.47 -44.89 6.06
N LEU H 105 17.52 -44.08 5.60
CA LEU H 105 16.23 -44.58 5.14
C LEU H 105 16.09 -44.47 3.62
N SER H 106 15.81 -45.59 2.96
CA SER H 106 15.62 -45.64 1.50
C SER H 106 14.29 -46.32 1.14
N ALA H 107 13.75 -46.09 -0.08
CA ALA H 107 12.48 -46.70 -0.48
C ALA H 107 12.63 -47.68 -1.60
N GLN H 108 11.83 -48.76 -1.55
CA GLN H 108 11.80 -49.78 -2.60
C GLN H 108 10.35 -50.00 -3.04
N PRO H 109 10.04 -49.95 -4.35
CA PRO H 109 10.96 -49.77 -5.50
C PRO H 109 11.52 -48.36 -5.64
N GLY H 110 10.81 -47.38 -5.12
CA GLY H 110 11.23 -46.00 -5.19
C GLY H 110 10.39 -45.11 -4.29
N PRO H 111 10.79 -43.84 -4.14
CA PRO H 111 10.02 -42.93 -3.27
C PRO H 111 8.73 -42.41 -3.90
N THR H 112 8.45 -42.75 -5.17
CA THR H 112 7.23 -42.33 -5.87
C THR H 112 6.62 -43.55 -6.55
N VAL H 113 5.43 -43.97 -6.10
CA VAL H 113 4.76 -45.15 -6.64
C VAL H 113 3.27 -44.86 -6.90
N LEU H 114 2.65 -45.68 -7.74
CA LEU H 114 1.20 -45.59 -8.02
C LEU H 114 0.45 -46.27 -6.87
N ALA H 115 -0.74 -45.78 -6.52
CA ALA H 115 -1.55 -46.37 -5.43
C ALA H 115 -1.79 -47.86 -5.63
N GLY H 116 -1.59 -48.65 -4.59
CA GLY H 116 -1.72 -50.10 -4.69
C GLY H 116 -0.40 -50.83 -4.87
N GLU H 117 0.67 -50.11 -5.21
CA GLU H 117 1.99 -50.71 -5.40
C GLU H 117 2.59 -51.01 -4.03
N ASN H 118 3.19 -52.21 -3.87
CA ASN H 118 3.77 -52.53 -2.58
C ASN H 118 5.08 -51.81 -2.41
N VAL H 119 5.18 -51.05 -1.31
CA VAL H 119 6.38 -50.29 -0.95
C VAL H 119 7.00 -50.87 0.29
N THR H 120 8.33 -50.81 0.38
CA THR H 120 9.06 -51.32 1.52
C THR H 120 10.20 -50.33 1.80
N LEU H 121 10.21 -49.72 2.98
CA LEU H 121 11.26 -48.78 3.33
C LEU H 121 12.36 -49.51 4.08
N SER H 122 13.62 -49.29 3.70
CA SER H 122 14.75 -49.97 4.31
C SER H 122 15.55 -49.02 5.19
N CYS H 123 15.67 -49.35 6.48
CA CYS H 123 16.41 -48.56 7.47
C CYS H 123 17.72 -49.29 7.70
N SER H 124 18.86 -48.67 7.35
CA SER H 124 20.16 -49.33 7.46
C SER H 124 21.17 -48.56 8.30
N SER H 125 22.15 -49.29 8.86
CA SER H 125 23.17 -48.71 9.72
C SER H 125 24.45 -49.55 9.80
N ARG H 126 25.59 -48.93 10.15
CA ARG H 126 26.90 -49.58 10.25
C ARG H 126 26.94 -50.47 11.48
N SER H 127 26.45 -49.95 12.61
CA SER H 127 26.39 -50.74 13.84
C SER H 127 25.08 -51.53 13.81
N SER H 128 25.07 -52.65 14.54
CA SER H 128 23.90 -53.49 14.55
C SER H 128 23.00 -53.16 15.71
N TYR H 129 22.08 -52.20 15.54
CA TYR H 129 21.04 -51.92 16.53
C TYR H 129 20.18 -53.20 16.71
N ASP H 130 19.63 -53.38 17.91
CA ASP H 130 18.79 -54.53 18.18
C ASP H 130 17.38 -54.32 17.61
N MET H 131 16.93 -53.05 17.51
CA MET H 131 15.63 -52.72 16.94
C MET H 131 15.69 -51.49 16.06
N TYR H 132 14.86 -51.43 15.04
CA TYR H 132 14.75 -50.25 14.20
C TYR H 132 13.31 -49.78 14.30
N HIS H 133 13.11 -48.46 14.33
CA HIS H 133 11.76 -47.92 14.48
C HIS H 133 11.43 -46.99 13.36
N LEU H 134 10.31 -47.24 12.66
CA LEU H 134 9.91 -46.41 11.54
C LEU H 134 8.76 -45.51 11.94
N SER H 135 8.98 -44.20 11.87
CA SER H 135 8.01 -43.22 12.27
C SER H 135 7.45 -42.46 11.09
N ARG H 136 6.13 -42.39 11.01
CA ARG H 136 5.48 -41.64 9.96
C ARG H 136 5.03 -40.33 10.55
N GLU H 137 5.41 -39.20 9.93
CA GLU H 137 5.05 -37.87 10.41
C GLU H 137 3.53 -37.71 10.38
N GLY H 138 2.92 -37.56 11.55
CA GLY H 138 1.47 -37.47 11.64
C GLY H 138 0.80 -38.73 12.16
N GLU H 139 1.57 -39.81 12.39
CA GLU H 139 1.04 -41.07 12.91
C GLU H 139 1.46 -41.23 14.38
N ALA H 140 0.55 -41.73 15.22
CA ALA H 140 0.78 -41.87 16.66
C ALA H 140 1.79 -42.93 17.07
N HIS H 141 1.70 -44.15 16.51
CA HIS H 141 2.61 -45.21 16.92
C HIS H 141 3.48 -45.74 15.79
N GLU H 142 4.75 -45.87 16.15
CA GLU H 142 5.88 -46.27 15.34
C GLU H 142 5.94 -47.78 15.04
N ARG H 143 6.71 -48.18 14.03
CA ARG H 143 6.83 -49.58 13.65
C ARG H 143 8.13 -50.17 14.18
N ARG H 144 8.07 -51.23 15.00
CA ARG H 144 9.29 -51.88 15.51
C ARG H 144 9.64 -53.06 14.61
N LEU H 145 10.94 -53.30 14.40
CA LEU H 145 11.40 -54.45 13.61
C LEU H 145 12.88 -54.70 13.87
N PRO H 146 13.30 -55.96 14.09
CA PRO H 146 14.73 -56.23 14.33
C PRO H 146 15.63 -56.14 13.08
N ALA H 147 16.96 -56.26 13.25
CA ALA H 147 18.01 -56.12 12.23
C ALA H 147 17.80 -56.84 10.86
N GLY H 148 17.50 -58.15 10.84
CA GLY H 148 17.30 -58.88 9.60
C GLY H 148 18.54 -59.11 8.74
N PRO H 149 18.50 -58.74 7.45
CA PRO H 149 19.69 -58.96 6.58
C PRO H 149 20.84 -57.94 6.70
N LYS H 150 22.01 -58.29 6.11
CA LYS H 150 23.20 -57.44 6.02
C LYS H 150 23.61 -57.34 4.53
N VAL H 151 23.31 -56.21 3.87
CA VAL H 151 23.56 -56.07 2.44
C VAL H 151 25.05 -55.85 2.04
N ASN H 152 25.70 -54.78 2.55
CA ASN H 152 27.08 -54.50 2.17
C ASN H 152 27.76 -53.88 3.38
N GLY H 153 28.11 -54.72 4.34
CA GLY H 153 28.72 -54.26 5.59
C GLY H 153 27.78 -53.50 6.51
N THR H 154 26.53 -53.35 6.10
CA THR H 154 25.52 -52.63 6.87
C THR H 154 24.37 -53.56 7.19
N PHE H 155 23.68 -53.30 8.28
CA PHE H 155 22.54 -54.10 8.71
C PHE H 155 21.31 -53.29 8.40
N GLN H 156 20.36 -53.87 7.65
CA GLN H 156 19.13 -53.15 7.34
C GLN H 156 17.88 -53.89 7.71
N ALA H 157 16.93 -53.19 8.32
CA ALA H 157 15.61 -53.71 8.65
C ALA H 157 14.71 -53.22 7.54
N ASP H 158 13.97 -54.13 6.91
CA ASP H 158 13.10 -53.75 5.80
C ASP H 158 11.66 -53.76 6.24
N PHE H 159 11.03 -52.60 6.20
CA PHE H 159 9.66 -52.43 6.63
C PHE H 159 8.71 -52.48 5.47
N PRO H 160 8.00 -53.60 5.27
CA PRO H 160 7.02 -53.64 4.19
C PRO H 160 5.78 -52.85 4.59
N LEU H 161 5.41 -51.85 3.79
CA LEU H 161 4.22 -51.04 4.06
C LEU H 161 2.96 -51.58 3.38
N GLY H 162 3.07 -52.63 2.57
CA GLY H 162 1.93 -53.16 1.83
C GLY H 162 1.57 -52.28 0.65
N PRO H 163 0.36 -52.44 0.09
CA PRO H 163 -0.03 -51.59 -1.04
C PRO H 163 -0.11 -50.12 -0.64
N ALA H 164 0.39 -49.23 -1.52
CA ALA H 164 0.42 -47.78 -1.32
C ALA H 164 -0.98 -47.22 -1.13
N THR H 165 -1.15 -46.39 -0.10
CA THR H 165 -2.44 -45.78 0.21
C THR H 165 -2.35 -44.27 0.04
N HIS H 166 -1.60 -43.59 0.91
CA HIS H 166 -1.41 -42.15 0.86
C HIS H 166 0.07 -41.87 1.13
N GLY H 167 0.52 -40.68 0.77
CA GLY H 167 1.92 -40.31 0.94
C GLY H 167 2.34 -40.16 2.38
N GLY H 168 3.53 -39.62 2.63
CA GLY H 168 3.98 -39.42 4.00
C GLY H 168 5.47 -39.24 4.14
N THR H 169 5.87 -38.54 5.19
CA THR H 169 7.28 -38.31 5.48
C THR H 169 7.70 -39.29 6.56
N TYR H 170 8.70 -40.11 6.27
CA TYR H 170 9.16 -41.13 7.20
C TYR H 170 10.56 -40.84 7.74
N ARG H 171 10.82 -41.30 8.96
CA ARG H 171 12.10 -41.17 9.65
C ARG H 171 12.33 -42.47 10.43
N CYS H 172 13.54 -43.02 10.42
CA CYS H 172 13.81 -44.23 11.20
C CYS H 172 14.92 -44.02 12.24
N PHE H 173 14.86 -44.80 13.32
CA PHE H 173 15.77 -44.71 14.46
C PHE H 173 16.24 -46.11 14.86
N GLY H 174 17.31 -46.17 15.64
CA GLY H 174 17.84 -47.45 16.11
C GLY H 174 17.90 -47.50 17.61
N SER H 175 17.70 -48.69 18.19
CA SER H 175 17.76 -48.81 19.63
C SER H 175 18.41 -50.14 20.06
N PHE H 176 18.68 -50.32 21.36
CA PHE H 176 19.27 -51.55 21.87
C PHE H 176 18.33 -52.27 22.83
N HIS H 177 18.45 -53.60 22.93
CA HIS H 177 17.51 -54.40 23.70
C HIS H 177 17.49 -54.07 25.18
N ASP H 178 18.60 -53.58 25.71
CA ASP H 178 18.67 -53.29 27.13
C ASP H 178 18.32 -51.82 27.50
N SER H 179 18.02 -50.98 26.49
CA SER H 179 17.52 -49.60 26.68
C SER H 179 16.52 -49.31 25.57
N PRO H 180 15.30 -49.87 25.64
CA PRO H 180 14.34 -49.71 24.53
C PRO H 180 13.72 -48.32 24.37
N TYR H 181 13.91 -47.43 25.36
CA TYR H 181 13.37 -46.08 25.26
C TYR H 181 14.45 -45.01 25.01
N GLU H 182 15.63 -45.43 24.52
CA GLU H 182 16.74 -44.54 24.16
C GLU H 182 17.05 -44.84 22.72
N TRP H 183 16.79 -43.88 21.83
CA TRP H 183 16.95 -44.08 20.38
C TRP H 183 18.05 -43.27 19.77
N SER H 184 18.50 -43.68 18.58
CA SER H 184 19.53 -42.99 17.84
C SER H 184 19.00 -41.68 17.28
N LYS H 185 19.87 -40.92 16.61
CA LYS H 185 19.52 -39.69 15.92
C LYS H 185 18.61 -40.09 14.75
N SER H 186 17.55 -39.34 14.49
CA SER H 186 16.63 -39.64 13.39
C SER H 186 17.35 -39.65 12.06
N SER H 187 17.02 -40.59 11.18
CA SER H 187 17.56 -40.60 9.82
C SER H 187 16.97 -39.39 9.05
N ASP H 188 17.57 -39.04 7.92
CA ASP H 188 17.07 -37.94 7.10
C ASP H 188 15.66 -38.27 6.56
N PRO H 189 14.71 -37.35 6.69
CA PRO H 189 13.32 -37.65 6.30
C PRO H 189 13.15 -38.08 4.85
N LEU H 190 12.42 -39.17 4.62
CA LEU H 190 12.15 -39.66 3.28
C LEU H 190 10.70 -39.42 2.93
N LEU H 191 10.43 -38.72 1.82
CA LEU H 191 9.06 -38.46 1.40
C LEU H 191 8.57 -39.51 0.39
N VAL H 192 7.50 -40.22 0.76
CA VAL H 192 6.90 -41.20 -0.14
C VAL H 192 5.72 -40.51 -0.83
N SER H 193 5.66 -40.60 -2.16
CA SER H 193 4.61 -39.97 -2.94
C SER H 193 3.77 -41.02 -3.63
N VAL H 194 2.47 -41.03 -3.36
CA VAL H 194 1.54 -41.97 -3.96
C VAL H 194 0.71 -41.27 -5.02
N THR H 195 0.85 -41.68 -6.28
CA THR H 195 0.11 -41.07 -7.38
C THR H 195 -1.00 -41.99 -7.89
N GLU I 19 -18.44 -29.32 17.30
CA GLU I 19 -19.29 -29.53 18.46
C GLU I 19 -20.03 -28.25 18.88
N ALA I 20 -21.04 -28.38 19.76
CA ALA I 20 -21.86 -27.26 20.23
C ALA I 20 -21.03 -26.21 20.95
N ALA I 21 -20.03 -26.64 21.73
CA ALA I 21 -19.15 -25.72 22.46
C ALA I 21 -18.25 -24.96 21.50
N ARG I 22 -17.74 -25.64 20.46
CA ARG I 22 -16.89 -25.03 19.44
C ARG I 22 -17.67 -23.96 18.68
N ILE I 23 -18.95 -24.21 18.39
CA ILE I 23 -19.82 -23.27 17.69
C ILE I 23 -19.96 -21.97 18.47
N ALA I 24 -20.32 -22.06 19.76
CA ALA I 24 -20.48 -20.89 20.62
C ALA I 24 -19.18 -20.12 20.80
N ALA I 25 -18.04 -20.82 20.81
CA ALA I 25 -16.73 -20.19 20.97
C ALA I 25 -16.40 -19.33 19.75
N ALA I 26 -16.68 -19.84 18.54
CA ALA I 26 -16.41 -19.10 17.32
C ALA I 26 -17.42 -17.99 17.08
N ILE I 27 -18.68 -18.16 17.53
CA ILE I 27 -19.71 -17.12 17.41
C ILE I 27 -19.31 -15.94 18.26
N ASP I 28 -18.93 -16.20 19.53
CA ASP I 28 -18.50 -15.15 20.45
C ASP I 28 -17.24 -14.43 19.94
N ALA I 29 -16.35 -15.14 19.25
CA ALA I 29 -15.14 -14.55 18.69
C ALA I 29 -15.51 -13.53 17.60
N VAL I 30 -16.52 -13.86 16.78
CA VAL I 30 -17.01 -12.96 15.72
C VAL I 30 -17.67 -11.75 16.36
N ILE I 31 -18.55 -11.96 17.35
CA ILE I 31 -19.22 -10.87 18.06
C ILE I 31 -18.20 -9.90 18.68
N LYS I 32 -17.22 -10.43 19.42
CA LYS I 32 -16.16 -9.63 20.05
C LYS I 32 -15.30 -8.90 19.02
N GLY I 33 -14.99 -9.60 17.92
CA GLY I 33 -14.20 -9.04 16.83
C GLY I 33 -14.87 -7.86 16.18
N ILE I 34 -16.17 -7.98 15.87
CA ILE I 34 -16.94 -6.91 15.26
C ILE I 34 -16.99 -5.70 16.20
N GLU I 35 -17.32 -5.94 17.47
CA GLU I 35 -17.43 -4.89 18.46
C GLU I 35 -16.11 -4.13 18.70
N THR I 36 -14.98 -4.82 18.81
CA THR I 36 -13.70 -4.17 19.06
C THR I 36 -13.12 -3.48 17.83
N LYS I 37 -13.29 -4.06 16.64
CA LYS I 37 -12.75 -3.49 15.41
C LYS I 37 -13.54 -2.24 14.99
N PHE I 38 -14.87 -2.32 15.01
CA PHE I 38 -15.70 -1.19 14.62
C PHE I 38 -16.03 -0.20 15.75
N GLY I 39 -15.67 -0.54 16.99
CA GLY I 39 -15.93 0.32 18.13
C GLY I 39 -17.41 0.49 18.38
N VAL I 40 -18.17 -0.60 18.20
CA VAL I 40 -19.62 -0.58 18.34
C VAL I 40 -20.11 -1.69 19.31
N SER I 41 -21.40 -1.65 19.70
CA SER I 41 -21.96 -2.68 20.58
C SER I 41 -23.14 -3.34 19.90
N THR I 42 -23.17 -4.68 19.91
CA THR I 42 -24.29 -5.42 19.31
C THR I 42 -25.49 -5.60 20.25
N ASN I 43 -25.44 -5.02 21.46
CA ASN I 43 -26.52 -5.11 22.45
C ASN I 43 -27.74 -4.33 21.96
N GLY I 44 -28.89 -4.98 21.90
CA GLY I 44 -30.12 -4.36 21.42
C GLY I 44 -30.26 -4.30 19.91
N VAL I 45 -29.20 -4.65 19.18
CA VAL I 45 -29.17 -4.63 17.73
C VAL I 45 -29.80 -5.91 17.20
N LEU I 46 -31.10 -5.88 16.93
CA LEU I 46 -31.84 -7.02 16.46
C LEU I 46 -31.26 -7.61 15.17
N GLY I 47 -31.11 -6.80 14.13
CA GLY I 47 -30.60 -7.22 12.84
C GLY I 47 -29.33 -8.05 12.90
N LEU I 48 -28.38 -7.60 13.71
CA LEU I 48 -27.11 -8.31 13.87
C LEU I 48 -27.25 -9.54 14.74
N LYS I 49 -28.01 -9.43 15.86
CA LYS I 49 -28.26 -10.54 16.79
C LYS I 49 -28.89 -11.73 16.08
N SER I 50 -29.80 -11.46 15.15
CA SER I 50 -30.49 -12.49 14.37
C SER I 50 -29.53 -13.34 13.52
N LEU I 51 -28.38 -12.77 13.14
CA LEU I 51 -27.40 -13.48 12.31
C LEU I 51 -26.32 -14.22 13.10
N PHE I 52 -26.30 -14.13 14.43
CA PHE I 52 -25.29 -14.83 15.23
C PHE I 52 -25.68 -16.29 15.47
N THR I 53 -25.92 -17.02 14.37
CA THR I 53 -26.32 -18.43 14.38
C THR I 53 -25.22 -19.29 13.73
N ALA I 54 -25.24 -20.60 13.98
CA ALA I 54 -24.25 -21.52 13.41
C ALA I 54 -24.02 -21.37 11.89
N ASN I 55 -25.08 -21.08 11.13
CA ASN I 55 -24.95 -20.93 9.68
C ASN I 55 -24.69 -19.49 9.25
N ASN I 56 -25.38 -18.53 9.86
CA ASN I 56 -25.26 -17.13 9.47
C ASN I 56 -24.12 -16.34 10.13
N TYR I 57 -23.40 -16.94 11.09
CA TYR I 57 -22.32 -16.24 11.78
C TYR I 57 -21.02 -16.16 10.92
N ASN I 58 -20.93 -16.94 9.83
CA ASN I 58 -19.74 -16.98 8.98
C ASN I 58 -19.90 -16.16 7.71
N ASN I 59 -21.14 -15.94 7.25
CA ASN I 59 -21.41 -15.23 6.00
C ASN I 59 -21.01 -13.77 6.13
N ALA I 60 -19.86 -13.40 5.56
CA ALA I 60 -19.36 -12.04 5.64
C ALA I 60 -20.28 -11.04 4.96
N THR I 61 -20.87 -11.43 3.82
CA THR I 61 -21.78 -10.54 3.09
C THR I 61 -22.99 -10.14 3.91
N LYS I 62 -23.61 -11.12 4.59
CA LYS I 62 -24.78 -10.85 5.42
C LYS I 62 -24.44 -9.94 6.60
N ILE I 63 -23.33 -10.23 7.28
CA ILE I 63 -22.88 -9.44 8.44
C ILE I 63 -22.55 -8.01 8.02
N ALA I 64 -21.83 -7.88 6.91
CA ALA I 64 -21.46 -6.57 6.36
C ALA I 64 -22.72 -5.77 6.03
N GLY I 65 -23.70 -6.41 5.39
CA GLY I 65 -24.96 -5.79 5.04
C GLY I 65 -25.70 -5.31 6.27
N ALA I 66 -25.77 -6.18 7.30
CA ALA I 66 -26.43 -5.85 8.55
C ALA I 66 -25.79 -4.64 9.22
N ILE I 67 -24.45 -4.60 9.37
CA ILE I 67 -23.74 -3.46 9.97
C ILE I 67 -24.11 -2.14 9.29
N ILE I 68 -24.18 -2.17 7.95
CA ILE I 68 -24.56 -1.01 7.16
C ILE I 68 -26.01 -0.63 7.43
N GLU I 69 -26.90 -1.61 7.50
CA GLU I 69 -28.30 -1.34 7.75
C GLU I 69 -28.59 -0.77 9.15
N GLU I 70 -27.96 -1.36 10.17
CA GLU I 70 -28.19 -0.96 11.55
C GLU I 70 -27.43 0.31 11.93
N TYR I 71 -26.13 0.34 11.65
CA TYR I 71 -25.29 1.45 12.06
C TYR I 71 -25.22 2.60 11.07
N LYS I 72 -25.74 2.43 9.84
CA LYS I 72 -25.75 3.46 8.79
C LYS I 72 -24.42 4.23 8.67
N PRO I 73 -23.34 3.56 8.24
CA PRO I 73 -22.03 4.23 8.20
C PRO I 73 -21.94 5.40 7.24
N SER I 74 -22.58 5.30 6.07
CA SER I 74 -22.56 6.38 5.08
C SER I 74 -23.19 7.68 5.62
N SER I 75 -24.06 7.59 6.63
CA SER I 75 -24.67 8.76 7.23
C SER I 75 -23.68 9.57 8.12
N CYS I 76 -22.49 9.01 8.42
CA CYS I 76 -21.45 9.68 9.20
C CYS I 76 -20.79 10.85 8.46
N LEU I 77 -21.08 11.01 7.15
CA LEU I 77 -20.58 12.11 6.32
C LEU I 77 -20.98 13.46 6.93
N THR I 78 -22.20 13.53 7.48
CA THR I 78 -22.72 14.75 8.11
C THR I 78 -22.81 14.62 9.64
N GLY I 79 -22.00 13.76 10.24
CA GLY I 79 -22.00 13.54 11.69
C GLY I 79 -22.86 12.37 12.11
N SER I 86 -22.47 5.51 16.54
CA SER I 86 -21.41 4.71 17.19
C SER I 86 -20.33 4.26 16.20
N ILE I 87 -20.70 4.03 14.94
CA ILE I 87 -19.73 3.62 13.93
C ILE I 87 -18.92 4.79 13.34
N CYS I 88 -19.33 6.04 13.59
CA CYS I 88 -18.65 7.21 13.05
C CYS I 88 -17.17 7.29 13.40
N PRO I 89 -16.70 7.04 14.64
CA PRO I 89 -15.25 7.05 14.88
C PRO I 89 -14.49 6.11 13.95
N TRP I 90 -15.04 4.90 13.69
CA TRP I 90 -14.41 3.96 12.76
C TRP I 90 -14.46 4.53 11.36
N ALA I 91 -15.65 4.96 10.90
CA ALA I 91 -15.85 5.51 9.55
C ALA I 91 -14.88 6.65 9.24
N MET I 92 -14.67 7.56 10.20
CA MET I 92 -13.76 8.68 10.01
C MET I 92 -12.32 8.22 9.92
N GLU I 93 -11.87 7.36 10.85
CA GLU I 93 -10.49 6.89 10.86
C GLU I 93 -10.13 5.99 9.67
N ASN I 94 -11.04 5.10 9.28
CA ASN I 94 -10.76 4.14 8.23
C ASN I 94 -11.26 4.51 6.83
N PHE I 95 -12.11 5.53 6.71
CA PHE I 95 -12.62 5.90 5.39
C PHE I 95 -12.60 7.41 5.09
N PHE I 96 -13.46 8.20 5.75
CA PHE I 96 -13.60 9.63 5.46
C PHE I 96 -12.32 10.42 5.58
N ALA I 97 -11.48 10.10 6.55
CA ALA I 97 -10.20 10.80 6.74
C ALA I 97 -9.03 9.83 6.83
N ALA I 98 -9.11 8.68 6.14
CA ALA I 98 -8.05 7.68 6.16
C ALA I 98 -6.79 8.24 5.53
N ARG I 99 -5.63 7.98 6.16
CA ARG I 99 -4.34 8.43 5.65
C ARG I 99 -3.43 7.22 5.46
N LYS I 100 -2.68 7.19 4.34
CA LYS I 100 -1.78 6.08 3.98
C LYS I 100 -0.86 6.48 2.80
N ILE I 101 0.16 5.66 2.47
CA ILE I 101 1.05 5.90 1.33
C ILE I 101 0.93 4.72 0.33
N PRO I 102 0.17 4.89 -0.76
CA PRO I 102 0.00 3.77 -1.70
C PRO I 102 1.12 3.56 -2.74
N GLY I 103 1.78 4.64 -3.12
CA GLY I 103 2.83 4.58 -4.13
C GLY I 103 2.26 4.54 -5.55
N PHE I 104 1.03 5.07 -5.73
CA PHE I 104 0.34 5.15 -7.01
C PHE I 104 0.05 6.63 -7.42
N ILE I 105 -0.64 6.86 -8.57
CA ILE I 105 -1.00 8.20 -9.03
C ILE I 105 -2.52 8.25 -9.30
N GLN I 106 -3.03 7.28 -10.07
CA GLN I 106 -4.45 7.20 -10.35
C GLN I 106 -5.01 5.94 -9.72
N ARG I 107 -5.11 5.92 -8.38
CA ARG I 107 -5.67 4.80 -7.66
C ARG I 107 -7.19 4.79 -7.91
N GLU I 108 -7.80 3.62 -7.93
CA GLU I 108 -9.22 3.47 -8.19
C GLU I 108 -10.15 3.96 -7.07
N ALA I 109 -11.46 3.95 -7.32
CA ALA I 109 -12.49 4.37 -6.39
C ALA I 109 -12.56 3.45 -5.18
N VAL I 110 -12.86 4.02 -4.01
CA VAL I 110 -12.95 3.22 -2.78
C VAL I 110 -14.37 3.27 -2.28
N SER I 111 -15.05 2.12 -2.20
CA SER I 111 -16.43 2.07 -1.71
C SER I 111 -16.44 1.83 -0.21
N MET I 112 -17.23 2.60 0.53
CA MET I 112 -17.38 2.47 1.97
C MET I 112 -17.88 1.06 2.32
N ASN I 113 -18.92 0.58 1.64
CA ASN I 113 -19.48 -0.74 1.87
C ASN I 113 -18.49 -1.86 1.55
N ASP I 114 -17.57 -1.62 0.63
CA ASP I 114 -16.53 -2.57 0.24
C ASP I 114 -15.50 -2.67 1.37
N VAL I 115 -15.12 -1.52 1.98
CA VAL I 115 -14.19 -1.46 3.10
C VAL I 115 -14.76 -2.22 4.30
N ILE I 116 -16.07 -2.05 4.56
CA ILE I 116 -16.75 -2.76 5.64
C ILE I 116 -16.70 -4.26 5.39
N GLU I 117 -16.99 -4.70 4.16
CA GLU I 117 -16.93 -6.11 3.81
C GLU I 117 -15.54 -6.69 3.99
N LYS I 118 -14.49 -5.96 3.55
CA LYS I 118 -13.11 -6.41 3.68
C LYS I 118 -12.71 -6.57 5.15
N THR I 119 -13.21 -5.68 6.03
CA THR I 119 -12.92 -5.75 7.46
C THR I 119 -13.59 -6.97 8.08
N VAL I 120 -14.85 -7.24 7.71
CA VAL I 120 -15.61 -8.39 8.20
C VAL I 120 -14.95 -9.71 7.76
N LYS I 121 -14.33 -9.73 6.56
CA LYS I 121 -13.63 -10.90 6.06
C LYS I 121 -12.47 -11.28 6.99
N THR I 122 -11.68 -10.28 7.42
CA THR I 122 -10.56 -10.53 8.31
C THR I 122 -11.02 -10.98 9.69
N ILE I 123 -12.10 -10.39 10.22
CA ILE I 123 -12.64 -10.78 11.53
C ILE I 123 -13.09 -12.25 11.50
N VAL I 124 -13.83 -12.64 10.45
CA VAL I 124 -14.32 -14.00 10.25
C VAL I 124 -13.15 -15.00 10.11
N SER I 125 -12.11 -14.64 9.35
CA SER I 125 -10.96 -15.51 9.17
C SER I 125 -10.09 -15.64 10.43
N ASP I 126 -10.14 -14.65 11.33
CA ASP I 126 -9.35 -14.70 12.58
C ASP I 126 -10.12 -15.35 13.72
N ARG J 1 -16.28 26.49 -4.97
CA ARG J 1 -17.72 26.30 -4.97
C ARG J 1 -18.11 24.80 -5.16
N LYS J 2 -19.42 24.51 -5.24
CA LYS J 2 -19.94 23.16 -5.38
C LYS J 2 -19.45 22.46 -6.65
N PRO J 3 -19.11 21.15 -6.55
CA PRO J 3 -18.66 20.40 -7.72
C PRO J 3 -19.78 20.11 -8.74
N SER J 4 -19.42 19.52 -9.88
CA SER J 4 -20.39 19.19 -10.92
C SER J 4 -20.37 17.68 -11.15
N LEU J 5 -21.53 17.05 -11.01
CA LEU J 5 -21.65 15.61 -11.20
C LEU J 5 -22.47 15.34 -12.45
N LEU J 6 -21.89 14.60 -13.37
CA LEU J 6 -22.59 14.23 -14.59
C LEU J 6 -22.41 12.73 -14.88
N ALA J 7 -23.21 12.19 -15.80
CA ALA J 7 -23.17 10.77 -16.10
C ALA J 7 -22.90 10.55 -17.57
N HIS J 8 -21.98 9.63 -17.92
CA HIS J 8 -21.65 9.33 -19.31
C HIS J 8 -21.93 7.87 -19.61
N PRO J 9 -22.77 7.59 -20.62
CA PRO J 9 -23.41 8.52 -21.54
C PRO J 9 -24.65 9.26 -21.01
N GLY J 10 -25.26 8.77 -19.94
CA GLY J 10 -26.44 9.42 -19.38
C GLY J 10 -26.92 8.79 -18.08
N PRO J 11 -27.86 9.46 -17.35
CA PRO J 11 -28.34 8.88 -16.08
C PRO J 11 -29.34 7.75 -16.22
N LEU J 12 -30.01 7.66 -17.37
CA LEU J 12 -30.98 6.59 -17.60
C LEU J 12 -30.22 5.44 -18.24
N VAL J 13 -29.74 4.52 -17.40
CA VAL J 13 -28.88 3.42 -17.80
C VAL J 13 -29.68 2.14 -17.96
N LYS J 14 -29.44 1.38 -19.04
CA LYS J 14 -30.12 0.11 -19.22
C LYS J 14 -29.48 -0.92 -18.28
N SER J 15 -30.23 -1.97 -17.92
CA SER J 15 -29.71 -3.00 -17.03
C SER J 15 -28.48 -3.69 -17.63
N GLU J 16 -27.49 -3.96 -16.78
CA GLU J 16 -26.23 -4.61 -17.17
C GLU J 16 -25.33 -3.75 -18.06
N GLU J 17 -25.78 -2.55 -18.48
CA GLU J 17 -24.95 -1.66 -19.27
C GLU J 17 -23.92 -0.92 -18.38
N THR J 18 -22.90 -0.31 -19.00
CA THR J 18 -21.86 0.39 -18.25
C THR J 18 -22.09 1.90 -18.24
N VAL J 19 -21.80 2.56 -17.11
CA VAL J 19 -21.97 4.00 -16.95
C VAL J 19 -20.83 4.59 -16.13
N ILE J 20 -20.40 5.80 -16.46
CA ILE J 20 -19.31 6.45 -15.73
C ILE J 20 -19.81 7.75 -15.11
N LEU J 21 -19.70 7.88 -13.79
CA LEU J 21 -20.11 9.08 -13.09
C LEU J 21 -18.90 9.98 -12.92
N GLN J 22 -18.87 11.10 -13.66
CA GLN J 22 -17.75 12.05 -13.60
C GLN J 22 -18.01 13.20 -12.64
N CYS J 23 -17.07 13.46 -11.75
CA CYS J 23 -17.15 14.52 -10.78
C CYS J 23 -16.05 15.52 -11.10
N TRP J 24 -16.40 16.76 -11.44
CA TRP J 24 -15.38 17.76 -11.80
C TRP J 24 -15.65 19.12 -11.17
N SER J 25 -14.60 19.82 -10.76
CA SER J 25 -14.75 21.17 -10.20
C SER J 25 -13.50 21.97 -10.47
N ASP J 26 -13.67 23.24 -10.85
CA ASP J 26 -12.55 24.15 -11.10
C ASP J 26 -11.64 24.28 -9.87
N VAL J 27 -12.21 24.19 -8.65
CA VAL J 27 -11.45 24.23 -7.42
C VAL J 27 -10.62 22.96 -7.34
N MET J 28 -9.31 23.10 -7.10
CA MET J 28 -8.43 21.93 -7.08
C MET J 28 -8.52 21.10 -5.79
N PHE J 29 -9.53 20.21 -5.72
CA PHE J 29 -9.70 19.29 -4.60
C PHE J 29 -8.83 18.06 -4.84
N GLU J 30 -8.18 17.55 -3.78
CA GLU J 30 -7.34 16.37 -3.92
C GLU J 30 -8.16 15.09 -3.96
N HIS J 31 -9.23 15.03 -3.16
CA HIS J 31 -10.13 13.89 -3.07
C HIS J 31 -11.59 14.30 -3.34
N PHE J 32 -12.47 13.32 -3.59
CA PHE J 32 -13.90 13.57 -3.80
C PHE J 32 -14.73 12.52 -3.06
N LEU J 33 -15.97 12.84 -2.70
CA LEU J 33 -16.85 11.88 -2.03
C LEU J 33 -18.19 11.81 -2.74
N LEU J 34 -18.49 10.66 -3.34
CA LEU J 34 -19.73 10.46 -4.06
C LEU J 34 -20.70 9.67 -3.22
N HIS J 35 -21.83 10.27 -2.83
CA HIS J 35 -22.82 9.59 -1.99
C HIS J 35 -24.02 9.13 -2.79
N ARG J 36 -24.47 7.89 -2.59
CA ARG J 36 -25.67 7.36 -3.24
C ARG J 36 -26.74 7.17 -2.18
N GLU J 37 -27.92 7.70 -2.42
CA GLU J 37 -29.04 7.51 -1.51
C GLU J 37 -30.06 6.68 -2.28
N GLY J 38 -30.35 5.49 -1.79
CA GLY J 38 -31.30 4.60 -2.45
C GLY J 38 -31.62 3.40 -1.59
N MET J 39 -31.83 2.22 -2.21
CA MET J 39 -32.13 1.01 -1.43
C MET J 39 -30.91 0.63 -0.60
N PHE J 40 -29.71 0.71 -1.21
CA PHE J 40 -28.47 0.42 -0.51
C PHE J 40 -27.56 1.65 -0.64
N ASN J 41 -27.57 2.52 0.37
CA ASN J 41 -26.74 3.72 0.36
C ASN J 41 -25.27 3.34 0.42
N ASP J 42 -24.42 4.17 -0.15
CA ASP J 42 -22.98 3.97 -0.11
C ASP J 42 -22.26 5.29 -0.39
N THR J 43 -21.00 5.40 0.02
CA THR J 43 -20.19 6.57 -0.25
C THR J 43 -18.88 6.09 -0.87
N LEU J 44 -18.41 6.77 -1.91
CA LEU J 44 -17.16 6.39 -2.57
C LEU J 44 -16.13 7.50 -2.55
N ARG J 45 -14.86 7.16 -2.28
CA ARG J 45 -13.78 8.14 -2.29
C ARG J 45 -13.10 8.04 -3.65
N LEU J 46 -13.00 9.17 -4.36
CA LEU J 46 -12.41 9.20 -5.69
C LEU J 46 -11.10 9.98 -5.71
N ILE J 47 -10.07 9.40 -6.32
CA ILE J 47 -8.76 10.04 -6.44
C ILE J 47 -8.86 11.15 -7.49
N GLY J 48 -8.35 12.33 -7.16
CA GLY J 48 -8.41 13.46 -8.06
C GLY J 48 -7.43 13.46 -9.22
N GLU J 49 -7.71 14.30 -10.21
CA GLU J 49 -6.87 14.48 -11.40
C GLU J 49 -6.92 15.96 -11.79
N HIS J 50 -6.08 16.77 -11.15
CA HIS J 50 -6.06 18.21 -11.37
C HIS J 50 -5.27 18.63 -12.60
N HIS J 51 -5.89 18.57 -13.77
CA HIS J 51 -5.24 18.96 -15.01
C HIS J 51 -6.00 20.09 -15.71
N ASP J 52 -5.26 21.00 -16.36
CA ASP J 52 -5.82 22.15 -17.09
C ASP J 52 -6.86 22.93 -16.27
N GLY J 53 -6.42 23.41 -15.11
CA GLY J 53 -7.24 24.19 -14.19
C GLY J 53 -8.39 23.45 -13.51
N VAL J 54 -8.72 22.24 -13.96
CA VAL J 54 -9.85 21.50 -13.39
C VAL J 54 -9.44 20.17 -12.73
N SER J 55 -10.03 19.87 -11.56
CA SER J 55 -9.78 18.61 -10.87
C SER J 55 -10.98 17.70 -11.15
N LYS J 56 -10.73 16.51 -11.73
CA LYS J 56 -11.77 15.55 -12.13
C LYS J 56 -11.55 14.17 -11.51
N ALA J 57 -12.61 13.36 -11.41
CA ALA J 57 -12.54 12.00 -10.90
C ALA J 57 -13.73 11.20 -11.42
N ASN J 58 -13.55 9.89 -11.69
CA ASN J 58 -14.66 9.10 -12.22
C ASN J 58 -14.89 7.80 -11.49
N PHE J 59 -16.17 7.46 -11.27
CA PHE J 59 -16.58 6.19 -10.68
C PHE J 59 -17.22 5.40 -11.82
N SER J 60 -16.65 4.24 -12.17
CA SER J 60 -17.19 3.42 -13.26
C SER J 60 -18.03 2.24 -12.79
N ILE J 61 -19.25 2.16 -13.29
CA ILE J 61 -20.13 1.04 -13.00
C ILE J 61 -20.09 0.17 -14.23
N SER J 62 -19.37 -0.96 -14.17
CA SER J 62 -19.20 -1.85 -15.29
C SER J 62 -20.49 -2.52 -15.73
N ARG J 63 -21.29 -2.99 -14.75
CA ARG J 63 -22.55 -3.64 -15.01
C ARG J 63 -23.59 -3.00 -14.12
N MET J 64 -24.57 -2.30 -14.71
CA MET J 64 -25.61 -1.62 -13.95
C MET J 64 -26.55 -2.60 -13.28
N THR J 65 -26.63 -2.54 -11.96
CA THR J 65 -27.51 -3.40 -11.17
C THR J 65 -28.46 -2.53 -10.30
N GLN J 66 -29.62 -3.06 -9.91
CA GLN J 66 -30.61 -2.33 -9.11
C GLN J 66 -30.02 -1.63 -7.89
N ASP J 67 -29.16 -2.32 -7.14
CA ASP J 67 -28.53 -1.79 -5.92
C ASP J 67 -27.69 -0.54 -6.20
N LEU J 68 -27.18 -0.38 -7.42
CA LEU J 68 -26.37 0.79 -7.79
C LEU J 68 -27.19 2.00 -8.25
N ALA J 69 -28.51 1.88 -8.33
CA ALA J 69 -29.36 2.99 -8.74
C ALA J 69 -29.76 3.83 -7.54
N GLY J 70 -29.82 5.14 -7.74
CA GLY J 70 -30.21 6.08 -6.69
C GLY J 70 -29.76 7.50 -6.96
N THR J 71 -30.00 8.40 -6.02
CA THR J 71 -29.59 9.80 -6.15
C THR J 71 -28.15 9.95 -5.69
N TYR J 72 -27.26 10.32 -6.61
CA TYR J 72 -25.86 10.54 -6.33
C TYR J 72 -25.59 12.04 -6.10
N ARG J 73 -24.73 12.36 -5.12
CA ARG J 73 -24.36 13.75 -4.83
C ARG J 73 -22.86 13.84 -4.58
N CYS J 74 -22.17 14.76 -5.27
CA CYS J 74 -20.73 14.87 -5.16
C CYS J 74 -20.27 15.90 -4.15
N TYR J 75 -19.18 15.62 -3.46
CA TYR J 75 -18.59 16.52 -2.48
C TYR J 75 -17.10 16.65 -2.70
N GLY J 76 -16.52 17.77 -2.29
CA GLY J 76 -15.09 18.02 -2.44
C GLY J 76 -14.33 17.84 -1.15
N SER J 77 -13.06 17.44 -1.23
CA SER J 77 -12.24 17.21 -0.04
C SER J 77 -10.74 17.41 -0.28
N VAL J 78 -9.93 17.32 0.77
CA VAL J 78 -8.47 17.39 0.74
C VAL J 78 -7.92 16.01 1.22
N THR J 79 -6.63 15.72 0.94
CA THR J 79 -5.98 14.45 1.31
C THR J 79 -6.18 14.08 2.80
N HIS J 80 -5.93 15.04 3.70
CA HIS J 80 -6.01 14.85 5.15
C HIS J 80 -7.07 15.79 5.75
N SER J 81 -8.23 15.87 5.09
CA SER J 81 -9.30 16.79 5.55
C SER J 81 -10.39 16.06 6.34
N PRO J 82 -10.51 16.26 7.66
CA PRO J 82 -11.47 15.49 8.48
C PRO J 82 -12.95 15.95 8.36
N TYR J 83 -13.21 17.26 8.40
CA TYR J 83 -14.62 17.76 8.38
C TYR J 83 -14.68 19.05 7.56
N GLN J 84 -14.18 19.00 6.32
CA GLN J 84 -14.18 20.18 5.47
C GLN J 84 -14.65 19.83 4.06
N VAL J 85 -15.69 19.01 3.97
CA VAL J 85 -16.26 18.66 2.67
C VAL J 85 -16.90 19.90 2.02
N SER J 86 -16.92 19.95 0.69
CA SER J 86 -17.53 21.10 0.00
C SER J 86 -19.07 21.02 0.05
N ALA J 87 -19.77 22.04 -0.47
CA ALA J 87 -21.23 21.98 -0.59
C ALA J 87 -21.54 20.92 -1.65
N PRO J 88 -22.61 20.12 -1.47
CA PRO J 88 -22.89 19.05 -2.45
C PRO J 88 -23.19 19.56 -3.84
N SER J 89 -22.90 18.73 -4.84
CA SER J 89 -23.23 19.03 -6.22
C SER J 89 -24.76 18.88 -6.37
N ASP J 90 -25.31 19.28 -7.53
CA ASP J 90 -26.74 19.10 -7.79
C ASP J 90 -27.02 17.60 -7.90
N PRO J 91 -28.06 17.11 -7.21
CA PRO J 91 -28.34 15.67 -7.22
C PRO J 91 -28.53 15.09 -8.61
N LEU J 92 -27.94 13.92 -8.84
CA LEU J 92 -28.04 13.22 -10.12
C LEU J 92 -28.67 11.87 -9.86
N ASP J 93 -29.88 11.65 -10.38
CA ASP J 93 -30.57 10.38 -10.16
C ASP J 93 -30.18 9.37 -11.22
N ILE J 94 -29.47 8.31 -10.82
CA ILE J 94 -29.09 7.26 -11.76
C ILE J 94 -30.22 6.24 -11.73
N VAL J 95 -30.96 6.15 -12.83
CA VAL J 95 -32.12 5.26 -12.92
C VAL J 95 -31.83 4.09 -13.85
N ILE J 96 -32.26 2.89 -13.47
CA ILE J 96 -32.09 1.72 -14.29
C ILE J 96 -33.36 1.46 -15.10
N ILE J 97 -33.19 1.26 -16.41
CA ILE J 97 -34.30 0.98 -17.29
C ILE J 97 -34.47 -0.54 -17.38
N GLY J 98 -35.43 -1.03 -16.60
CA GLY J 98 -35.70 -2.46 -16.44
C GLY J 98 -36.42 -3.17 -17.56
N LEU J 99 -37.06 -4.28 -17.20
CA LEU J 99 -37.75 -5.15 -18.13
C LEU J 99 -39.20 -4.77 -18.35
N TYR J 100 -39.78 -3.90 -17.51
CA TYR J 100 -41.19 -3.51 -17.67
C TYR J 100 -41.47 -2.99 -19.07
N GLU J 101 -42.50 -3.56 -19.69
CA GLU J 101 -42.95 -3.24 -21.03
C GLU J 101 -43.20 -1.73 -21.23
N LYS J 102 -42.66 -1.21 -22.32
CA LYS J 102 -42.79 0.20 -22.66
C LYS J 102 -44.22 0.73 -22.73
N PRO J 103 -44.46 1.93 -22.16
CA PRO J 103 -45.79 2.56 -22.27
C PRO J 103 -45.99 3.24 -23.65
N SER J 104 -47.19 3.82 -23.88
CA SER J 104 -47.44 4.50 -25.14
C SER J 104 -47.60 5.99 -24.94
N LEU J 105 -46.88 6.78 -25.73
CA LEU J 105 -46.95 8.23 -25.62
C LEU J 105 -47.69 8.81 -26.82
N SER J 106 -48.77 9.55 -26.55
CA SER J 106 -49.57 10.16 -27.60
C SER J 106 -49.71 11.66 -27.35
N ALA J 107 -50.03 12.44 -28.39
CA ALA J 107 -50.17 13.87 -28.24
C ALA J 107 -51.59 14.35 -28.47
N GLN J 108 -52.00 15.36 -27.71
CA GLN J 108 -53.33 15.94 -27.87
C GLN J 108 -53.17 17.45 -28.02
N PRO J 109 -53.75 18.07 -29.06
CA PRO J 109 -54.64 17.49 -30.09
C PRO J 109 -53.95 16.60 -31.13
N GLY J 110 -52.66 16.82 -31.32
CA GLY J 110 -51.87 16.04 -32.25
C GLY J 110 -50.39 16.30 -32.10
N PRO J 111 -49.54 15.53 -32.79
CA PRO J 111 -48.08 15.76 -32.67
C PRO J 111 -47.55 16.97 -33.46
N THR J 112 -48.41 17.64 -34.23
CA THR J 112 -48.02 18.81 -35.00
C THR J 112 -49.06 19.88 -34.73
N VAL J 113 -48.67 20.95 -34.04
CA VAL J 113 -49.60 22.02 -33.67
C VAL J 113 -49.09 23.39 -34.06
N LEU J 114 -50.00 24.36 -34.18
CA LEU J 114 -49.64 25.74 -34.45
C LEU J 114 -49.20 26.37 -33.14
N ALA J 115 -48.22 27.28 -33.17
CA ALA J 115 -47.73 27.96 -31.97
C ALA J 115 -48.88 28.60 -31.16
N GLY J 116 -48.86 28.40 -29.85
CA GLY J 116 -49.90 28.91 -28.98
C GLY J 116 -51.00 27.92 -28.66
N GLU J 117 -51.06 26.79 -29.38
CA GLU J 117 -52.05 25.74 -29.14
C GLU J 117 -51.68 24.97 -27.89
N ASN J 118 -52.64 24.67 -27.02
CA ASN J 118 -52.37 23.89 -25.82
C ASN J 118 -52.12 22.42 -26.15
N VAL J 119 -50.90 21.94 -25.88
CA VAL J 119 -50.58 20.53 -26.10
C VAL J 119 -50.57 19.79 -24.78
N THR J 120 -50.97 18.53 -24.80
CA THR J 120 -50.95 17.69 -23.62
C THR J 120 -50.53 16.32 -24.08
N LEU J 121 -49.42 15.81 -23.55
CA LEU J 121 -48.95 14.48 -23.93
C LEU J 121 -49.46 13.46 -22.93
N SER J 122 -50.04 12.37 -23.43
CA SER J 122 -50.63 11.34 -22.60
C SER J 122 -49.78 10.07 -22.62
N CYS J 123 -49.33 9.65 -21.44
CA CYS J 123 -48.53 8.45 -21.28
C CYS J 123 -49.48 7.37 -20.76
N SER J 124 -49.69 6.28 -21.52
CA SER J 124 -50.64 5.24 -21.11
C SER J 124 -50.06 3.83 -21.09
N SER J 125 -50.67 2.92 -20.32
CA SER J 125 -50.22 1.54 -20.21
C SER J 125 -51.34 0.63 -19.69
N ARG J 126 -51.40 -0.65 -20.12
CA ARG J 126 -52.40 -1.59 -19.59
C ARG J 126 -52.04 -1.92 -18.13
N SER J 127 -50.74 -2.12 -17.85
CA SER J 127 -50.24 -2.40 -16.52
C SER J 127 -50.35 -1.13 -15.63
N SER J 128 -50.25 -1.30 -14.30
CA SER J 128 -50.48 -0.23 -13.36
C SER J 128 -49.25 0.40 -12.74
N TYR J 129 -48.57 1.30 -13.48
CA TYR J 129 -47.44 2.02 -12.89
C TYR J 129 -47.96 3.00 -11.84
N ASP J 130 -47.17 3.23 -10.79
CA ASP J 130 -47.54 4.19 -9.76
C ASP J 130 -47.18 5.62 -10.21
N MET J 131 -46.17 5.78 -11.07
CA MET J 131 -45.72 7.07 -11.56
C MET J 131 -45.38 7.02 -13.05
N TYR J 132 -45.55 8.12 -13.74
CA TYR J 132 -45.16 8.23 -15.14
C TYR J 132 -44.16 9.38 -15.24
N HIS J 133 -43.11 9.22 -16.06
CA HIS J 133 -42.07 10.23 -16.19
C HIS J 133 -41.93 10.71 -17.61
N LEU J 134 -42.05 12.03 -17.85
CA LEU J 134 -41.90 12.57 -19.18
C LEU J 134 -40.51 13.18 -19.36
N SER J 135 -39.81 12.73 -20.40
CA SER J 135 -38.47 13.22 -20.67
C SER J 135 -38.43 13.91 -22.00
N ARG J 136 -37.91 15.14 -22.02
CA ARG J 136 -37.75 15.88 -23.26
C ARG J 136 -36.29 15.78 -23.65
N GLU J 137 -36.00 15.35 -24.88
CA GLU J 137 -34.63 15.18 -25.37
C GLU J 137 -33.94 16.51 -25.38
N GLY J 138 -32.89 16.62 -24.58
CA GLY J 138 -32.15 17.86 -24.44
C GLY J 138 -32.36 18.56 -23.11
N GLU J 139 -32.86 17.83 -22.12
CA GLU J 139 -33.10 18.37 -20.78
C GLU J 139 -32.55 17.44 -19.71
N ALA J 140 -32.26 17.98 -18.53
CA ALA J 140 -31.79 17.18 -17.40
C ALA J 140 -32.93 16.81 -16.40
N HIS J 141 -34.15 17.31 -16.64
CA HIS J 141 -35.30 17.10 -15.77
C HIS J 141 -36.34 16.22 -16.42
N GLU J 142 -36.97 15.38 -15.59
CA GLU J 142 -38.03 14.49 -16.00
C GLU J 142 -39.23 14.78 -15.14
N ARG J 143 -40.35 15.13 -15.77
CA ARG J 143 -41.58 15.50 -15.09
C ARG J 143 -42.33 14.25 -14.61
N ARG J 144 -42.57 14.12 -13.30
CA ARG J 144 -43.28 12.96 -12.78
C ARG J 144 -44.72 13.28 -12.41
N LEU J 145 -45.63 12.36 -12.71
CA LEU J 145 -47.05 12.52 -12.47
C LEU J 145 -47.68 11.17 -12.21
N PRO J 146 -48.60 11.05 -11.23
CA PRO J 146 -49.21 9.76 -10.96
C PRO J 146 -50.21 9.30 -12.01
N ALA J 147 -50.50 8.00 -11.98
CA ALA J 147 -51.36 7.33 -12.92
C ALA J 147 -52.80 7.34 -12.45
N GLY J 148 -53.71 7.23 -13.40
CA GLY J 148 -55.12 7.15 -13.09
C GLY J 148 -55.76 6.03 -13.87
N PRO J 149 -56.64 5.24 -13.23
CA PRO J 149 -57.30 4.16 -13.96
C PRO J 149 -58.39 4.72 -14.85
N LYS J 150 -58.20 4.64 -16.17
CA LYS J 150 -59.21 5.00 -17.15
C LYS J 150 -60.32 3.90 -17.02
N VAL J 151 -61.57 4.25 -17.34
CA VAL J 151 -62.70 3.31 -17.15
C VAL J 151 -62.44 1.90 -17.75
N ASN J 152 -61.74 1.82 -18.90
CA ASN J 152 -61.41 0.53 -19.53
C ASN J 152 -60.48 -0.38 -18.71
N GLY J 153 -59.93 0.13 -17.62
CA GLY J 153 -59.00 -0.60 -16.77
C GLY J 153 -57.54 -0.35 -17.12
N THR J 154 -57.26 0.60 -18.02
CA THR J 154 -55.91 0.95 -18.41
C THR J 154 -55.48 2.20 -17.63
N PHE J 155 -54.20 2.35 -17.36
CA PHE J 155 -53.69 3.44 -16.52
C PHE J 155 -53.04 4.51 -17.36
N GLN J 156 -53.36 5.78 -17.11
CA GLN J 156 -52.81 6.86 -17.92
C GLN J 156 -52.50 8.14 -17.12
N ALA J 157 -51.55 8.95 -17.61
CA ALA J 157 -51.17 10.21 -16.98
C ALA J 157 -51.10 11.25 -18.07
N ASP J 158 -51.79 12.38 -17.89
CA ASP J 158 -51.81 13.44 -18.91
C ASP J 158 -50.96 14.62 -18.47
N PHE J 159 -49.92 14.91 -19.24
CA PHE J 159 -49.00 16.00 -18.96
C PHE J 159 -49.31 17.22 -19.79
N PRO J 160 -49.96 18.23 -19.20
CA PRO J 160 -50.25 19.45 -19.98
C PRO J 160 -48.99 20.30 -20.17
N LEU J 161 -48.62 20.57 -21.42
CA LEU J 161 -47.43 21.37 -21.71
C LEU J 161 -47.72 22.88 -21.92
N GLY J 162 -48.98 23.28 -21.85
CA GLY J 162 -49.35 24.68 -22.07
C GLY J 162 -49.28 25.07 -23.53
N PRO J 163 -49.35 26.38 -23.83
CA PRO J 163 -49.31 26.82 -25.24
C PRO J 163 -48.00 26.43 -25.91
N ALA J 164 -48.08 25.98 -27.17
CA ALA J 164 -46.92 25.56 -27.94
C ALA J 164 -45.92 26.67 -28.15
N THR J 165 -44.65 26.39 -27.86
CA THR J 165 -43.59 27.36 -28.02
C THR J 165 -42.53 26.83 -28.98
N HIS J 166 -41.87 25.71 -28.63
CA HIS J 166 -40.85 25.09 -29.46
C HIS J 166 -41.10 23.58 -29.54
N GLY J 167 -40.57 22.94 -30.58
CA GLY J 167 -40.72 21.50 -30.77
C GLY J 167 -39.92 20.68 -29.78
N GLY J 168 -39.82 19.37 -30.03
CA GLY J 168 -39.04 18.49 -29.16
C GLY J 168 -39.40 17.02 -29.25
N THR J 169 -38.44 16.16 -28.93
CA THR J 169 -38.67 14.73 -28.93
C THR J 169 -38.91 14.28 -27.50
N TYR J 170 -40.06 13.64 -27.24
CA TYR J 170 -40.42 13.20 -25.91
C TYR J 170 -40.45 11.68 -25.79
N ARG J 171 -40.18 11.18 -24.58
CA ARG J 171 -40.22 9.77 -24.25
C ARG J 171 -40.80 9.65 -22.84
N CYS J 172 -41.66 8.66 -22.58
CA CYS J 172 -42.20 8.49 -21.24
C CYS J 172 -41.94 7.09 -20.70
N PHE J 173 -41.83 7.03 -19.38
CA PHE J 173 -41.53 5.83 -18.62
C PHE J 173 -42.55 5.65 -17.48
N GLY J 174 -42.58 4.47 -16.89
CA GLY J 174 -43.44 4.20 -15.75
C GLY J 174 -42.61 3.59 -14.63
N SER J 175 -42.96 3.86 -13.39
CA SER J 175 -42.22 3.33 -12.25
C SER J 175 -43.15 2.93 -11.10
N PHE J 176 -42.61 2.33 -10.03
CA PHE J 176 -43.43 1.91 -8.89
C PHE J 176 -42.94 2.58 -7.59
N HIS J 177 -43.84 2.76 -6.59
CA HIS J 177 -43.55 3.39 -5.30
C HIS J 177 -42.32 2.75 -4.63
N ASP J 178 -42.30 1.41 -4.58
CA ASP J 178 -41.26 0.62 -3.93
C ASP J 178 -39.88 0.70 -4.56
N SER J 179 -39.80 1.02 -5.85
CA SER J 179 -38.53 1.10 -6.56
C SER J 179 -38.53 2.35 -7.42
N PRO J 180 -38.28 3.53 -6.82
CA PRO J 180 -38.33 4.77 -7.61
C PRO J 180 -37.22 4.99 -8.62
N TYR J 181 -36.14 4.18 -8.56
CA TYR J 181 -35.05 4.31 -9.51
C TYR J 181 -35.01 3.18 -10.52
N GLU J 182 -36.13 2.47 -10.72
CA GLU J 182 -36.20 1.41 -11.71
C GLU J 182 -37.41 1.71 -12.53
N TRP J 183 -37.18 2.00 -13.82
CA TRP J 183 -38.22 2.42 -14.74
C TRP J 183 -38.51 1.40 -15.82
N SER J 184 -39.59 1.60 -16.56
CA SER J 184 -39.96 0.73 -17.67
C SER J 184 -39.06 1.03 -18.88
N LYS J 185 -39.15 0.19 -19.93
CA LYS J 185 -38.45 0.49 -21.18
C LYS J 185 -39.13 1.76 -21.78
N SER J 186 -38.34 2.64 -22.37
CA SER J 186 -38.83 3.91 -22.92
C SER J 186 -39.94 3.76 -23.92
N SER J 187 -40.87 4.71 -23.91
CA SER J 187 -41.94 4.75 -24.90
C SER J 187 -41.33 5.12 -26.25
N ASP J 188 -41.96 4.75 -27.40
CA ASP J 188 -41.46 5.16 -28.71
C ASP J 188 -41.39 6.71 -28.77
N PRO J 189 -40.24 7.28 -29.17
CA PRO J 189 -40.11 8.74 -29.16
C PRO J 189 -41.17 9.47 -29.97
N LEU J 190 -41.80 10.46 -29.36
CA LEU J 190 -42.85 11.24 -30.02
C LEU J 190 -42.30 12.61 -30.34
N LEU J 191 -42.32 12.98 -31.62
CA LEU J 191 -41.80 14.29 -32.03
C LEU J 191 -42.93 15.30 -32.09
N VAL J 192 -42.82 16.36 -31.31
CA VAL J 192 -43.80 17.44 -31.33
C VAL J 192 -43.26 18.51 -32.25
N SER J 193 -44.07 18.93 -33.21
CA SER J 193 -43.66 19.94 -34.18
C SER J 193 -44.52 21.17 -34.02
N VAL J 194 -43.89 22.32 -33.79
CA VAL J 194 -44.61 23.60 -33.64
C VAL J 194 -44.48 24.43 -34.90
N THR J 195 -45.60 24.69 -35.59
CA THR J 195 -45.57 25.47 -36.83
C THR J 195 -46.17 26.87 -36.68
N GLU K 19 9.01 49.49 -48.10
CA GLU K 19 9.33 48.10 -47.79
C GLU K 19 8.11 47.27 -47.35
N ALA K 20 6.87 47.74 -47.64
CA ALA K 20 5.66 47.00 -47.28
C ALA K 20 5.61 45.63 -47.97
N ALA K 21 6.09 45.56 -49.22
CA ALA K 21 6.15 44.32 -49.99
C ALA K 21 7.19 43.37 -49.39
N ARG K 22 8.35 43.92 -48.96
CA ARG K 22 9.43 43.17 -48.33
C ARG K 22 8.94 42.55 -47.03
N ILE K 23 8.12 43.29 -46.25
CA ILE K 23 7.57 42.80 -44.98
C ILE K 23 6.70 41.57 -45.22
N ALA K 24 5.74 41.65 -46.16
CA ALA K 24 4.86 40.52 -46.46
C ALA K 24 5.61 39.31 -47.01
N ALA K 25 6.70 39.55 -47.75
CA ALA K 25 7.52 38.48 -48.31
C ALA K 25 8.23 37.70 -47.20
N ALA K 26 8.77 38.41 -46.20
CA ALA K 26 9.46 37.78 -45.08
C ALA K 26 8.49 37.14 -44.11
N ILE K 27 7.26 37.70 -43.96
CA ILE K 27 6.25 37.12 -43.07
C ILE K 27 5.83 35.76 -43.63
N ASP K 28 5.53 35.72 -44.94
CA ASP K 28 5.13 34.47 -45.62
C ASP K 28 6.24 33.42 -45.55
N ALA K 29 7.51 33.86 -45.60
CA ALA K 29 8.65 32.95 -45.51
C ALA K 29 8.69 32.29 -44.14
N VAL K 30 8.40 33.04 -43.08
CA VAL K 30 8.36 32.54 -41.71
C VAL K 30 7.20 31.55 -41.58
N ILE K 31 6.00 31.92 -42.05
CA ILE K 31 4.82 31.05 -42.01
C ILE K 31 5.09 29.71 -42.71
N LYS K 32 5.62 29.77 -43.94
CA LYS K 32 5.95 28.58 -44.74
C LYS K 32 7.05 27.74 -44.05
N GLY K 33 8.04 28.42 -43.49
CA GLY K 33 9.15 27.79 -42.78
C GLY K 33 8.70 27.01 -41.56
N ILE K 34 7.82 27.61 -40.75
CA ILE K 34 7.28 26.98 -39.55
C ILE K 34 6.46 25.75 -39.95
N GLU K 35 5.57 25.91 -40.93
CA GLU K 35 4.71 24.83 -41.39
C GLU K 35 5.49 23.64 -41.96
N THR K 36 6.50 23.87 -42.80
CA THR K 36 7.27 22.80 -43.41
C THR K 36 8.23 22.11 -42.44
N LYS K 37 8.87 22.89 -41.55
CA LYS K 37 9.84 22.33 -40.60
C LYS K 37 9.15 21.50 -39.53
N PHE K 38 8.08 22.03 -38.94
CA PHE K 38 7.35 21.33 -37.88
C PHE K 38 6.25 20.37 -38.37
N GLY K 39 5.96 20.39 -39.67
CA GLY K 39 4.93 19.52 -40.25
C GLY K 39 3.56 19.85 -39.70
N VAL K 40 3.29 21.14 -39.55
CA VAL K 40 2.02 21.61 -39.00
C VAL K 40 1.35 22.68 -39.88
N SER K 41 0.10 23.04 -39.60
CA SER K 41 -0.60 24.06 -40.37
C SER K 41 -1.05 25.19 -39.44
N THR K 42 -0.79 26.44 -39.84
CA THR K 42 -1.19 27.58 -39.03
C THR K 42 -2.66 28.03 -39.29
N ASN K 43 -3.40 27.30 -40.14
CA ASN K 43 -4.80 27.60 -40.46
C ASN K 43 -5.69 27.37 -39.24
N GLY K 44 -6.44 28.39 -38.85
CA GLY K 44 -7.31 28.31 -37.69
C GLY K 44 -6.62 28.52 -36.35
N VAL K 45 -5.28 28.57 -36.35
CA VAL K 45 -4.47 28.75 -35.16
C VAL K 45 -4.42 30.24 -34.81
N LEU K 46 -5.34 30.67 -33.93
CA LEU K 46 -5.49 32.06 -33.50
C LEU K 46 -4.25 32.66 -32.86
N GLY K 47 -3.63 31.94 -31.94
CA GLY K 47 -2.44 32.39 -31.23
C GLY K 47 -1.27 32.70 -32.15
N LEU K 48 -1.02 31.81 -33.12
CA LEU K 48 0.08 32.01 -34.07
C LEU K 48 -0.22 33.07 -35.10
N LYS K 49 -1.43 33.05 -35.67
CA LYS K 49 -1.86 34.03 -36.69
C LYS K 49 -1.72 35.46 -36.17
N SER K 50 -2.10 35.67 -34.89
CA SER K 50 -2.02 36.97 -34.23
C SER K 50 -0.60 37.55 -34.20
N LEU K 51 0.43 36.70 -34.24
CA LEU K 51 1.81 37.14 -34.22
C LEU K 51 2.44 37.33 -35.60
N PHE K 52 1.69 37.06 -36.69
CA PHE K 52 2.25 37.23 -38.04
C PHE K 52 2.14 38.68 -38.50
N THR K 53 2.67 39.61 -37.69
CA THR K 53 2.66 41.04 -37.96
C THR K 53 4.11 41.56 -38.13
N ALA K 54 4.29 42.77 -38.67
CA ALA K 54 5.63 43.33 -38.86
C ALA K 54 6.54 43.32 -37.59
N ASN K 55 5.98 43.51 -36.38
CA ASN K 55 6.79 43.50 -35.15
C ASN K 55 6.71 42.18 -34.36
N ASN K 56 5.51 41.55 -34.30
CA ASN K 56 5.37 40.27 -33.60
C ASN K 56 6.18 39.19 -34.31
N TYR K 57 6.19 39.20 -35.67
CA TYR K 57 7.04 38.31 -36.47
C TYR K 57 8.51 38.70 -36.18
N ASN K 58 9.44 37.76 -36.39
CA ASN K 58 10.88 37.98 -36.16
C ASN K 58 11.27 37.81 -34.67
N ASN K 59 10.29 37.76 -33.75
CA ASN K 59 10.56 37.55 -32.33
C ASN K 59 10.48 36.06 -32.09
N ALA K 60 11.63 35.38 -32.15
CA ALA K 60 11.69 33.93 -31.99
C ALA K 60 11.08 33.44 -30.69
N THR K 61 11.30 34.17 -29.59
CA THR K 61 10.77 33.79 -28.28
C THR K 61 9.24 33.72 -28.29
N LYS K 62 8.58 34.73 -28.87
CA LYS K 62 7.13 34.77 -28.93
C LYS K 62 6.56 33.65 -29.79
N ILE K 63 7.17 33.42 -30.96
CA ILE K 63 6.73 32.36 -31.88
C ILE K 63 6.91 30.99 -31.26
N ALA K 64 8.08 30.74 -30.66
CA ALA K 64 8.36 29.47 -29.99
C ALA K 64 7.37 29.22 -28.86
N GLY K 65 7.04 30.27 -28.10
CA GLY K 65 6.07 30.19 -27.02
C GLY K 65 4.67 29.87 -27.50
N ALA K 66 4.28 30.44 -28.65
CA ALA K 66 2.96 30.21 -29.24
C ALA K 66 2.83 28.80 -29.80
N ILE K 67 3.89 28.26 -30.42
CA ILE K 67 3.87 26.89 -30.95
C ILE K 67 3.64 25.90 -29.80
N ILE K 68 4.31 26.12 -28.67
CA ILE K 68 4.16 25.26 -27.49
C ILE K 68 2.75 25.39 -26.92
N GLU K 69 2.22 26.61 -26.85
CA GLU K 69 0.88 26.87 -26.32
C GLU K 69 -0.23 26.26 -27.17
N GLU K 70 -0.15 26.39 -28.48
CA GLU K 70 -1.19 25.90 -29.38
C GLU K 70 -1.06 24.42 -29.73
N TYR K 71 0.16 23.98 -30.08
CA TYR K 71 0.38 22.60 -30.49
C TYR K 71 0.71 21.65 -29.36
N LYS K 72 0.99 22.15 -28.13
CA LYS K 72 1.30 21.32 -26.95
C LYS K 72 2.27 20.16 -27.25
N PRO K 73 3.52 20.47 -27.60
CA PRO K 73 4.47 19.40 -27.97
C PRO K 73 4.80 18.42 -26.86
N SER K 74 4.93 18.89 -25.62
CA SER K 74 5.23 18.03 -24.49
C SER K 74 4.15 16.96 -24.25
N SER K 75 2.91 17.21 -24.72
CA SER K 75 1.83 16.23 -24.59
C SER K 75 1.99 15.04 -25.54
N CYS K 76 2.92 15.10 -26.50
CA CYS K 76 3.18 13.99 -27.43
C CYS K 76 3.86 12.78 -26.76
N LEU K 77 4.30 12.93 -25.50
CA LEU K 77 4.95 11.89 -24.71
C LEU K 77 4.12 10.62 -24.66
N SER K 86 -0.90 17.20 -34.09
CA SER K 86 -0.41 17.54 -35.43
C SER K 86 1.09 17.85 -35.51
N ILE K 87 1.76 17.92 -34.34
CA ILE K 87 3.20 18.18 -34.25
C ILE K 87 4.00 16.96 -33.78
N CYS K 88 3.32 15.95 -33.21
CA CYS K 88 3.94 14.73 -32.70
C CYS K 88 4.95 14.10 -33.67
N PRO K 89 4.71 14.01 -35.00
CA PRO K 89 5.76 13.47 -35.89
C PRO K 89 7.09 14.22 -35.75
N TRP K 90 7.06 15.56 -35.63
CA TRP K 90 8.26 16.35 -35.43
C TRP K 90 8.86 16.03 -34.07
N ALA K 91 8.05 16.11 -33.00
CA ALA K 91 8.48 15.86 -31.63
C ALA K 91 9.18 14.51 -31.48
N MET K 92 8.64 13.46 -32.10
CA MET K 92 9.23 12.14 -32.04
C MET K 92 10.57 12.08 -32.78
N GLU K 93 10.62 12.61 -34.00
CA GLU K 93 11.82 12.58 -34.82
C GLU K 93 12.96 13.44 -34.26
N ASN K 94 12.63 14.63 -33.76
CA ASN K 94 13.63 15.58 -33.31
C ASN K 94 13.89 15.60 -31.81
N PHE K 95 13.02 14.97 -30.99
CA PHE K 95 13.24 14.99 -29.54
C PHE K 95 13.08 13.62 -28.85
N PHE K 96 11.85 13.09 -28.77
CA PHE K 96 11.59 11.86 -28.03
C PHE K 96 12.39 10.66 -28.49
N ALA K 97 12.63 10.53 -29.79
CA ALA K 97 13.43 9.43 -30.33
C ALA K 97 14.58 9.93 -31.20
N ALA K 98 15.11 11.11 -30.91
CA ALA K 98 16.24 11.66 -31.65
C ALA K 98 17.50 10.84 -31.36
N ARG K 99 18.41 10.75 -32.35
CA ARG K 99 19.68 10.04 -32.12
C ARG K 99 20.52 10.93 -31.20
N LYS K 100 20.63 12.22 -31.56
CA LYS K 100 21.37 13.23 -30.81
C LYS K 100 20.87 14.59 -31.29
N ILE K 101 20.28 15.40 -30.39
CA ILE K 101 19.76 16.73 -30.73
C ILE K 101 20.89 17.62 -31.25
N PRO K 102 20.69 18.32 -32.38
CA PRO K 102 21.77 19.18 -32.90
C PRO K 102 22.00 20.43 -32.05
N GLY K 103 23.27 20.77 -31.85
CA GLY K 103 23.65 21.94 -31.06
C GLY K 103 23.91 21.60 -29.60
N ALA K 109 21.61 18.18 -20.20
CA ALA K 109 20.20 17.90 -20.40
C ALA K 109 19.64 18.64 -21.60
N VAL K 110 18.63 18.07 -22.26
CA VAL K 110 18.03 18.67 -23.44
C VAL K 110 16.58 19.05 -23.17
N SER K 111 16.25 20.34 -23.24
CA SER K 111 14.88 20.80 -23.00
C SER K 111 14.11 20.83 -24.32
N MET K 112 12.88 20.29 -24.32
CA MET K 112 12.00 20.27 -25.49
C MET K 112 11.72 21.69 -25.97
N ASN K 113 11.36 22.60 -25.05
CA ASN K 113 11.08 23.99 -25.37
C ASN K 113 12.29 24.73 -25.92
N ASP K 114 13.49 24.31 -25.49
CA ASP K 114 14.76 24.88 -25.94
C ASP K 114 15.01 24.48 -27.40
N VAL K 115 14.72 23.20 -27.74
CA VAL K 115 14.86 22.66 -29.10
C VAL K 115 13.92 23.39 -30.05
N ILE K 116 12.67 23.65 -29.60
CA ILE K 116 11.70 24.38 -30.39
C ILE K 116 12.20 25.80 -30.66
N GLU K 117 12.73 26.48 -29.62
CA GLU K 117 13.27 27.82 -29.78
C GLU K 117 14.44 27.87 -30.76
N LYS K 118 15.37 26.89 -30.66
CA LYS K 118 16.52 26.82 -31.56
C LYS K 118 16.09 26.60 -33.02
N THR K 119 15.01 25.84 -33.24
CA THR K 119 14.50 25.59 -34.58
C THR K 119 13.90 26.87 -35.16
N VAL K 120 13.13 27.61 -34.34
CA VAL K 120 12.51 28.87 -34.73
C VAL K 120 13.58 29.92 -35.07
N LYS K 121 14.73 29.90 -34.38
CA LYS K 121 15.84 30.81 -34.65
C LYS K 121 16.36 30.62 -36.08
N THR K 122 16.55 29.35 -36.50
CA THR K 122 17.04 29.06 -37.84
C THR K 122 16.02 29.44 -38.91
N ILE K 123 14.72 29.21 -38.66
CA ILE K 123 13.66 29.57 -39.62
C ILE K 123 13.65 31.09 -39.83
N VAL K 124 13.70 31.86 -38.73
CA VAL K 124 13.72 33.32 -38.76
C VAL K 124 14.96 33.86 -39.48
N SER K 125 16.13 33.27 -39.23
CA SER K 125 17.36 33.70 -39.88
C SER K 125 17.41 33.33 -41.37
N ASP K 126 16.67 32.30 -41.79
CA ASP K 126 16.64 31.88 -43.19
C ASP K 126 15.53 32.57 -43.99
N ARG L 1 10.14 -1.60 -13.24
CA ARG L 1 9.12 -0.79 -12.58
C ARG L 1 9.35 0.73 -12.78
N LYS L 2 8.46 1.57 -12.22
CA LYS L 2 8.55 3.02 -12.36
C LYS L 2 9.78 3.62 -11.67
N PRO L 3 10.38 4.66 -12.30
CA PRO L 3 11.55 5.30 -11.70
C PRO L 3 11.25 6.09 -10.41
N SER L 4 12.29 6.64 -9.78
CA SER L 4 12.15 7.38 -8.53
C SER L 4 12.59 8.83 -8.73
N LEU L 5 11.71 9.79 -8.46
CA LEU L 5 12.03 11.21 -8.62
C LEU L 5 12.19 11.89 -7.27
N LEU L 6 13.33 12.54 -7.04
CA LEU L 6 13.60 13.25 -5.78
C LEU L 6 14.18 14.65 -6.00
N ALA L 7 14.02 15.55 -5.03
CA ALA L 7 14.54 16.91 -5.15
C ALA L 7 15.57 17.14 -4.06
N HIS L 8 16.73 17.64 -4.43
CA HIS L 8 17.77 17.92 -3.46
C HIS L 8 18.13 19.39 -3.52
N PRO L 9 18.09 20.11 -2.38
CA PRO L 9 17.78 19.61 -1.03
C PRO L 9 16.30 19.37 -0.72
N GLY L 10 15.40 19.96 -1.51
CA GLY L 10 13.97 19.79 -1.30
C GLY L 10 13.11 20.42 -2.39
N PRO L 11 11.80 20.12 -2.40
CA PRO L 11 10.93 20.68 -3.44
C PRO L 11 10.54 22.14 -3.23
N LEU L 12 10.62 22.64 -1.99
CA LEU L 12 10.29 24.02 -1.71
C LEU L 12 11.57 24.83 -1.87
N VAL L 13 11.74 25.41 -3.05
CA VAL L 13 12.93 26.14 -3.42
C VAL L 13 12.71 27.63 -3.34
N LYS L 14 13.65 28.39 -2.76
CA LYS L 14 13.52 29.84 -2.72
C LYS L 14 13.85 30.43 -4.09
N SER L 15 13.35 31.62 -4.40
CA SER L 15 13.60 32.25 -5.69
C SER L 15 15.08 32.49 -5.92
N GLU L 16 15.54 32.26 -7.16
CA GLU L 16 16.95 32.41 -7.55
C GLU L 16 17.90 31.36 -6.93
N GLU L 17 17.39 30.50 -6.02
CA GLU L 17 18.23 29.46 -5.42
C GLU L 17 18.37 28.25 -6.34
N THR L 18 19.34 27.35 -6.04
CA THR L 18 19.60 26.20 -6.88
C THR L 18 18.98 24.90 -6.32
N VAL L 19 18.49 24.04 -7.22
CA VAL L 19 17.87 22.76 -6.86
C VAL L 19 18.23 21.68 -7.89
N ILE L 20 18.40 20.43 -7.44
CA ILE L 20 18.72 19.34 -8.34
C ILE L 20 17.63 18.27 -8.29
N LEU L 21 17.01 17.98 -9.43
CA LEU L 21 15.98 16.95 -9.53
C LEU L 21 16.65 15.66 -9.98
N GLN L 22 16.79 14.71 -9.06
CA GLN L 22 17.41 13.44 -9.36
C GLN L 22 16.39 12.41 -9.82
N CYS L 23 16.74 11.63 -10.84
CA CYS L 23 15.88 10.55 -11.33
C CYS L 23 16.70 9.28 -11.17
N TRP L 24 16.27 8.42 -10.23
CA TRP L 24 16.88 7.16 -9.78
C TRP L 24 16.14 5.96 -10.38
N SER L 25 16.82 4.80 -10.51
CA SER L 25 16.20 3.58 -11.04
C SER L 25 17.00 2.29 -10.79
N ASP L 26 16.29 1.16 -10.67
CA ASP L 26 16.90 -0.18 -10.55
C ASP L 26 17.16 -0.72 -11.98
N VAL L 27 16.20 -0.48 -12.91
CA VAL L 27 16.25 -0.89 -14.29
C VAL L 27 17.23 0.01 -15.04
N MET L 28 18.08 -0.58 -15.88
CA MET L 28 19.08 0.17 -16.63
C MET L 28 18.51 0.92 -17.84
N PHE L 29 17.96 2.11 -17.59
CA PHE L 29 17.39 2.95 -18.65
C PHE L 29 18.52 3.74 -19.30
N GLU L 30 18.54 3.78 -20.65
CA GLU L 30 19.57 4.51 -21.41
C GLU L 30 19.47 6.01 -21.18
N HIS L 31 18.24 6.52 -21.23
CA HIS L 31 17.94 7.92 -21.01
C HIS L 31 16.64 8.09 -20.22
N PHE L 32 16.50 9.25 -19.59
CA PHE L 32 15.36 9.58 -18.75
C PHE L 32 14.61 10.78 -19.33
N LEU L 33 13.29 10.80 -19.15
CA LEU L 33 12.48 11.92 -19.63
C LEU L 33 11.74 12.55 -18.47
N LEU L 34 12.07 13.81 -18.15
CA LEU L 34 11.45 14.52 -17.03
C LEU L 34 10.41 15.48 -17.56
N HIS L 35 9.14 15.28 -17.20
CA HIS L 35 8.05 16.14 -17.68
C HIS L 35 7.56 17.10 -16.59
N ARG L 36 7.40 18.38 -16.93
CA ARG L 36 6.87 19.38 -15.99
C ARG L 36 5.50 19.81 -16.44
N GLU L 37 4.56 19.90 -15.50
CA GLU L 37 3.22 20.40 -15.80
C GLU L 37 3.04 21.67 -14.99
N GLY L 38 2.77 22.78 -15.65
CA GLY L 38 2.58 24.05 -14.95
C GLY L 38 2.20 25.15 -15.93
N MET L 39 2.69 26.39 -15.69
CA MET L 39 2.40 27.48 -16.61
C MET L 39 3.07 27.25 -17.95
N PHE L 40 4.30 26.74 -17.93
CA PHE L 40 5.02 26.42 -19.15
C PHE L 40 5.45 24.97 -19.06
N ASN L 41 4.66 24.04 -19.62
CA ASN L 41 5.03 22.62 -19.60
C ASN L 41 6.27 22.41 -20.45
N ASP L 42 7.07 21.42 -20.09
CA ASP L 42 8.29 21.09 -20.84
C ASP L 42 8.70 19.66 -20.54
N THR L 43 9.52 19.08 -21.42
CA THR L 43 10.07 17.74 -21.20
C THR L 43 11.58 17.82 -21.39
N LEU L 44 12.34 17.17 -20.51
CA LEU L 44 13.79 17.20 -20.59
C LEU L 44 14.37 15.80 -20.78
N ARG L 45 15.25 15.63 -21.76
CA ARG L 45 15.88 14.35 -22.04
C ARG L 45 17.23 14.28 -21.37
N LEU L 46 17.29 13.60 -20.23
CA LEU L 46 18.50 13.45 -19.44
C LEU L 46 19.22 12.16 -19.85
N ILE L 47 20.56 12.18 -19.84
CA ILE L 47 21.38 11.01 -20.17
C ILE L 47 21.59 10.19 -18.91
N GLY L 48 21.30 8.89 -18.98
CA GLY L 48 21.44 8.01 -17.83
C GLY L 48 22.77 7.31 -17.71
N GLU L 49 23.44 7.49 -16.56
CA GLU L 49 24.70 6.80 -16.27
C GLU L 49 24.40 5.56 -15.44
N HIS L 50 25.10 4.45 -15.69
CA HIS L 50 24.85 3.22 -14.95
C HIS L 50 26.07 2.76 -14.15
N HIS L 51 26.32 3.40 -13.00
CA HIS L 51 27.45 3.09 -12.13
C HIS L 51 27.08 2.24 -10.91
N ASP L 52 27.80 1.12 -10.74
CA ASP L 52 27.64 0.17 -9.63
C ASP L 52 26.20 -0.31 -9.43
N GLY L 53 25.61 -0.87 -10.49
CA GLY L 53 24.26 -1.41 -10.47
C GLY L 53 23.14 -0.40 -10.22
N VAL L 54 23.39 0.90 -10.51
CA VAL L 54 22.38 1.94 -10.33
C VAL L 54 22.34 2.85 -11.58
N SER L 55 21.18 2.91 -12.28
CA SER L 55 21.02 3.79 -13.46
C SER L 55 20.26 5.08 -13.08
N LYS L 56 20.95 6.25 -13.06
CA LYS L 56 20.33 7.51 -12.65
C LYS L 56 20.66 8.73 -13.57
N ALA L 57 20.10 9.94 -13.27
CA ALA L 57 20.31 11.17 -14.05
C ALA L 57 19.90 12.42 -13.26
N ASN L 58 20.64 13.52 -13.43
CA ASN L 58 20.33 14.77 -12.71
C ASN L 58 19.81 15.86 -13.63
N PHE L 59 18.97 16.74 -13.10
CA PHE L 59 18.51 17.94 -13.80
C PHE L 59 18.75 19.08 -12.84
N SER L 60 19.75 19.92 -13.13
CA SER L 60 20.07 21.03 -12.24
C SER L 60 19.47 22.35 -12.64
N ILE L 61 18.73 22.96 -11.71
CA ILE L 61 18.17 24.28 -11.90
C ILE L 61 19.07 25.21 -11.13
N SER L 62 19.94 25.94 -11.84
CA SER L 62 20.91 26.85 -11.21
C SER L 62 20.25 28.01 -10.50
N ARG L 63 19.27 28.66 -11.14
CA ARG L 63 18.54 29.79 -10.56
C ARG L 63 17.05 29.56 -10.72
N MET L 64 16.36 29.27 -9.61
CA MET L 64 14.92 28.99 -9.63
C MET L 64 14.08 30.16 -10.09
N THR L 65 13.30 29.94 -11.15
CA THR L 65 12.41 30.96 -11.70
C THR L 65 10.97 30.44 -11.77
N GLN L 66 10.00 31.37 -11.78
CA GLN L 66 8.57 31.06 -11.81
C GLN L 66 8.18 30.02 -12.85
N ASP L 67 8.69 30.14 -14.08
CA ASP L 67 8.38 29.22 -15.17
C ASP L 67 8.85 27.78 -14.92
N LEU L 68 9.87 27.60 -14.08
CA LEU L 68 10.40 26.27 -13.77
C LEU L 68 9.65 25.53 -12.66
N ALA L 69 8.64 26.17 -12.04
CA ALA L 69 7.86 25.54 -10.99
C ALA L 69 6.68 24.77 -11.57
N GLY L 70 6.35 23.62 -10.98
CA GLY L 70 5.23 22.80 -11.45
C GLY L 70 5.30 21.37 -10.93
N THR L 71 4.53 20.45 -11.54
CA THR L 71 4.54 19.04 -11.15
C THR L 71 5.45 18.24 -12.09
N TYR L 72 6.54 17.71 -11.56
CA TYR L 72 7.50 16.94 -12.34
C TYR L 72 7.22 15.45 -12.24
N ARG L 73 7.43 14.73 -13.37
CA ARG L 73 7.21 13.29 -13.52
C ARG L 73 8.34 12.64 -14.33
N CYS L 74 8.95 11.55 -13.81
CA CYS L 74 10.06 10.90 -14.50
C CYS L 74 9.71 9.62 -15.25
N TYR L 75 10.21 9.51 -16.49
CA TYR L 75 10.02 8.35 -17.35
C TYR L 75 11.37 7.73 -17.69
N GLY L 76 11.36 6.44 -18.01
CA GLY L 76 12.57 5.75 -18.42
C GLY L 76 12.45 5.16 -19.81
N TYR L 83 9.31 2.81 -29.06
CA TYR L 83 8.69 3.81 -28.18
C TYR L 83 8.55 3.29 -26.74
N GLN L 84 9.58 2.60 -26.24
CA GLN L 84 9.60 2.00 -24.91
C GLN L 84 9.71 2.98 -23.75
N VAL L 85 8.59 3.61 -23.38
CA VAL L 85 8.57 4.50 -22.23
C VAL L 85 7.98 3.75 -21.04
N SER L 86 8.62 3.87 -19.87
CA SER L 86 8.18 3.23 -18.65
C SER L 86 6.98 3.96 -18.01
N ALA L 87 6.42 3.39 -16.94
CA ALA L 87 5.35 4.03 -16.19
C ALA L 87 5.97 5.25 -15.46
N PRO L 88 5.24 6.36 -15.33
CA PRO L 88 5.82 7.55 -14.69
C PRO L 88 6.12 7.36 -13.21
N SER L 89 7.08 8.12 -12.71
CA SER L 89 7.43 8.11 -11.30
C SER L 89 6.29 8.84 -10.52
N ASP L 90 6.34 8.80 -9.19
CA ASP L 90 5.37 9.51 -8.37
C ASP L 90 5.58 11.03 -8.56
N PRO L 91 4.50 11.79 -8.76
CA PRO L 91 4.64 13.24 -9.02
C PRO L 91 5.35 14.00 -7.91
N LEU L 92 6.21 14.93 -8.31
CA LEU L 92 6.96 15.76 -7.37
C LEU L 92 6.66 17.21 -7.69
N ASP L 93 6.03 17.94 -6.76
CA ASP L 93 5.70 19.35 -7.00
C ASP L 93 6.84 20.28 -6.59
N ILE L 94 7.48 20.95 -7.56
CA ILE L 94 8.54 21.90 -7.26
C ILE L 94 7.90 23.27 -7.09
N VAL L 95 7.89 23.78 -5.86
CA VAL L 95 7.27 25.06 -5.55
C VAL L 95 8.30 26.15 -5.27
N ILE L 96 8.07 27.35 -5.78
CA ILE L 96 8.98 28.46 -5.53
C ILE L 96 8.43 29.29 -4.36
N ILE L 97 9.23 29.47 -3.30
CA ILE L 97 8.80 30.16 -2.09
C ILE L 97 9.49 31.53 -1.90
N GLY L 98 8.94 32.35 -1.01
CA GLY L 98 9.46 33.65 -0.65
C GLY L 98 9.02 34.81 -1.51
N LEU L 99 7.90 34.66 -2.20
CA LEU L 99 7.40 35.68 -3.12
C LEU L 99 6.41 36.68 -2.52
N TYR L 100 5.68 36.28 -1.47
CA TYR L 100 4.66 37.15 -0.87
C TYR L 100 4.89 37.32 0.65
N GLU L 101 4.00 38.05 1.35
CA GLU L 101 4.05 38.29 2.79
C GLU L 101 4.26 37.01 3.59
N LYS L 102 5.16 37.05 4.58
CA LYS L 102 5.33 35.93 5.50
C LYS L 102 4.09 35.84 6.40
N PRO L 103 3.37 34.71 6.41
CA PRO L 103 2.25 34.58 7.35
C PRO L 103 2.72 34.29 8.78
N SER L 104 1.79 34.32 9.75
CA SER L 104 2.14 34.07 11.15
C SER L 104 1.55 32.77 11.61
N LEU L 105 2.38 31.92 12.20
CA LEU L 105 1.96 30.62 12.69
C LEU L 105 1.94 30.61 14.21
N SER L 106 0.78 30.32 14.79
CA SER L 106 0.61 30.26 16.25
C SER L 106 -0.01 28.92 16.65
N ALA L 107 0.18 28.52 17.92
CA ALA L 107 -0.35 27.24 18.38
C ALA L 107 -1.45 27.40 19.41
N GLN L 108 -2.45 26.52 19.37
CA GLN L 108 -3.53 26.52 20.33
C GLN L 108 -3.68 25.13 20.91
N PRO L 109 -3.69 24.98 22.25
CA PRO L 109 -3.67 26.03 23.29
C PRO L 109 -2.34 26.75 23.47
N GLY L 110 -1.25 26.08 23.10
CA GLY L 110 0.09 26.63 23.20
C GLY L 110 1.10 25.77 22.48
N PRO L 111 2.35 26.24 22.39
CA PRO L 111 3.38 25.46 21.70
C PRO L 111 3.96 24.29 22.51
N THR L 112 3.55 24.15 23.78
CA THR L 112 4.00 23.06 24.64
C THR L 112 2.78 22.44 25.28
N VAL L 113 2.47 21.19 24.93
CA VAL L 113 1.28 20.51 25.44
C VAL L 113 1.61 19.11 25.96
N LEU L 114 0.74 18.58 26.82
CA LEU L 114 0.86 17.21 27.31
C LEU L 114 0.30 16.28 26.23
N ALA L 115 0.87 15.08 26.09
CA ALA L 115 0.40 14.10 25.11
C ALA L 115 -1.11 13.82 25.24
N GLY L 116 -1.81 13.84 24.11
CA GLY L 116 -3.25 13.62 24.12
C GLY L 116 -4.06 14.91 24.05
N GLU L 117 -3.41 16.08 24.26
CA GLU L 117 -4.08 17.37 24.19
C GLU L 117 -4.33 17.75 22.75
N ASN L 118 -5.53 18.26 22.43
CA ASN L 118 -5.82 18.66 21.05
C ASN L 118 -5.09 19.93 20.68
N VAL L 119 -4.19 19.84 19.70
CA VAL L 119 -3.47 21.03 19.23
C VAL L 119 -4.04 21.46 17.89
N THR L 120 -4.08 22.76 17.66
CA THR L 120 -4.53 23.33 16.40
C THR L 120 -3.62 24.49 16.08
N LEU L 121 -2.93 24.43 14.95
CA LEU L 121 -2.02 25.50 14.55
C LEU L 121 -2.76 26.46 13.64
N SER L 122 -2.67 27.75 13.93
CA SER L 122 -3.36 28.77 13.15
C SER L 122 -2.39 29.58 12.29
N CYS L 123 -2.61 29.56 10.98
CA CYS L 123 -1.79 30.27 10.02
C CYS L 123 -2.58 31.51 9.61
N SER L 124 -2.07 32.72 9.90
CA SER L 124 -2.81 33.94 9.59
C SER L 124 -2.04 34.95 8.75
N SER L 125 -2.74 35.82 8.02
CA SER L 125 -2.09 36.81 7.17
C SER L 125 -3.01 38.00 6.82
N ARG L 126 -2.43 39.18 6.50
CA ARG L 126 -3.23 40.32 6.05
C ARG L 126 -3.62 40.13 4.58
N SER L 127 -2.75 39.47 3.78
CA SER L 127 -3.03 39.16 2.39
C SER L 127 -4.12 38.12 2.35
N SER L 128 -5.04 38.24 1.38
CA SER L 128 -6.08 37.24 1.22
C SER L 128 -5.61 36.09 0.35
N TYR L 129 -4.78 35.19 0.91
CA TYR L 129 -4.33 34.03 0.15
C TYR L 129 -5.52 33.10 -0.08
N ASP L 130 -5.50 32.42 -1.21
CA ASP L 130 -6.55 31.46 -1.53
C ASP L 130 -6.32 30.14 -0.78
N MET L 131 -5.06 29.79 -0.50
CA MET L 131 -4.71 28.57 0.19
C MET L 131 -3.61 28.77 1.18
N TYR L 132 -3.62 27.93 2.22
CA TYR L 132 -2.59 27.91 3.24
C TYR L 132 -1.96 26.53 3.26
N HIS L 133 -0.64 26.44 3.46
CA HIS L 133 0.04 25.15 3.42
C HIS L 133 0.83 24.96 4.70
N LEU L 134 0.53 23.91 5.47
CA LEU L 134 1.25 23.65 6.71
C LEU L 134 2.28 22.55 6.49
N SER L 135 3.55 22.86 6.75
CA SER L 135 4.64 21.91 6.54
C SER L 135 5.34 21.55 7.83
N ARG L 136 5.73 20.28 8.02
CA ARG L 136 6.55 19.94 9.20
C ARG L 136 7.88 19.34 8.78
N GLU L 137 8.93 19.61 9.58
CA GLU L 137 10.27 19.10 9.33
C GLU L 137 10.29 17.57 9.39
N GLY L 138 10.89 16.96 8.38
CA GLY L 138 10.96 15.51 8.29
C GLY L 138 9.67 14.92 7.74
N GLU L 139 9.05 15.63 6.79
CA GLU L 139 7.80 15.18 6.17
C GLU L 139 7.61 15.76 4.79
N ALA L 140 7.23 14.92 3.81
CA ALA L 140 6.95 15.40 2.44
C ALA L 140 5.44 15.62 2.22
N HIS L 141 4.70 15.92 3.31
CA HIS L 141 3.26 16.16 3.30
C HIS L 141 3.01 17.64 3.49
N GLU L 142 1.98 18.14 2.84
CA GLU L 142 1.59 19.52 2.97
C GLU L 142 0.11 19.55 3.25
N ARG L 143 -0.28 20.12 4.39
CA ARG L 143 -1.69 20.21 4.73
C ARG L 143 -2.18 21.46 4.01
N ARG L 144 -3.05 21.30 3.02
CA ARG L 144 -3.59 22.44 2.28
C ARG L 144 -4.97 22.77 2.85
N LEU L 145 -5.23 24.05 3.15
CA LEU L 145 -6.51 24.45 3.71
C LEU L 145 -6.82 25.88 3.28
N PRO L 146 -8.07 26.15 2.87
CA PRO L 146 -8.41 27.52 2.45
C PRO L 146 -8.55 28.51 3.61
N ALA L 147 -8.66 29.80 3.29
CA ALA L 147 -8.82 30.83 4.31
C ALA L 147 -10.28 30.82 4.88
N GLY L 148 -10.41 30.68 6.20
CA GLY L 148 -11.70 30.58 6.87
C GLY L 148 -12.19 31.86 7.52
N PRO L 149 -11.73 32.17 8.76
CA PRO L 149 -12.20 33.42 9.42
C PRO L 149 -11.60 34.72 8.88
N LYS L 150 -12.36 35.81 8.99
CA LYS L 150 -11.93 37.16 8.58
C LYS L 150 -12.02 38.05 9.81
N VAL L 151 -11.05 37.92 10.72
CA VAL L 151 -11.03 38.66 11.98
C VAL L 151 -9.97 39.76 11.98
N ASN L 152 -10.37 41.03 12.25
CA ASN L 152 -9.49 42.21 12.30
C ASN L 152 -8.72 42.41 10.99
N GLY L 153 -9.44 42.34 9.87
CA GLY L 153 -8.85 42.46 8.53
C GLY L 153 -7.71 41.47 8.28
N THR L 154 -7.77 40.32 8.97
CA THR L 154 -6.76 39.27 8.88
C THR L 154 -7.43 37.94 8.57
N PHE L 155 -6.88 37.21 7.60
CA PHE L 155 -7.38 35.91 7.14
C PHE L 155 -6.68 34.82 7.89
N GLN L 156 -7.42 33.81 8.32
CA GLN L 156 -6.87 32.71 9.12
C GLN L 156 -7.25 31.34 8.54
N ALA L 157 -6.38 30.35 8.71
CA ALA L 157 -6.69 28.96 8.39
C ALA L 157 -6.26 28.18 9.63
N ASP L 158 -7.17 27.44 10.24
CA ASP L 158 -6.86 26.70 11.47
C ASP L 158 -6.72 25.22 11.17
N PHE L 159 -5.53 24.69 11.37
CA PHE L 159 -5.22 23.30 11.10
C PHE L 159 -5.29 22.47 12.36
N PRO L 160 -6.38 21.70 12.55
CA PRO L 160 -6.45 20.84 13.74
C PRO L 160 -5.56 19.62 13.60
N LEU L 161 -4.62 19.44 14.53
CA LEU L 161 -3.72 18.29 14.48
C LEU L 161 -4.20 17.09 15.32
N GLY L 162 -5.32 17.22 16.01
CA GLY L 162 -5.85 16.16 16.87
C GLY L 162 -5.06 16.01 18.15
N PRO L 163 -5.26 14.91 18.89
CA PRO L 163 -4.49 14.72 20.13
C PRO L 163 -2.99 14.64 19.87
N ALA L 164 -2.20 15.29 20.74
CA ALA L 164 -0.74 15.37 20.64
C ALA L 164 -0.10 14.00 20.72
N THR L 165 0.79 13.71 19.77
CA THR L 165 1.48 12.43 19.78
C THR L 165 2.99 12.67 19.87
N HIS L 166 3.57 13.40 18.91
CA HIS L 166 5.00 13.73 18.88
C HIS L 166 5.20 15.22 18.57
N GLY L 167 6.38 15.74 18.89
CA GLY L 167 6.71 17.14 18.62
C GLY L 167 7.00 17.41 17.15
N GLY L 168 7.52 18.60 16.86
CA GLY L 168 7.85 18.95 15.48
C GLY L 168 7.95 20.43 15.20
N THR L 169 8.73 20.79 14.18
CA THR L 169 8.89 22.17 13.78
C THR L 169 7.98 22.43 12.58
N TYR L 170 7.07 23.39 12.69
CA TYR L 170 6.11 23.69 11.64
C TYR L 170 6.37 25.04 11.00
N ARG L 171 6.01 25.16 9.72
CA ARG L 171 6.10 26.38 8.94
C ARG L 171 4.89 26.45 8.03
N CYS L 172 4.29 27.63 7.85
CA CYS L 172 3.15 27.74 6.95
C CYS L 172 3.36 28.81 5.88
N PHE L 173 2.71 28.58 4.73
CA PHE L 173 2.82 29.39 3.54
C PHE L 173 1.43 29.75 3.00
N GLY L 174 1.38 30.72 2.11
CA GLY L 174 0.14 31.14 1.45
C GLY L 174 0.32 31.15 -0.05
N SER L 175 -0.75 30.84 -0.80
CA SER L 175 -0.67 30.81 -2.25
C SER L 175 -1.98 31.31 -2.90
N PHE L 176 -2.00 31.47 -4.23
CA PHE L 176 -3.20 31.90 -4.92
C PHE L 176 -3.68 30.86 -5.95
N HIS L 177 -4.99 30.86 -6.29
CA HIS L 177 -5.62 29.92 -7.21
C HIS L 177 -4.99 29.92 -8.61
N ASP L 178 -4.56 31.10 -9.09
CA ASP L 178 -3.96 31.25 -10.41
C ASP L 178 -2.50 30.79 -10.50
N SER L 179 -1.80 30.73 -9.37
CA SER L 179 -0.39 30.33 -9.35
C SER L 179 -0.16 29.37 -8.20
N PRO L 180 -0.56 28.09 -8.37
CA PRO L 180 -0.43 27.13 -7.25
C PRO L 180 0.98 26.68 -6.88
N TYR L 181 1.98 26.99 -7.71
CA TYR L 181 3.35 26.62 -7.39
C TYR L 181 4.22 27.80 -6.95
N GLU L 182 3.60 28.92 -6.59
CA GLU L 182 4.30 30.12 -6.12
C GLU L 182 3.73 30.44 -4.76
N TRP L 183 4.55 30.28 -3.73
CA TRP L 183 4.14 30.47 -2.35
C TRP L 183 4.78 31.69 -1.70
N SER L 184 4.19 32.18 -0.62
CA SER L 184 4.69 33.31 0.12
C SER L 184 5.98 32.94 0.88
N LYS L 185 6.57 33.90 1.59
CA LYS L 185 7.74 33.67 2.43
C LYS L 185 7.31 32.74 3.57
N SER L 186 8.14 31.77 3.96
CA SER L 186 7.80 30.85 5.05
C SER L 186 7.54 31.59 6.34
N SER L 187 6.55 31.14 7.11
CA SER L 187 6.30 31.73 8.43
C SER L 187 7.48 31.40 9.34
N ASP L 188 7.65 32.13 10.46
CA ASP L 188 8.71 31.83 11.42
C ASP L 188 8.44 30.43 12.01
N PRO L 189 9.45 29.54 12.00
CA PRO L 189 9.21 28.17 12.47
C PRO L 189 8.67 28.08 13.90
N LEU L 190 7.60 27.30 14.07
CA LEU L 190 6.99 27.12 15.38
C LEU L 190 7.32 25.72 15.88
N LEU L 191 7.94 25.62 17.06
CA LEU L 191 8.27 24.32 17.63
C LEU L 191 7.18 23.84 18.58
N VAL L 192 6.57 22.69 18.27
CA VAL L 192 5.57 22.10 19.14
C VAL L 192 6.26 21.07 20.00
N SER L 193 6.08 21.14 21.31
CA SER L 193 6.72 20.23 22.24
C SER L 193 5.66 19.41 22.95
N VAL L 194 5.76 18.07 22.84
CA VAL L 194 4.81 17.16 23.49
C VAL L 194 5.46 16.52 24.71
N THR L 195 4.92 16.79 25.91
CA THR L 195 5.48 16.24 27.14
C THR L 195 4.56 15.17 27.74
N GLU M 19 -4.75 86.11 -2.71
CA GLU M 19 -3.44 85.73 -2.17
C GLU M 19 -3.54 84.59 -1.14
N ALA M 20 -2.41 83.99 -0.75
CA ALA M 20 -2.37 82.88 0.20
C ALA M 20 -2.97 83.24 1.56
N ALA M 21 -2.75 84.48 2.03
CA ALA M 21 -3.29 84.95 3.29
C ALA M 21 -4.82 85.13 3.19
N ARG M 22 -5.29 85.65 2.05
CA ARG M 22 -6.72 85.85 1.79
C ARG M 22 -7.45 84.50 1.77
N ILE M 23 -6.80 83.46 1.21
CA ILE M 23 -7.38 82.11 1.16
C ILE M 23 -7.60 81.56 2.56
N ALA M 24 -6.58 81.61 3.42
CA ALA M 24 -6.68 81.12 4.80
C ALA M 24 -7.70 81.90 5.63
N ALA M 25 -7.86 83.20 5.34
CA ALA M 25 -8.81 84.05 6.04
C ALA M 25 -10.25 83.62 5.71
N ALA M 26 -10.54 83.34 4.43
CA ALA M 26 -11.86 82.91 4.01
C ALA M 26 -12.16 81.46 4.42
N ILE M 27 -11.13 80.60 4.47
CA ILE M 27 -11.31 79.21 4.91
C ILE M 27 -11.72 79.21 6.37
N ASP M 28 -10.98 79.96 7.21
CA ASP M 28 -11.29 80.06 8.64
C ASP M 28 -12.67 80.65 8.89
N ALA M 29 -13.13 81.57 8.02
CA ALA M 29 -14.45 82.16 8.14
C ALA M 29 -15.53 81.10 7.93
N VAL M 30 -15.32 80.19 6.95
CA VAL M 30 -16.23 79.10 6.67
C VAL M 30 -16.25 78.12 7.84
N ILE M 31 -15.06 77.73 8.34
CA ILE M 31 -14.94 76.83 9.49
C ILE M 31 -15.68 77.38 10.71
N LYS M 32 -15.43 78.66 11.06
CA LYS M 32 -16.08 79.32 12.18
C LYS M 32 -17.58 79.45 11.98
N GLY M 33 -17.99 79.76 10.75
CA GLY M 33 -19.40 79.89 10.38
C GLY M 33 -20.17 78.60 10.55
N ILE M 34 -19.60 77.49 10.08
CA ILE M 34 -20.21 76.17 10.20
C ILE M 34 -20.35 75.80 11.68
N GLU M 35 -19.27 75.95 12.44
CA GLU M 35 -19.25 75.62 13.86
C GLU M 35 -20.25 76.42 14.69
N THR M 36 -20.36 77.73 14.48
CA THR M 36 -21.27 78.57 15.26
C THR M 36 -22.73 78.43 14.84
N LYS M 37 -23.01 78.25 13.54
CA LYS M 37 -24.38 78.12 13.05
C LYS M 37 -24.97 76.77 13.43
N PHE M 38 -24.23 75.68 13.23
CA PHE M 38 -24.71 74.34 13.54
C PHE M 38 -24.46 73.88 14.99
N GLY M 39 -23.70 74.67 15.76
CA GLY M 39 -23.38 74.33 17.14
C GLY M 39 -22.56 73.07 17.25
N VAL M 40 -21.62 72.90 16.32
CA VAL M 40 -20.79 71.70 16.23
C VAL M 40 -19.28 72.05 16.20
N SER M 41 -18.40 71.05 16.33
CA SER M 41 -16.96 71.29 16.28
C SER M 41 -16.36 70.43 15.17
N THR M 42 -15.52 71.02 14.33
CA THR M 42 -14.86 70.29 13.25
C THR M 42 -13.55 69.58 13.70
N ASN M 43 -13.20 69.65 14.99
CA ASN M 43 -12.00 69.02 15.54
C ASN M 43 -12.14 67.50 15.51
N GLY M 44 -11.18 66.82 14.89
CA GLY M 44 -11.20 65.37 14.76
C GLY M 44 -12.09 64.85 13.64
N VAL M 45 -12.88 65.72 13.01
CA VAL M 45 -13.78 65.37 11.92
C VAL M 45 -12.98 65.31 10.61
N LEU M 46 -12.51 64.10 10.26
CA LEU M 46 -11.69 63.84 9.07
C LEU M 46 -12.35 64.23 7.75
N GLY M 47 -13.61 63.87 7.57
CA GLY M 47 -14.36 64.17 6.35
C GLY M 47 -14.48 65.65 6.06
N LEU M 48 -14.78 66.45 7.09
CA LEU M 48 -14.92 67.89 6.92
C LEU M 48 -13.58 68.60 6.78
N LYS M 49 -12.59 68.24 7.61
CA LYS M 49 -11.28 68.87 7.54
C LYS M 49 -10.59 68.65 6.18
N SER M 50 -10.84 67.49 5.55
CA SER M 50 -10.29 67.19 4.23
C SER M 50 -10.80 68.16 3.15
N LEU M 51 -11.98 68.76 3.35
CA LEU M 51 -12.55 69.69 2.39
C LEU M 51 -12.21 71.16 2.65
N PHE M 52 -11.46 71.47 3.71
CA PHE M 52 -11.09 72.86 4.00
C PHE M 52 -9.87 73.28 3.19
N THR M 53 -9.96 73.15 1.87
CA THR M 53 -8.90 73.49 0.91
C THR M 53 -9.36 74.65 0.01
N ALA M 54 -8.41 75.32 -0.66
CA ALA M 54 -8.74 76.44 -1.55
C ALA M 54 -9.85 76.16 -2.58
N ASN M 55 -9.92 74.93 -3.11
CA ASN M 55 -10.93 74.58 -4.11
C ASN M 55 -12.20 73.97 -3.50
N ASN M 56 -12.06 73.18 -2.44
CA ASN M 56 -13.22 72.51 -1.82
C ASN M 56 -13.88 73.26 -0.66
N TYR M 57 -13.31 74.40 -0.23
CA TYR M 57 -13.87 75.16 0.89
C TYR M 57 -15.12 75.99 0.49
N ASN M 58 -15.33 76.21 -0.81
CA ASN M 58 -16.46 77.01 -1.27
C ASN M 58 -17.58 76.21 -1.93
N ASN M 59 -17.38 74.90 -2.14
CA ASN M 59 -18.41 74.05 -2.72
C ASN M 59 -19.42 73.71 -1.64
N ALA M 60 -20.59 74.38 -1.68
CA ALA M 60 -21.63 74.15 -0.68
C ALA M 60 -22.16 72.73 -0.69
N THR M 61 -22.30 72.13 -1.88
CA THR M 61 -22.81 70.77 -2.01
C THR M 61 -21.93 69.76 -1.28
N LYS M 62 -20.59 69.86 -1.45
CA LYS M 62 -19.64 68.96 -0.81
C LYS M 62 -19.67 69.11 0.70
N ILE M 63 -19.68 70.36 1.20
CA ILE M 63 -19.71 70.66 2.63
C ILE M 63 -20.99 70.15 3.28
N ALA M 64 -22.16 70.47 2.69
CA ALA M 64 -23.44 69.99 3.23
C ALA M 64 -23.49 68.47 3.26
N GLY M 65 -22.94 67.83 2.21
CA GLY M 65 -22.88 66.38 2.13
C GLY M 65 -22.01 65.77 3.22
N ALA M 66 -20.88 66.44 3.56
CA ALA M 66 -19.97 65.99 4.60
C ALA M 66 -20.57 66.16 5.98
N ILE M 67 -21.30 67.26 6.22
CA ILE M 67 -21.97 67.48 7.51
C ILE M 67 -22.99 66.37 7.79
N ILE M 68 -23.74 65.99 6.76
CA ILE M 68 -24.73 64.91 6.86
C ILE M 68 -24.03 63.58 7.10
N GLU M 69 -22.93 63.33 6.41
CA GLU M 69 -22.18 62.09 6.55
C GLU M 69 -21.54 61.92 7.92
N GLU M 70 -20.91 62.97 8.44
CA GLU M 70 -20.21 62.90 9.72
C GLU M 70 -21.11 63.08 10.93
N TYR M 71 -22.00 64.08 10.89
CA TYR M 71 -22.85 64.38 12.02
C TYR M 71 -24.19 63.63 12.02
N LYS M 72 -24.55 62.97 10.91
CA LYS M 72 -25.80 62.20 10.78
C LYS M 72 -27.03 62.92 11.36
N PRO M 73 -27.45 64.03 10.75
CA PRO M 73 -28.57 64.80 11.31
C PRO M 73 -29.90 64.08 11.34
N SER M 74 -30.21 63.29 10.30
CA SER M 74 -31.46 62.55 10.23
C SER M 74 -31.61 61.54 11.38
N SER M 75 -30.49 61.09 11.97
CA SER M 75 -30.51 60.18 13.10
C SER M 75 -30.98 60.85 14.42
N CYS M 76 -31.10 62.19 14.44
CA CYS M 76 -31.56 62.92 15.63
C CYS M 76 -33.05 62.70 15.89
N SER M 86 -24.06 65.97 18.43
CA SER M 86 -23.77 67.40 18.56
C SER M 86 -24.66 68.27 17.66
N ILE M 87 -25.08 67.73 16.51
CA ILE M 87 -25.95 68.48 15.59
C ILE M 87 -27.43 68.45 16.00
N CYS M 88 -27.83 67.57 16.93
CA CYS M 88 -29.22 67.45 17.34
C CYS M 88 -29.83 68.76 17.86
N PRO M 89 -29.18 69.58 18.71
CA PRO M 89 -29.79 70.86 19.08
C PRO M 89 -30.16 71.72 17.86
N TRP M 90 -29.30 71.74 16.82
CA TRP M 90 -29.62 72.49 15.61
C TRP M 90 -30.79 71.81 14.90
N ALA M 91 -30.74 70.48 14.77
CA ALA M 91 -31.76 69.66 14.10
C ALA M 91 -33.17 69.86 14.65
N MET M 92 -33.36 69.82 15.97
CA MET M 92 -34.69 70.00 16.57
C MET M 92 -35.19 71.42 16.37
N GLU M 93 -34.33 72.41 16.58
CA GLU M 93 -34.69 73.82 16.40
C GLU M 93 -35.17 74.17 14.98
N ASN M 94 -34.35 73.84 13.95
CA ASN M 94 -34.69 74.14 12.56
C ASN M 94 -35.80 73.25 11.99
N PHE M 95 -36.00 72.05 12.57
CA PHE M 95 -37.06 71.16 12.08
C PHE M 95 -38.44 71.58 12.59
N PHE M 96 -38.52 72.22 13.77
CA PHE M 96 -39.81 72.66 14.33
C PHE M 96 -40.25 73.99 13.70
N GLU M 108 -45.43 72.64 0.62
CA GLU M 108 -44.78 71.44 0.06
C GLU M 108 -43.87 70.74 1.08
N ALA M 109 -43.32 69.56 0.73
CA ALA M 109 -42.45 68.81 1.62
C ALA M 109 -41.14 69.54 1.87
N VAL M 110 -40.60 69.44 3.09
CA VAL M 110 -39.34 70.09 3.44
C VAL M 110 -38.30 69.03 3.73
N SER M 111 -37.22 69.01 2.97
CA SER M 111 -36.16 68.02 3.12
C SER M 111 -35.11 68.52 4.12
N MET M 112 -34.72 67.66 5.07
CA MET M 112 -33.69 67.97 6.07
C MET M 112 -32.37 68.32 5.37
N ASN M 113 -31.94 67.49 4.40
CA ASN M 113 -30.71 67.71 3.66
C ASN M 113 -30.73 69.01 2.84
N ASP M 114 -31.93 69.42 2.40
CA ASP M 114 -32.13 70.65 1.64
C ASP M 114 -31.91 71.85 2.57
N VAL M 115 -32.44 71.78 3.81
CA VAL M 115 -32.28 72.83 4.84
C VAL M 115 -30.81 73.00 5.18
N ILE M 116 -30.08 71.88 5.31
CA ILE M 116 -28.65 71.91 5.59
C ILE M 116 -27.90 72.61 4.45
N GLU M 117 -28.23 72.25 3.21
CA GLU M 117 -27.60 72.87 2.05
C GLU M 117 -27.86 74.37 1.99
N LYS M 118 -29.11 74.80 2.24
CA LYS M 118 -29.46 76.23 2.24
C LYS M 118 -28.71 77.00 3.32
N THR M 119 -28.46 76.38 4.47
CA THR M 119 -27.72 77.02 5.56
C THR M 119 -26.26 77.20 5.16
N VAL M 120 -25.66 76.17 4.55
CA VAL M 120 -24.27 76.20 4.08
C VAL M 120 -24.08 77.27 3.00
N LYS M 121 -25.11 77.49 2.15
CA LYS M 121 -25.06 78.52 1.11
C LYS M 121 -24.89 79.91 1.74
N THR M 122 -25.65 80.21 2.81
CA THR M 122 -25.56 81.51 3.48
C THR M 122 -24.21 81.68 4.18
N ILE M 123 -23.68 80.62 4.81
CA ILE M 123 -22.38 80.68 5.49
C ILE M 123 -21.27 81.00 4.47
N VAL M 124 -21.28 80.31 3.33
CA VAL M 124 -20.31 80.49 2.25
C VAL M 124 -20.40 81.92 1.67
N SER M 125 -21.62 82.43 1.46
CA SER M 125 -21.80 83.78 0.93
C SER M 125 -21.48 84.88 1.95
N PRO N 3 -48.93 55.00 11.81
CA PRO N 3 -49.44 55.41 10.48
C PRO N 3 -49.26 54.34 9.39
N SER N 4 -49.79 54.61 8.19
CA SER N 4 -49.72 53.68 7.08
C SER N 4 -48.96 54.33 5.93
N LEU N 5 -47.90 53.69 5.45
CA LEU N 5 -47.12 54.24 4.34
C LEU N 5 -47.31 53.37 3.09
N LEU N 6 -47.78 53.97 1.99
CA LEU N 6 -48.05 53.28 0.73
C LEU N 6 -47.29 53.93 -0.44
N ALA N 7 -47.04 53.18 -1.52
CA ALA N 7 -46.41 53.75 -2.70
C ALA N 7 -47.35 53.62 -3.90
N HIS N 8 -47.57 54.71 -4.64
CA HIS N 8 -48.44 54.70 -5.80
C HIS N 8 -47.65 55.11 -7.04
N PRO N 9 -47.65 54.28 -8.08
CA PRO N 9 -48.38 53.00 -8.22
C PRO N 9 -47.73 51.79 -7.52
N GLY N 10 -46.47 51.88 -7.16
CA GLY N 10 -45.79 50.78 -6.47
C GLY N 10 -44.38 51.11 -6.02
N PRO N 11 -43.76 50.25 -5.18
CA PRO N 11 -42.40 50.56 -4.69
C PRO N 11 -41.29 50.31 -5.70
N LEU N 12 -41.54 49.47 -6.71
CA LEU N 12 -40.53 49.20 -7.73
C LEU N 12 -40.72 50.22 -8.83
N VAL N 13 -39.93 51.28 -8.76
CA VAL N 13 -40.04 52.42 -9.66
C VAL N 13 -38.95 52.38 -10.71
N LYS N 14 -39.28 52.61 -11.98
CA LYS N 14 -38.25 52.66 -13.03
C LYS N 14 -37.49 53.97 -12.93
N SER N 15 -36.26 54.01 -13.44
CA SER N 15 -35.45 55.22 -13.40
C SER N 15 -36.12 56.37 -14.13
N GLU N 16 -36.03 57.58 -13.56
CA GLU N 16 -36.63 58.80 -14.11
C GLU N 16 -38.18 58.82 -14.07
N GLU N 17 -38.82 57.71 -13.65
CA GLU N 17 -40.28 57.67 -13.55
C GLU N 17 -40.79 58.33 -12.27
N THR N 18 -42.09 58.63 -12.20
CA THR N 18 -42.66 59.30 -11.04
C THR N 18 -43.37 58.35 -10.07
N VAL N 19 -43.24 58.62 -8.76
CA VAL N 19 -43.86 57.82 -7.71
C VAL N 19 -44.35 58.70 -6.56
N ILE N 20 -45.47 58.34 -5.93
CA ILE N 20 -46.01 59.11 -4.82
C ILE N 20 -46.05 58.26 -3.56
N LEU N 21 -45.38 58.70 -2.50
CA LEU N 21 -45.40 58.00 -1.23
C LEU N 21 -46.47 58.62 -0.35
N GLN N 22 -47.55 57.88 -0.09
CA GLN N 22 -48.66 58.38 0.71
C GLN N 22 -48.59 57.93 2.17
N CYS N 23 -48.78 58.88 3.09
CA CYS N 23 -48.81 58.61 4.53
C CYS N 23 -50.22 58.92 5.02
N TRP N 24 -50.87 57.99 5.77
CA TRP N 24 -52.21 58.26 6.30
C TRP N 24 -52.55 57.47 7.57
N SER N 25 -53.44 58.03 8.42
CA SER N 25 -53.86 57.41 9.67
C SER N 25 -55.22 57.97 10.14
N ASP N 26 -55.89 57.25 11.06
CA ASP N 26 -57.16 57.70 11.66
C ASP N 26 -56.96 58.69 12.84
N VAL N 27 -55.69 58.95 13.21
CA VAL N 27 -55.33 59.89 14.27
C VAL N 27 -54.98 61.22 13.60
N MET N 28 -55.47 62.34 14.14
CA MET N 28 -55.23 63.65 13.53
C MET N 28 -53.84 64.20 13.81
N PHE N 29 -52.87 63.77 13.01
CA PHE N 29 -51.49 64.24 13.12
C PHE N 29 -51.37 65.56 12.40
N GLU N 30 -50.82 66.60 13.08
CA GLU N 30 -50.65 67.93 12.50
C GLU N 30 -49.68 67.87 11.31
N HIS N 31 -48.57 67.15 11.48
CA HIS N 31 -47.58 66.96 10.43
C HIS N 31 -47.02 65.53 10.43
N PHE N 32 -46.49 65.11 9.27
CA PHE N 32 -45.94 63.78 9.08
C PHE N 32 -44.45 63.87 8.81
N LEU N 33 -43.70 62.89 9.29
CA LEU N 33 -42.25 62.85 9.09
C LEU N 33 -41.89 61.58 8.36
N LEU N 34 -41.40 61.70 7.13
CA LEU N 34 -41.03 60.54 6.33
C LEU N 34 -39.52 60.37 6.35
N HIS N 35 -39.03 59.26 6.89
CA HIS N 35 -37.59 59.02 6.98
C HIS N 35 -37.11 58.00 5.95
N ARG N 36 -36.04 58.30 5.23
CA ARG N 36 -35.46 57.38 4.26
C ARG N 36 -34.14 56.88 4.80
N GLU N 37 -33.91 55.58 4.79
CA GLU N 37 -32.64 55.00 5.20
C GLU N 37 -32.02 54.36 3.96
N GLY N 38 -30.87 54.84 3.54
CA GLY N 38 -30.19 54.31 2.36
C GLY N 38 -28.81 54.91 2.19
N MET N 39 -28.37 55.14 0.94
CA MET N 39 -27.06 55.75 0.69
C MET N 39 -27.04 57.18 1.20
N PHE N 40 -28.13 57.92 0.98
CA PHE N 40 -28.26 59.28 1.47
C PHE N 40 -29.54 59.35 2.30
N ASN N 41 -29.44 59.16 3.64
CA ASN N 41 -30.67 59.20 4.40
C ASN N 41 -31.14 60.66 4.56
N ASP N 42 -32.44 60.81 4.69
CA ASP N 42 -33.08 62.12 4.78
C ASP N 42 -34.42 62.01 5.51
N THR N 43 -34.93 63.13 6.00
CA THR N 43 -36.25 63.18 6.64
C THR N 43 -37.04 64.30 6.00
N LEU N 44 -38.31 64.05 5.69
CA LEU N 44 -39.15 65.05 5.06
C LEU N 44 -40.35 65.41 5.93
N ARG N 45 -40.58 66.71 6.12
CA ARG N 45 -41.71 67.23 6.90
C ARG N 45 -42.87 67.50 5.97
N LEU N 46 -43.84 66.60 5.95
CA LEU N 46 -45.03 66.75 5.12
C LEU N 46 -46.13 67.37 5.97
N ILE N 47 -46.97 68.22 5.37
CA ILE N 47 -48.04 68.88 6.10
C ILE N 47 -49.29 68.01 6.13
N GLY N 48 -49.98 68.02 7.26
CA GLY N 48 -51.18 67.22 7.44
C GLY N 48 -52.44 67.83 6.87
N GLU N 49 -53.12 67.07 6.01
CA GLU N 49 -54.38 67.43 5.39
C GLU N 49 -55.46 66.58 6.07
N HIS N 50 -56.33 67.19 6.87
CA HIS N 50 -57.34 66.44 7.63
C HIS N 50 -58.72 66.47 6.97
N HIS N 51 -58.89 65.74 5.85
CA HIS N 51 -60.19 65.71 5.18
C HIS N 51 -60.95 64.40 5.37
N ASP N 52 -62.17 64.52 5.95
CA ASP N 52 -63.12 63.45 6.25
C ASP N 52 -62.58 62.38 7.21
N GLY N 53 -62.31 62.81 8.44
CA GLY N 53 -61.84 61.95 9.52
C GLY N 53 -60.51 61.23 9.32
N VAL N 54 -59.69 61.63 8.33
CA VAL N 54 -58.38 61.00 8.10
C VAL N 54 -57.30 62.05 7.81
N SER N 55 -56.15 61.96 8.51
CA SER N 55 -55.04 62.88 8.25
C SER N 55 -54.12 62.21 7.22
N LYS N 56 -53.82 62.89 6.11
CA LYS N 56 -52.99 62.30 5.07
C LYS N 56 -51.98 63.27 4.47
N ALA N 57 -50.91 62.75 3.87
CA ALA N 57 -49.87 63.57 3.24
C ALA N 57 -49.15 62.80 2.13
N ASN N 58 -48.85 63.47 1.00
CA ASN N 58 -48.22 62.86 -0.18
C ASN N 58 -46.82 63.42 -0.48
N PHE N 59 -45.82 62.54 -0.63
CA PHE N 59 -44.48 62.97 -1.01
C PHE N 59 -44.29 62.53 -2.45
N SER N 60 -44.22 63.48 -3.39
CA SER N 60 -44.09 63.14 -4.79
C SER N 60 -42.67 63.20 -5.31
N ILE N 61 -42.20 62.08 -5.88
CA ILE N 61 -40.90 62.01 -6.51
C ILE N 61 -41.18 62.10 -8.00
N SER N 62 -40.92 63.27 -8.60
CA SER N 62 -41.20 63.51 -10.01
C SER N 62 -40.33 62.67 -10.93
N ARG N 63 -39.04 62.59 -10.63
CA ARG N 63 -38.08 61.84 -11.43
C ARG N 63 -37.26 60.98 -10.46
N MET N 64 -37.45 59.66 -10.51
CA MET N 64 -36.75 58.73 -9.64
C MET N 64 -35.25 58.66 -9.90
N THR N 65 -34.46 58.93 -8.87
CA THR N 65 -33.01 58.89 -8.93
C THR N 65 -32.43 57.97 -7.86
N GLN N 66 -31.22 57.45 -8.09
CA GLN N 66 -30.52 56.54 -7.19
C GLN N 66 -30.53 56.96 -5.73
N ASP N 67 -30.25 58.24 -5.46
CA ASP N 67 -30.20 58.75 -4.10
C ASP N 67 -31.54 58.73 -3.36
N LEU N 68 -32.66 58.71 -4.11
CA LEU N 68 -33.99 58.67 -3.52
C LEU N 68 -34.49 57.26 -3.18
N ALA N 69 -33.70 56.22 -3.49
CA ALA N 69 -34.08 54.85 -3.19
C ALA N 69 -33.62 54.45 -1.79
N GLY N 70 -34.43 53.65 -1.11
CA GLY N 70 -34.10 53.18 0.24
C GLY N 70 -35.32 52.72 1.02
N THR N 71 -35.17 52.58 2.35
CA THR N 71 -36.26 52.14 3.22
C THR N 71 -36.94 53.35 3.86
N TYR N 72 -38.20 53.60 3.51
CA TYR N 72 -38.97 54.70 4.03
C TYR N 72 -39.83 54.28 5.22
N ARG N 73 -39.95 55.18 6.22
CA ARG N 73 -40.68 55.01 7.48
C ARG N 73 -41.50 56.26 7.81
N CYS N 74 -42.81 56.10 8.11
CA CYS N 74 -43.64 57.27 8.43
C CYS N 74 -43.92 57.45 9.93
N TYR N 75 -43.65 58.65 10.43
CA TYR N 75 -43.88 59.01 11.83
C TYR N 75 -44.90 60.15 11.87
N GLY N 76 -45.83 60.10 12.83
CA GLY N 76 -46.85 61.12 12.95
C GLY N 76 -46.55 62.04 14.10
N SER N 77 -46.69 63.34 13.85
CA SER N 77 -46.41 64.33 14.87
C SER N 77 -47.67 64.73 15.61
N VAL N 78 -47.57 64.80 16.94
CA VAL N 78 -48.70 65.18 17.77
C VAL N 78 -48.52 66.64 18.23
N THR N 79 -47.41 66.94 18.92
CA THR N 79 -47.07 68.28 19.40
C THR N 79 -45.57 68.53 19.15
N HIS N 80 -45.15 69.81 19.13
CA HIS N 80 -43.75 70.13 18.86
C HIS N 80 -42.89 70.24 20.11
N SER N 81 -43.44 70.80 21.20
CA SER N 81 -42.72 70.94 22.47
C SER N 81 -42.54 69.62 23.26
N PRO N 82 -43.56 68.74 23.40
CA PRO N 82 -43.35 67.49 24.15
C PRO N 82 -42.45 66.48 23.44
N TYR N 83 -42.25 66.63 22.11
CA TYR N 83 -41.47 65.72 21.26
C TYR N 83 -41.95 64.28 21.46
N GLN N 84 -43.27 64.08 21.37
CA GLN N 84 -43.88 62.77 21.60
C GLN N 84 -44.45 62.13 20.31
N VAL N 85 -43.63 62.07 19.23
CA VAL N 85 -44.02 61.50 17.94
C VAL N 85 -44.47 60.04 18.02
N SER N 86 -45.27 59.60 17.06
CA SER N 86 -45.85 58.28 17.04
C SER N 86 -44.85 57.15 16.74
N ALA N 87 -45.31 55.89 16.87
CA ALA N 87 -44.52 54.73 16.52
C ALA N 87 -44.43 54.71 14.98
N PRO N 88 -43.29 54.28 14.42
CA PRO N 88 -43.14 54.29 12.96
C PRO N 88 -44.07 53.34 12.23
N SER N 89 -44.38 53.66 10.97
CA SER N 89 -45.18 52.81 10.12
C SER N 89 -44.34 51.56 9.72
N ASP N 90 -44.96 50.60 9.05
CA ASP N 90 -44.23 49.42 8.56
C ASP N 90 -43.27 49.90 7.45
N PRO N 91 -42.02 49.43 7.47
CA PRO N 91 -41.04 49.90 6.47
C PRO N 91 -41.44 49.60 5.03
N LEU N 92 -41.22 50.56 4.13
CA LEU N 92 -41.52 50.41 2.71
C LEU N 92 -40.20 50.59 2.00
N ASP N 93 -39.78 49.62 1.18
CA ASP N 93 -38.53 49.74 0.41
C ASP N 93 -38.82 50.23 -1.00
N ILE N 94 -38.40 51.46 -1.32
CA ILE N 94 -38.58 52.01 -2.65
C ILE N 94 -37.33 51.69 -3.44
N VAL N 95 -37.44 50.78 -4.41
CA VAL N 95 -36.33 50.30 -5.23
C VAL N 95 -36.38 50.87 -6.64
N ILE N 96 -35.22 51.26 -7.18
CA ILE N 96 -35.16 51.77 -8.55
C ILE N 96 -34.77 50.63 -9.47
N ILE N 97 -35.60 50.34 -10.49
CA ILE N 97 -35.38 49.22 -11.41
C ILE N 97 -34.99 49.67 -12.84
N GLY N 98 -34.57 48.72 -13.68
CA GLY N 98 -34.21 48.94 -15.08
C GLY N 98 -32.78 49.38 -15.35
N LEU N 99 -31.94 49.38 -14.31
CA LEU N 99 -30.55 49.82 -14.33
C LEU N 99 -29.55 48.86 -14.97
N TYR N 100 -29.74 47.55 -14.79
CA TYR N 100 -28.78 46.55 -15.30
C TYR N 100 -29.46 45.58 -16.30
N GLU N 101 -28.71 44.58 -16.83
CA GLU N 101 -29.24 43.60 -17.78
C GLU N 101 -30.49 42.90 -17.30
N LYS N 102 -31.46 42.71 -18.19
CA LYS N 102 -32.69 41.99 -17.89
C LYS N 102 -32.35 40.51 -17.72
N PRO N 103 -32.61 39.91 -16.53
CA PRO N 103 -32.37 38.48 -16.40
C PRO N 103 -33.45 37.63 -17.10
N SER N 104 -33.24 36.32 -17.19
CA SER N 104 -34.21 35.44 -17.84
C SER N 104 -34.88 34.55 -16.82
N LEU N 105 -36.21 34.54 -16.84
CA LEU N 105 -37.00 33.74 -15.92
C LEU N 105 -37.62 32.58 -16.65
N SER N 106 -37.33 31.36 -16.21
CA SER N 106 -37.85 30.14 -16.82
C SER N 106 -38.51 29.27 -15.76
N ALA N 107 -39.42 28.39 -16.18
CA ALA N 107 -40.13 27.53 -15.24
C ALA N 107 -39.76 26.08 -15.39
N GLN N 108 -39.69 25.36 -14.27
CA GLN N 108 -39.40 23.93 -14.28
C GLN N 108 -40.48 23.21 -13.48
N PRO N 109 -41.14 22.19 -14.04
CA PRO N 109 -40.89 21.54 -15.34
C PRO N 109 -41.33 22.34 -16.56
N GLY N 110 -42.29 23.23 -16.36
CA GLY N 110 -42.81 24.07 -17.42
C GLY N 110 -43.71 25.17 -16.87
N PRO N 111 -44.13 26.11 -17.73
CA PRO N 111 -45.02 27.19 -17.26
C PRO N 111 -46.48 26.78 -17.06
N THR N 112 -46.86 25.55 -17.41
CA THR N 112 -48.21 25.04 -17.23
C THR N 112 -48.11 23.68 -16.57
N VAL N 113 -48.59 23.59 -15.32
CA VAL N 113 -48.50 22.36 -14.55
C VAL N 113 -49.85 21.98 -13.93
N LEU N 114 -49.99 20.70 -13.60
CA LEU N 114 -51.17 20.22 -12.89
C LEU N 114 -51.00 20.56 -11.41
N ALA N 115 -52.11 20.86 -10.70
CA ALA N 115 -52.05 21.18 -9.27
C ALA N 115 -51.33 20.07 -8.46
N GLY N 116 -50.43 20.47 -7.58
CA GLY N 116 -49.65 19.51 -6.80
C GLY N 116 -48.26 19.22 -7.36
N GLU N 117 -47.99 19.66 -8.60
CA GLU N 117 -46.69 19.46 -9.24
C GLU N 117 -45.70 20.45 -8.67
N ASN N 118 -44.46 20.01 -8.36
CA ASN N 118 -43.46 20.94 -7.82
C ASN N 118 -42.94 21.86 -8.89
N VAL N 119 -43.15 23.17 -8.73
CA VAL N 119 -42.62 24.13 -9.69
C VAL N 119 -41.42 24.83 -9.07
N THR N 120 -40.44 25.15 -9.90
CA THR N 120 -39.26 25.87 -9.47
C THR N 120 -38.93 26.84 -10.59
N LEU N 121 -38.94 28.13 -10.28
CA LEU N 121 -38.63 29.14 -11.28
C LEU N 121 -37.16 29.49 -11.20
N SER N 122 -36.47 29.49 -12.33
CA SER N 122 -35.05 29.78 -12.39
C SER N 122 -34.78 31.15 -12.99
N CYS N 123 -34.10 32.01 -12.23
CA CYS N 123 -33.75 33.34 -12.66
C CYS N 123 -32.27 33.30 -13.03
N SER N 124 -31.93 33.55 -14.30
CA SER N 124 -30.53 33.45 -14.73
C SER N 124 -30.01 34.71 -15.42
N SER N 125 -28.68 34.91 -15.41
CA SER N 125 -28.09 36.10 -16.01
C SER N 125 -26.60 35.93 -16.34
N ARG N 126 -26.08 36.68 -17.32
CA ARG N 126 -24.65 36.68 -17.64
C ARG N 126 -23.86 37.48 -16.60
N SER N 127 -24.49 38.51 -16.00
CA SER N 127 -23.92 39.36 -14.95
C SER N 127 -23.90 38.59 -13.66
N SER N 128 -22.86 38.77 -12.87
CA SER N 128 -22.80 38.11 -11.57
C SER N 128 -23.51 38.95 -10.51
N TYR N 129 -24.86 38.93 -10.51
CA TYR N 129 -25.60 39.64 -9.46
C TYR N 129 -25.36 38.96 -8.13
N ASP N 130 -25.35 39.75 -7.07
CA ASP N 130 -25.19 39.21 -5.72
C ASP N 130 -26.52 38.63 -5.20
N MET N 131 -27.65 39.18 -5.67
CA MET N 131 -28.98 38.71 -5.25
C MET N 131 -29.95 38.68 -6.41
N TYR N 132 -30.91 37.78 -6.35
CA TYR N 132 -31.99 37.68 -7.33
C TYR N 132 -33.31 37.86 -6.57
N HIS N 133 -34.26 38.60 -7.13
CA HIS N 133 -35.51 38.87 -6.44
C HIS N 133 -36.67 38.38 -7.27
N LEU N 134 -37.49 37.48 -6.73
CA LEU N 134 -38.64 36.95 -7.45
C LEU N 134 -39.91 37.64 -6.99
N SER N 135 -40.60 38.30 -7.91
CA SER N 135 -41.81 39.04 -7.60
C SER N 135 -43.02 38.39 -8.22
N ARG N 136 -44.05 38.13 -7.42
CA ARG N 136 -45.30 37.60 -7.93
C ARG N 136 -46.25 38.77 -8.02
N GLU N 137 -46.87 38.97 -9.20
CA GLU N 137 -47.74 40.10 -9.48
C GLU N 137 -48.77 40.37 -8.37
N GLY N 138 -49.67 39.45 -8.08
CA GLY N 138 -50.65 39.66 -7.01
C GLY N 138 -50.12 39.33 -5.63
N GLU N 139 -48.96 39.90 -5.25
CA GLU N 139 -48.33 39.64 -3.94
C GLU N 139 -47.68 40.90 -3.39
N ALA N 140 -47.72 41.06 -2.07
CA ALA N 140 -47.19 42.24 -1.39
C ALA N 140 -45.66 42.35 -1.33
N HIS N 141 -44.99 41.25 -1.02
CA HIS N 141 -43.54 41.22 -0.83
C HIS N 141 -42.83 40.27 -1.79
N GLU N 142 -41.54 40.52 -2.01
CA GLU N 142 -40.72 39.72 -2.91
C GLU N 142 -39.81 38.77 -2.12
N ARG N 143 -39.38 37.69 -2.76
CA ARG N 143 -38.48 36.74 -2.12
C ARG N 143 -37.11 36.76 -2.77
N ARG N 144 -36.06 37.03 -1.98
CA ARG N 144 -34.68 37.12 -2.46
C ARG N 144 -33.92 35.81 -2.27
N LEU N 145 -32.86 35.62 -3.06
CA LEU N 145 -32.04 34.42 -3.02
C LEU N 145 -30.73 34.72 -3.73
N PRO N 146 -29.58 34.29 -3.18
CA PRO N 146 -28.30 34.56 -3.84
C PRO N 146 -28.04 33.72 -5.09
N ALA N 147 -27.03 34.11 -5.85
CA ALA N 147 -26.65 33.48 -7.09
C ALA N 147 -25.81 32.23 -6.89
N GLY N 148 -25.91 31.30 -7.82
CA GLY N 148 -25.12 30.08 -7.80
C GLY N 148 -24.17 30.08 -9.00
N PRO N 149 -22.86 29.81 -8.79
CA PRO N 149 -21.93 29.83 -9.94
C PRO N 149 -22.18 28.66 -10.90
N LYS N 150 -23.09 28.85 -11.87
CA LYS N 150 -23.50 27.79 -12.77
C LYS N 150 -22.78 27.79 -14.12
N VAL N 151 -22.99 26.70 -14.91
CA VAL N 151 -22.42 26.40 -16.21
C VAL N 151 -22.70 27.44 -17.30
N ASN N 152 -21.85 27.42 -18.35
CA ASN N 152 -21.95 28.26 -19.54
C ASN N 152 -21.97 29.76 -19.25
N GLY N 153 -21.03 30.21 -18.40
CA GLY N 153 -20.88 31.60 -17.98
C GLY N 153 -22.17 32.29 -17.59
N THR N 154 -23.07 31.53 -16.95
CA THR N 154 -24.39 32.00 -16.59
C THR N 154 -24.70 31.72 -15.13
N PHE N 155 -25.00 32.76 -14.38
CA PHE N 155 -25.37 32.64 -12.97
C PHE N 155 -26.85 32.33 -12.88
N GLN N 156 -27.26 31.62 -11.82
CA GLN N 156 -28.66 31.23 -11.71
C GLN N 156 -29.10 31.01 -10.29
N ALA N 157 -30.29 31.52 -9.96
CA ALA N 157 -30.88 31.31 -8.65
C ALA N 157 -32.17 30.54 -8.90
N ASP N 158 -32.34 29.40 -8.23
CA ASP N 158 -33.53 28.58 -8.43
C ASP N 158 -34.47 28.70 -7.26
N PHE N 159 -35.67 29.22 -7.50
CA PHE N 159 -36.67 29.45 -6.48
C PHE N 159 -37.69 28.33 -6.47
N PRO N 160 -37.59 27.39 -5.53
CA PRO N 160 -38.60 26.32 -5.46
C PRO N 160 -39.92 26.84 -4.87
N LEU N 161 -41.01 26.73 -5.62
CA LEU N 161 -42.32 27.18 -5.15
C LEU N 161 -43.16 26.07 -4.48
N GLY N 162 -42.64 24.85 -4.42
CA GLY N 162 -43.36 23.72 -3.83
C GLY N 162 -44.48 23.22 -4.73
N PRO N 163 -45.37 22.37 -4.21
CA PRO N 163 -46.50 21.88 -5.03
C PRO N 163 -47.40 23.02 -5.50
N ALA N 164 -47.83 22.97 -6.77
CA ALA N 164 -48.66 23.97 -7.42
C ALA N 164 -49.98 24.14 -6.73
N THR N 165 -50.33 25.39 -6.44
CA THR N 165 -51.59 25.70 -5.77
C THR N 165 -52.40 26.64 -6.66
N HIS N 166 -51.85 27.84 -6.94
CA HIS N 166 -52.50 28.87 -7.74
C HIS N 166 -51.56 29.37 -8.84
N GLY N 167 -52.12 29.91 -9.91
CA GLY N 167 -51.32 30.50 -10.98
C GLY N 167 -50.72 31.84 -10.58
N GLY N 168 -50.14 32.55 -11.54
CA GLY N 168 -49.56 33.85 -11.26
C GLY N 168 -48.53 34.32 -12.25
N THR N 169 -48.36 35.64 -12.34
CA THR N 169 -47.38 36.23 -13.24
C THR N 169 -46.15 36.59 -12.42
N TYR N 170 -44.98 36.06 -12.80
CA TYR N 170 -43.75 36.30 -12.07
C TYR N 170 -42.76 37.12 -12.88
N ARG N 171 -41.91 37.87 -12.18
CA ARG N 171 -40.84 38.69 -12.77
C ARG N 171 -39.66 38.62 -11.83
N CYS N 172 -38.43 38.53 -12.37
CA CYS N 172 -37.26 38.51 -11.49
C CYS N 172 -36.25 39.57 -11.85
N PHE N 173 -35.52 40.01 -10.83
CA PHE N 173 -34.55 41.09 -10.90
C PHE N 173 -33.22 40.66 -10.29
N GLY N 174 -32.17 41.43 -10.54
CA GLY N 174 -30.85 41.18 -9.99
C GLY N 174 -30.31 42.42 -9.32
N SER N 175 -29.54 42.27 -8.23
CA SER N 175 -28.99 43.42 -7.53
C SER N 175 -27.57 43.14 -7.01
N PHE N 176 -26.91 44.16 -6.44
CA PHE N 176 -25.57 43.98 -5.89
C PHE N 176 -25.51 44.34 -4.41
N HIS N 177 -24.53 43.77 -3.72
CA HIS N 177 -24.25 43.90 -2.29
C HIS N 177 -24.19 45.38 -1.88
N ASP N 178 -23.44 46.19 -2.62
CA ASP N 178 -23.20 47.60 -2.37
C ASP N 178 -24.38 48.52 -2.62
N SER N 179 -25.34 48.10 -3.44
CA SER N 179 -26.49 48.94 -3.78
C SER N 179 -27.75 48.08 -3.74
N PRO N 180 -28.28 47.80 -2.54
CA PRO N 180 -29.45 46.92 -2.43
C PRO N 180 -30.78 47.48 -2.92
N TYR N 181 -30.86 48.78 -3.20
CA TYR N 181 -32.10 49.38 -3.69
C TYR N 181 -32.04 49.74 -5.17
N GLU N 182 -31.06 49.22 -5.90
CA GLU N 182 -30.89 49.44 -7.33
C GLU N 182 -30.92 48.08 -7.98
N TRP N 183 -31.98 47.80 -8.75
CA TRP N 183 -32.19 46.50 -9.39
C TRP N 183 -32.05 46.58 -10.89
N SER N 184 -31.83 45.45 -11.52
CA SER N 184 -31.71 45.35 -12.96
C SER N 184 -33.09 45.55 -13.63
N LYS N 185 -33.14 45.51 -14.97
CA LYS N 185 -34.38 45.59 -15.72
C LYS N 185 -35.19 44.32 -15.40
N SER N 186 -36.51 44.44 -15.23
CA SER N 186 -37.35 43.28 -14.93
C SER N 186 -37.25 42.23 -16.02
N SER N 187 -37.26 40.95 -15.63
CA SER N 187 -37.27 39.87 -16.62
C SER N 187 -38.63 39.89 -17.34
N ASP N 188 -38.72 39.24 -18.50
CA ASP N 188 -40.00 39.16 -19.22
C ASP N 188 -40.99 38.37 -18.35
N PRO N 189 -42.20 38.92 -18.11
CA PRO N 189 -43.14 38.24 -17.21
C PRO N 189 -43.45 36.79 -17.61
N LEU N 190 -43.35 35.87 -16.65
CA LEU N 190 -43.61 34.48 -16.89
C LEU N 190 -44.93 34.11 -16.24
N LEU N 191 -45.88 33.60 -17.03
CA LEU N 191 -47.18 33.22 -16.49
C LEU N 191 -47.19 31.74 -16.14
N VAL N 192 -47.44 31.43 -14.87
CA VAL N 192 -47.54 30.06 -14.42
C VAL N 192 -49.03 29.71 -14.40
N SER N 193 -49.41 28.61 -15.05
CA SER N 193 -50.79 28.19 -15.12
C SER N 193 -50.96 26.87 -14.41
N VAL N 194 -51.86 26.83 -13.41
CA VAL N 194 -52.14 25.62 -12.64
C VAL N 194 -53.47 25.02 -13.09
N THR N 195 -53.44 23.82 -13.65
CA THR N 195 -54.66 23.16 -14.12
C THR N 195 -55.02 21.95 -13.23
N ALA O 20 -64.13 6.67 34.68
CA ALA O 20 -63.10 5.93 33.95
C ALA O 20 -63.25 6.11 32.44
N ALA O 21 -64.50 6.16 31.95
CA ALA O 21 -64.78 6.35 30.53
C ALA O 21 -64.42 7.76 30.09
N ARG O 22 -64.72 8.76 30.94
CA ARG O 22 -64.40 10.16 30.68
C ARG O 22 -62.88 10.36 30.59
N ILE O 23 -62.12 9.65 31.45
CA ILE O 23 -60.65 9.73 31.45
C ILE O 23 -60.08 9.24 30.12
N ALA O 24 -60.51 8.06 29.66
CA ALA O 24 -60.03 7.50 28.39
C ALA O 24 -60.43 8.36 27.19
N ALA O 25 -61.60 9.02 27.26
CA ALA O 25 -62.07 9.88 26.18
C ALA O 25 -61.18 11.12 26.05
N ALA O 26 -60.78 11.73 27.17
CA ALA O 26 -59.93 12.91 27.15
C ALA O 26 -58.48 12.56 26.84
N ILE O 27 -58.01 11.34 27.22
CA ILE O 27 -56.66 10.90 26.92
C ILE O 27 -56.53 10.72 25.40
N ASP O 28 -57.50 10.03 24.80
CA ASP O 28 -57.52 9.81 23.36
C ASP O 28 -57.60 11.13 22.57
N ALA O 29 -58.30 12.13 23.13
CA ALA O 29 -58.41 13.44 22.50
C ALA O 29 -57.05 14.12 22.44
N VAL O 30 -56.25 13.98 23.52
CA VAL O 30 -54.91 14.54 23.59
C VAL O 30 -54.01 13.82 22.59
N ILE O 31 -54.05 12.47 22.58
CA ILE O 31 -53.25 11.66 21.65
C ILE O 31 -53.55 12.04 20.19
N LYS O 32 -54.83 12.11 19.82
CA LYS O 32 -55.27 12.47 18.47
C LYS O 32 -54.88 13.90 18.13
N GLY O 33 -55.00 14.81 19.10
CA GLY O 33 -54.65 16.21 18.94
C GLY O 33 -53.17 16.41 18.65
N ILE O 34 -52.31 15.73 19.41
CA ILE O 34 -50.87 15.80 19.23
C ILE O 34 -50.50 15.25 17.84
N GLU O 35 -51.02 14.08 17.49
CA GLU O 35 -50.75 13.44 16.21
C GLU O 35 -51.18 14.28 15.00
N THR O 36 -52.38 14.86 15.03
CA THR O 36 -52.87 15.64 13.89
C THR O 36 -52.23 17.03 13.78
N LYS O 37 -51.95 17.68 14.92
CA LYS O 37 -51.35 19.03 14.91
C LYS O 37 -49.89 18.97 14.49
N PHE O 38 -49.12 18.04 15.06
CA PHE O 38 -47.70 17.91 14.74
C PHE O 38 -47.39 17.02 13.53
N GLY O 39 -48.39 16.33 13.00
CA GLY O 39 -48.21 15.44 11.85
C GLY O 39 -47.29 14.28 12.18
N VAL O 40 -47.43 13.75 13.40
CA VAL O 40 -46.59 12.67 13.89
C VAL O 40 -47.43 11.47 14.40
N SER O 41 -46.78 10.33 14.69
CA SER O 41 -47.48 9.16 15.23
C SER O 41 -46.85 8.76 16.55
N THR O 42 -47.68 8.53 17.57
CA THR O 42 -47.18 8.11 18.88
C THR O 42 -46.97 6.58 18.99
N ASN O 43 -47.17 5.82 17.90
CA ASN O 43 -46.98 4.37 17.88
C ASN O 43 -45.50 4.03 18.02
N GLY O 44 -45.17 3.21 18.99
CA GLY O 44 -43.77 2.82 19.25
C GLY O 44 -42.96 3.84 20.04
N VAL O 45 -43.54 5.03 20.27
CA VAL O 45 -42.90 6.10 21.01
C VAL O 45 -43.08 5.86 22.51
N LEU O 46 -42.10 5.20 23.11
CA LEU O 46 -42.06 4.82 24.53
C LEU O 46 -42.22 5.99 25.51
N GLY O 47 -41.45 7.04 25.29
CA GLY O 47 -41.47 8.23 26.13
C GLY O 47 -42.82 8.92 26.20
N LEU O 48 -43.48 9.06 25.06
CA LEU O 48 -44.79 9.70 25.01
C LEU O 48 -45.90 8.81 25.53
N LYS O 49 -45.91 7.53 25.14
CA LYS O 49 -46.96 6.61 25.59
C LYS O 49 -46.95 6.43 27.11
N SER O 50 -45.76 6.50 27.73
CA SER O 50 -45.64 6.40 29.19
C SER O 50 -46.38 7.54 29.91
N LEU O 51 -46.55 8.70 29.25
CA LEU O 51 -47.21 9.85 29.85
C LEU O 51 -48.72 9.93 29.56
N PHE O 52 -49.28 8.98 28.80
CA PHE O 52 -50.72 9.00 28.51
C PHE O 52 -51.52 8.36 29.64
N THR O 53 -51.33 8.87 30.86
CA THR O 53 -52.01 8.40 32.07
C THR O 53 -52.93 9.49 32.63
N ALA O 54 -53.88 9.13 33.51
CA ALA O 54 -54.81 10.09 34.10
C ALA O 54 -54.15 11.35 34.70
N ASN O 55 -52.97 11.20 35.32
CA ASN O 55 -52.28 12.34 35.93
C ASN O 55 -51.28 13.04 34.99
N ASN O 56 -50.60 12.27 34.13
CA ASN O 56 -49.59 12.84 33.25
C ASN O 56 -50.09 13.25 31.86
N TYR O 57 -51.35 12.96 31.52
CA TYR O 57 -51.89 13.30 30.20
C TYR O 57 -52.25 14.79 30.04
N ASN O 58 -52.31 15.54 31.15
CA ASN O 58 -52.69 16.94 31.12
C ASN O 58 -51.51 17.90 31.30
N ASN O 59 -50.40 17.40 31.86
CA ASN O 59 -49.22 18.22 32.10
C ASN O 59 -48.58 18.60 30.78
N ALA O 60 -48.80 19.85 30.35
CA ALA O 60 -48.26 20.33 29.08
C ALA O 60 -46.74 20.34 29.06
N THR O 61 -46.11 20.71 30.18
CA THR O 61 -44.65 20.76 30.27
C THR O 61 -44.01 19.38 30.01
N LYS O 62 -44.56 18.33 30.63
CA LYS O 62 -44.04 16.98 30.46
C LYS O 62 -44.20 16.50 29.01
N ILE O 63 -45.38 16.74 28.42
CA ILE O 63 -45.66 16.32 27.04
C ILE O 63 -44.78 17.05 26.06
N ALA O 64 -44.65 18.37 26.23
CA ALA O 64 -43.79 19.19 25.38
C ALA O 64 -42.34 18.72 25.47
N GLY O 65 -41.89 18.39 26.67
CA GLY O 65 -40.54 17.88 26.90
C GLY O 65 -40.29 16.55 26.23
N ALA O 66 -41.30 15.66 26.25
CA ALA O 66 -41.20 14.34 25.64
C ALA O 66 -41.20 14.43 24.12
N ILE O 67 -42.00 15.34 23.56
CA ILE O 67 -42.07 15.55 22.10
C ILE O 67 -40.69 15.97 21.57
N ILE O 68 -40.00 16.86 22.30
CA ILE O 68 -38.68 17.33 21.96
C ILE O 68 -37.65 16.21 22.11
N GLU O 69 -37.76 15.42 23.18
CA GLU O 69 -36.84 14.33 23.44
C GLU O 69 -36.92 13.21 22.39
N GLU O 70 -38.14 12.80 22.04
CA GLU O 70 -38.35 11.70 21.08
C GLU O 70 -38.26 12.12 19.63
N TYR O 71 -38.90 13.22 19.25
CA TYR O 71 -38.91 13.66 17.86
C TYR O 71 -37.76 14.57 17.47
N LYS O 72 -36.97 15.09 18.45
CA LYS O 72 -35.83 15.98 18.20
C LYS O 72 -36.11 17.07 17.16
N PRO O 73 -37.01 18.02 17.47
CA PRO O 73 -37.38 19.03 16.47
C PRO O 73 -36.25 19.95 16.04
N SER O 74 -35.38 20.34 16.97
CA SER O 74 -34.25 21.22 16.66
C SER O 74 -33.29 20.60 15.62
N SER O 75 -33.26 19.27 15.51
CA SER O 75 -32.43 18.57 14.53
C SER O 75 -32.94 18.72 13.09
N CYS O 76 -34.17 19.24 12.89
CA CYS O 76 -34.75 19.47 11.57
C CYS O 76 -34.08 20.62 10.81
N LEU O 77 -33.19 21.38 11.46
CA LEU O 77 -32.43 22.48 10.87
C LEU O 77 -31.62 21.97 9.66
N THR O 78 -31.07 20.74 9.77
CA THR O 78 -30.30 20.09 8.71
C THR O 78 -31.05 18.93 8.09
N ASN O 85 -37.50 12.90 12.24
CA ASN O 85 -37.78 13.41 10.90
C ASN O 85 -39.27 13.68 10.69
N SER O 86 -40.14 12.88 11.32
CA SER O 86 -41.59 13.03 11.19
C SER O 86 -42.09 14.40 11.62
N ILE O 87 -41.44 15.04 12.58
CA ILE O 87 -41.83 16.37 13.05
C ILE O 87 -41.31 17.50 12.14
N CYS O 88 -40.39 17.22 11.22
CA CYS O 88 -39.81 18.23 10.35
C CYS O 88 -40.84 19.00 9.52
N PRO O 89 -41.87 18.38 8.88
CA PRO O 89 -42.88 19.19 8.18
C PRO O 89 -43.53 20.25 9.08
N TRP O 90 -43.81 19.89 10.36
CA TRP O 90 -44.36 20.85 11.30
C TRP O 90 -43.32 21.92 11.62
N ALA O 91 -42.10 21.50 12.00
CA ALA O 91 -41.01 22.40 12.36
C ALA O 91 -40.71 23.44 11.28
N MET O 92 -40.76 23.04 10.01
CA MET O 92 -40.52 23.95 8.89
C MET O 92 -41.69 24.92 8.73
N GLU O 93 -42.92 24.42 8.74
CA GLU O 93 -44.10 25.24 8.55
C GLU O 93 -44.35 26.24 9.69
N ASN O 94 -44.16 25.80 10.93
CA ASN O 94 -44.45 26.61 12.10
C ASN O 94 -43.27 27.32 12.73
N PHE O 95 -42.02 26.97 12.36
CA PHE O 95 -40.87 27.63 12.97
C PHE O 95 -39.79 28.08 11.97
N PHE O 96 -39.06 27.14 11.36
CA PHE O 96 -37.94 27.47 10.48
C PHE O 96 -38.29 28.37 9.30
N ALA O 97 -39.48 28.20 8.73
CA ALA O 97 -39.91 29.03 7.61
C ALA O 97 -41.29 29.65 7.87
N ALA O 98 -41.62 29.93 9.14
CA ALA O 98 -42.89 30.50 9.53
C ALA O 98 -43.12 31.85 8.89
N ARG O 99 -44.34 32.05 8.39
CA ARG O 99 -44.80 33.26 7.71
C ARG O 99 -45.26 34.37 8.70
N LYS O 100 -45.73 35.52 8.18
CA LYS O 100 -46.14 36.64 9.02
C LYS O 100 -47.65 36.77 9.17
N ILE O 101 -48.11 37.30 10.31
CA ILE O 101 -49.51 37.59 10.60
C ILE O 101 -49.84 38.97 9.95
N PRO O 102 -51.09 39.51 9.93
CA PRO O 102 -51.32 40.83 9.32
C PRO O 102 -50.23 41.90 9.55
N GLY O 103 -49.79 42.07 10.80
CA GLY O 103 -48.74 43.03 11.14
C GLY O 103 -47.43 42.36 11.48
N PHE O 104 -46.31 43.07 11.30
CA PHE O 104 -44.98 42.50 11.60
C PHE O 104 -44.69 42.43 13.11
N ILE O 105 -45.24 41.42 13.80
CA ILE O 105 -45.01 41.27 15.25
C ILE O 105 -43.75 40.43 15.51
N GLN O 106 -42.59 41.02 15.22
CA GLN O 106 -41.29 40.37 15.38
C GLN O 106 -40.55 41.16 16.47
N ARG O 107 -41.11 41.16 17.68
CA ARG O 107 -40.58 41.97 18.78
C ARG O 107 -39.33 41.40 19.44
N GLU O 108 -39.33 40.12 19.79
CA GLU O 108 -38.17 39.51 20.44
C GLU O 108 -37.81 38.14 19.81
N ALA O 109 -36.90 37.38 20.44
CA ALA O 109 -36.46 36.07 19.98
C ALA O 109 -37.56 35.01 20.18
N VAL O 110 -37.62 34.03 19.28
CA VAL O 110 -38.63 32.98 19.37
C VAL O 110 -37.95 31.64 19.62
N SER O 111 -38.29 30.99 20.72
CA SER O 111 -37.70 29.69 21.05
C SER O 111 -38.53 28.57 20.45
N MET O 112 -37.89 27.60 19.79
CA MET O 112 -38.54 26.43 19.19
C MET O 112 -39.29 25.64 20.28
N ASN O 113 -38.63 25.36 21.41
CA ASN O 113 -39.21 24.62 22.52
C ASN O 113 -40.40 25.35 23.14
N ASP O 114 -40.40 26.69 23.09
CA ASP O 114 -41.46 27.53 23.59
C ASP O 114 -42.69 27.40 22.69
N VAL O 115 -42.48 27.38 21.36
CA VAL O 115 -43.54 27.20 20.35
C VAL O 115 -44.21 25.85 20.54
N ILE O 116 -43.40 24.80 20.78
CA ILE O 116 -43.92 23.45 21.02
C ILE O 116 -44.79 23.44 22.27
N GLU O 117 -44.32 24.07 23.36
CA GLU O 117 -45.09 24.14 24.59
C GLU O 117 -46.42 24.88 24.39
N LYS O 118 -46.40 26.02 23.68
CA LYS O 118 -47.61 26.79 23.41
C LYS O 118 -48.63 25.99 22.59
N THR O 119 -48.16 25.14 21.67
CA THR O 119 -49.03 24.31 20.85
C THR O 119 -49.69 23.22 21.71
N VAL O 120 -48.91 22.59 22.60
CA VAL O 120 -49.39 21.56 23.51
C VAL O 120 -50.44 22.13 24.48
N LYS O 121 -50.28 23.41 24.89
CA LYS O 121 -51.24 24.08 25.76
C LYS O 121 -52.62 24.14 25.10
N THR O 122 -52.67 24.52 23.81
CA THR O 122 -53.94 24.61 23.09
C THR O 122 -54.58 23.25 22.90
N ILE O 123 -53.78 22.21 22.60
CA ILE O 123 -54.30 20.85 22.42
C ILE O 123 -54.94 20.35 23.72
N VAL O 124 -54.24 20.54 24.86
CA VAL O 124 -54.72 20.16 26.18
C VAL O 124 -56.01 20.91 26.56
N SER O 125 -56.06 22.22 26.28
CA SER O 125 -57.25 23.01 26.59
C SER O 125 -58.46 22.68 25.70
N ASP O 126 -58.21 22.14 24.49
CA ASP O 126 -59.29 21.78 23.57
C ASP O 126 -59.75 20.33 23.76
N LYS P 2 -19.92 33.06 6.68
CA LYS P 2 -20.55 32.66 7.94
C LYS P 2 -20.65 33.80 8.97
N PRO P 3 -21.75 33.83 9.74
CA PRO P 3 -21.92 34.90 10.74
C PRO P 3 -20.94 34.86 11.92
N SER P 4 -21.00 35.85 12.80
CA SER P 4 -20.13 35.94 13.96
C SER P 4 -20.99 35.93 15.23
N LEU P 5 -20.71 34.99 16.13
CA LEU P 5 -21.45 34.88 17.38
C LEU P 5 -20.56 35.28 18.54
N LEU P 6 -20.98 36.30 19.29
CA LEU P 6 -20.23 36.84 20.44
C LEU P 6 -21.08 36.82 21.70
N ALA P 7 -20.43 36.77 22.86
CA ALA P 7 -21.15 36.81 24.13
C ALA P 7 -20.72 38.06 24.89
N HIS P 8 -21.68 38.85 25.39
CA HIS P 8 -21.37 40.05 26.16
C HIS P 8 -21.96 39.94 27.55
N PRO P 9 -21.13 40.06 28.59
CA PRO P 9 -19.68 40.39 28.58
C PRO P 9 -18.73 39.23 28.24
N GLY P 10 -19.19 37.98 28.36
CA GLY P 10 -18.35 36.83 28.05
C GLY P 10 -19.06 35.51 28.10
N PRO P 11 -18.42 34.41 27.62
CA PRO P 11 -19.10 33.10 27.63
C PRO P 11 -19.12 32.41 28.98
N LEU P 12 -18.20 32.76 29.89
CA LEU P 12 -18.18 32.16 31.22
C LEU P 12 -19.07 33.01 32.09
N VAL P 13 -20.33 32.62 32.21
CA VAL P 13 -21.36 33.38 32.91
C VAL P 13 -21.59 32.82 34.27
N LYS P 14 -21.66 33.67 35.31
CA LYS P 14 -21.97 33.19 36.65
C LYS P 14 -23.46 32.88 36.74
N SER P 15 -23.84 32.01 37.66
CA SER P 15 -25.24 31.62 37.83
C SER P 15 -26.11 32.82 38.14
N GLU P 16 -27.26 32.89 37.48
CA GLU P 16 -28.23 33.95 37.66
C GLU P 16 -27.82 35.30 37.08
N GLU P 17 -26.58 35.42 36.59
CA GLU P 17 -26.14 36.65 35.96
C GLU P 17 -26.75 36.79 34.56
N THR P 18 -26.70 38.00 33.98
CA THR P 18 -27.27 38.22 32.66
C THR P 18 -26.20 38.23 31.57
N VAL P 19 -26.52 37.66 30.39
CA VAL P 19 -25.61 37.58 29.27
C VAL P 19 -26.37 37.83 27.96
N ILE P 20 -25.72 38.49 27.00
CA ILE P 20 -26.34 38.76 25.71
C ILE P 20 -25.53 38.08 24.60
N LEU P 21 -26.17 37.18 23.85
CA LEU P 21 -25.52 36.51 22.73
C LEU P 21 -25.83 37.31 21.47
N GLN P 22 -24.85 38.03 20.95
CA GLN P 22 -25.02 38.83 19.75
C GLN P 22 -24.64 38.01 18.53
N CYS P 23 -25.44 38.10 17.47
CA CYS P 23 -25.16 37.46 16.21
C CYS P 23 -25.07 38.57 15.18
N TRP P 24 -23.96 38.66 14.46
CA TRP P 24 -23.81 39.71 13.46
C TRP P 24 -23.11 39.21 12.21
N SER P 25 -23.41 39.83 11.09
CA SER P 25 -22.80 39.47 9.81
C SER P 25 -22.79 40.66 8.89
N ASP P 26 -21.78 40.73 7.99
CA ASP P 26 -21.75 41.80 6.99
C ASP P 26 -22.65 41.48 5.77
N VAL P 27 -23.31 40.30 5.75
CA VAL P 27 -24.28 39.89 4.74
C VAL P 27 -25.65 40.26 5.29
N MET P 28 -26.50 40.89 4.48
CA MET P 28 -27.82 41.32 4.95
C MET P 28 -28.82 40.15 5.11
N PHE P 29 -28.77 39.45 6.26
CA PHE P 29 -29.67 38.34 6.58
C PHE P 29 -30.96 38.90 7.16
N GLU P 30 -32.10 38.45 6.64
CA GLU P 30 -33.41 38.88 7.12
C GLU P 30 -33.68 38.32 8.50
N HIS P 31 -33.25 37.07 8.77
CA HIS P 31 -33.44 36.41 10.07
C HIS P 31 -32.18 35.66 10.54
N PHE P 32 -32.09 35.36 11.84
CA PHE P 32 -30.96 34.60 12.39
C PHE P 32 -31.48 33.40 13.18
N LEU P 33 -30.76 32.27 13.12
CA LEU P 33 -31.14 31.07 13.86
C LEU P 33 -30.01 30.69 14.79
N LEU P 34 -30.26 30.74 16.10
CA LEU P 34 -29.26 30.41 17.10
C LEU P 34 -29.54 29.04 17.66
N HIS P 35 -28.64 28.08 17.43
CA HIS P 35 -28.83 26.71 17.91
C HIS P 35 -27.99 26.42 19.15
N ARG P 36 -28.58 25.81 20.18
CA ARG P 36 -27.85 25.42 21.39
C ARG P 36 -27.79 23.89 21.45
N GLU P 37 -26.59 23.31 21.63
CA GLU P 37 -26.49 21.87 21.82
C GLU P 37 -26.00 21.62 23.25
N GLY P 38 -26.83 20.95 24.05
CA GLY P 38 -26.51 20.67 25.44
C GLY P 38 -27.48 19.70 26.07
N MET P 39 -27.80 19.90 27.36
CA MET P 39 -28.77 19.01 28.02
C MET P 39 -30.15 19.21 27.41
N PHE P 40 -30.52 20.45 27.13
CA PHE P 40 -31.79 20.78 26.51
C PHE P 40 -31.50 21.58 25.25
N ASN P 41 -31.41 20.92 24.09
CA ASN P 41 -31.16 21.61 22.83
C ASN P 41 -32.33 22.50 22.49
N ASP P 42 -32.06 23.60 21.81
CA ASP P 42 -33.10 24.52 21.37
C ASP P 42 -32.61 25.36 20.20
N THR P 43 -33.53 25.93 19.43
CA THR P 43 -33.18 26.82 18.34
C THR P 43 -34.01 28.08 18.51
N LEU P 44 -33.39 29.25 18.33
CA LEU P 44 -34.10 30.52 18.48
C LEU P 44 -34.09 31.32 17.19
N ARG P 45 -35.26 31.81 16.81
CA ARG P 45 -35.42 32.63 15.61
C ARG P 45 -35.36 34.07 16.05
N LEU P 46 -34.24 34.72 15.76
CA LEU P 46 -34.02 36.13 16.08
C LEU P 46 -34.32 36.93 14.81
N ILE P 47 -34.85 38.15 14.94
CA ILE P 47 -35.29 38.91 13.77
C ILE P 47 -34.16 39.64 13.03
N GLY P 48 -33.40 40.49 13.69
CA GLY P 48 -32.28 41.17 13.05
C GLY P 48 -32.52 42.58 12.58
N GLU P 49 -31.43 43.36 12.46
CA GLU P 49 -31.46 44.77 12.07
C GLU P 49 -30.48 45.09 10.93
N HIS P 50 -30.99 45.43 9.75
CA HIS P 50 -30.14 45.80 8.60
C HIS P 50 -29.61 47.22 8.82
N HIS P 51 -28.44 47.38 9.47
CA HIS P 51 -27.91 48.73 9.72
C HIS P 51 -26.45 48.88 9.40
N ASP P 52 -26.13 49.74 8.43
CA ASP P 52 -24.77 50.06 8.00
C ASP P 52 -24.00 48.83 7.51
N GLY P 53 -24.51 48.24 6.44
CA GLY P 53 -23.94 47.04 5.85
C GLY P 53 -24.27 45.80 6.65
N VAL P 54 -23.92 45.79 7.94
CA VAL P 54 -24.13 44.65 8.82
C VAL P 54 -25.61 44.45 9.18
N SER P 55 -25.92 43.23 9.62
CA SER P 55 -27.22 42.77 10.09
C SER P 55 -26.91 42.14 11.45
N LYS P 56 -27.59 42.60 12.53
CA LYS P 56 -27.35 42.13 13.91
C LYS P 56 -28.61 41.68 14.63
N ALA P 57 -28.49 40.70 15.53
CA ALA P 57 -29.60 40.24 16.35
C ALA P 57 -29.11 39.82 17.73
N ASN P 58 -29.88 40.13 18.78
CA ASN P 58 -29.50 39.80 20.14
C ASN P 58 -30.38 38.70 20.73
N PHE P 59 -29.80 37.89 21.63
CA PHE P 59 -30.55 36.92 22.40
C PHE P 59 -30.15 37.19 23.85
N SER P 60 -31.07 37.75 24.64
CA SER P 60 -30.75 38.08 26.03
C SER P 60 -31.19 37.03 27.03
N ILE P 61 -30.23 36.56 27.83
CA ILE P 61 -30.50 35.63 28.91
C ILE P 61 -30.47 36.48 30.17
N SER P 62 -31.64 36.78 30.72
CA SER P 62 -31.76 37.63 31.91
C SER P 62 -31.13 37.02 33.16
N ARG P 63 -31.41 35.74 33.44
CA ARG P 63 -30.81 35.08 34.59
C ARG P 63 -30.32 33.73 34.08
N MET P 64 -29.01 33.54 34.10
CA MET P 64 -28.36 32.34 33.60
C MET P 64 -28.73 31.10 34.40
N THR P 65 -29.30 30.11 33.71
CA THR P 65 -29.70 28.86 34.33
C THR P 65 -29.02 27.67 33.64
N GLN P 66 -28.92 26.58 34.38
CA GLN P 66 -28.32 25.31 34.00
C GLN P 66 -28.69 24.86 32.58
N ASP P 67 -29.99 24.89 32.26
CA ASP P 67 -30.53 24.45 30.97
C ASP P 67 -30.13 25.32 29.80
N LEU P 68 -29.78 26.59 30.06
CA LEU P 68 -29.37 27.52 29.00
C LEU P 68 -27.88 27.44 28.62
N ALA P 69 -27.11 26.58 29.29
CA ALA P 69 -25.70 26.42 28.99
C ALA P 69 -25.52 25.36 27.90
N GLY P 70 -24.57 25.61 26.99
CA GLY P 70 -24.29 24.68 25.89
C GLY P 70 -23.51 25.33 24.75
N THR P 71 -23.34 24.59 23.65
CA THR P 71 -22.62 25.09 22.49
C THR P 71 -23.58 25.80 21.54
N TYR P 72 -23.43 27.11 21.41
CA TYR P 72 -24.28 27.90 20.54
C TYR P 72 -23.62 28.10 19.17
N ARG P 73 -24.42 28.09 18.11
CA ARG P 73 -23.96 28.29 16.73
C ARG P 73 -24.97 29.19 16.02
N CYS P 74 -24.49 30.15 15.24
CA CYS P 74 -25.38 31.06 14.54
C CYS P 74 -25.49 30.80 13.05
N TYR P 75 -26.71 30.74 12.53
CA TYR P 75 -26.97 30.56 11.11
C TYR P 75 -27.80 31.74 10.58
N GLY P 76 -27.56 32.17 9.36
CA GLY P 76 -28.29 33.28 8.76
C GLY P 76 -29.24 32.86 7.65
N SER P 77 -30.44 33.47 7.57
CA SER P 77 -31.40 33.17 6.49
C SER P 77 -31.79 34.50 5.79
N VAL P 78 -31.83 34.52 4.45
CA VAL P 78 -32.08 35.77 3.70
C VAL P 78 -33.58 36.05 3.44
N THR P 79 -34.48 35.09 3.67
CA THR P 79 -35.92 35.30 3.44
C THR P 79 -36.76 34.77 4.65
N HIS P 80 -38.07 35.06 4.68
CA HIS P 80 -38.96 34.53 5.71
C HIS P 80 -39.16 33.03 5.47
N SER P 81 -39.31 32.63 4.18
CA SER P 81 -39.44 31.22 3.77
C SER P 81 -38.42 30.92 2.66
N PRO P 82 -37.10 30.96 2.95
CA PRO P 82 -36.11 30.70 1.89
C PRO P 82 -35.70 29.25 1.74
N TYR P 83 -36.09 28.39 2.71
CA TYR P 83 -35.76 26.96 2.76
C TYR P 83 -34.25 26.73 2.54
N GLN P 84 -33.42 27.65 3.05
CA GLN P 84 -31.98 27.62 2.89
C GLN P 84 -31.31 28.55 3.91
N VAL P 85 -30.30 28.02 4.61
CA VAL P 85 -29.57 28.76 5.63
C VAL P 85 -28.05 28.80 5.35
N SER P 86 -27.35 29.77 5.93
CA SER P 86 -25.90 29.98 5.76
C SER P 86 -25.05 28.94 6.49
N ALA P 87 -23.73 28.99 6.32
CA ALA P 87 -22.81 28.12 7.04
C ALA P 87 -22.81 28.59 8.50
N PRO P 88 -22.69 27.67 9.47
CA PRO P 88 -22.72 28.09 10.88
C PRO P 88 -21.54 28.95 11.29
N SER P 89 -21.75 29.77 12.30
CA SER P 89 -20.70 30.58 12.89
C SER P 89 -19.75 29.64 13.68
N ASP P 90 -18.61 30.16 14.16
CA ASP P 90 -17.72 29.36 15.00
C ASP P 90 -18.44 29.07 16.33
N PRO P 91 -18.41 27.81 16.79
CA PRO P 91 -19.13 27.47 18.03
C PRO P 91 -18.71 28.29 19.24
N LEU P 92 -19.69 28.70 20.03
CA LEU P 92 -19.45 29.49 21.23
C LEU P 92 -20.01 28.71 22.39
N ASP P 93 -19.15 28.26 23.31
CA ASP P 93 -19.61 27.48 24.46
C ASP P 93 -20.00 28.40 25.60
N ILE P 94 -21.29 28.46 25.94
CA ILE P 94 -21.74 29.27 27.07
C ILE P 94 -21.71 28.37 28.28
N VAL P 95 -20.78 28.65 29.19
CA VAL P 95 -20.59 27.85 30.39
C VAL P 95 -21.06 28.59 31.63
N ILE P 96 -21.76 27.89 32.53
CA ILE P 96 -22.21 28.49 33.77
C ILE P 96 -21.19 28.18 34.87
N ILE P 97 -20.64 29.21 35.52
CA ILE P 97 -19.61 29.02 36.55
C ILE P 97 -20.15 29.40 37.96
N GLY P 98 -19.35 29.22 39.01
CA GLY P 98 -19.74 29.65 40.35
C GLY P 98 -20.62 28.72 41.19
N LEU P 99 -20.60 27.41 40.91
CA LEU P 99 -21.42 26.46 41.66
C LEU P 99 -20.61 25.59 42.64
N TYR P 100 -19.66 24.81 42.11
CA TYR P 100 -18.83 23.95 42.94
C TYR P 100 -17.68 24.74 43.57
N GLU P 101 -17.10 24.22 44.65
CA GLU P 101 -16.02 24.85 45.38
C GLU P 101 -14.76 25.11 44.54
N LYS P 102 -14.32 26.38 44.60
CA LYS P 102 -13.17 27.00 43.97
C LYS P 102 -11.89 26.17 44.08
N PRO P 103 -11.27 25.77 42.96
CA PRO P 103 -9.99 25.05 43.04
C PRO P 103 -8.81 25.98 43.34
N SER P 104 -7.62 25.42 43.56
CA SER P 104 -6.45 26.24 43.85
C SER P 104 -5.44 26.18 42.70
N LEU P 105 -5.02 27.35 42.24
CA LEU P 105 -4.05 27.43 41.15
C LEU P 105 -2.70 27.87 41.68
N SER P 106 -1.67 27.05 41.45
CA SER P 106 -0.31 27.36 41.91
C SER P 106 0.65 27.28 40.73
N ALA P 107 1.81 27.94 40.84
CA ALA P 107 2.78 27.94 39.76
C ALA P 107 4.04 27.21 40.13
N GLN P 108 4.63 26.51 39.16
CA GLN P 108 5.88 25.81 39.37
C GLN P 108 6.86 26.23 38.29
N PRO P 109 8.08 26.67 38.65
CA PRO P 109 8.66 26.72 40.00
C PRO P 109 8.11 27.82 40.92
N GLY P 110 7.58 28.88 40.31
CA GLY P 110 6.99 29.99 41.03
C GLY P 110 6.21 30.91 40.13
N PRO P 111 5.48 31.89 40.70
CA PRO P 111 4.70 32.82 39.85
C PRO P 111 5.52 33.91 39.17
N THR P 112 6.83 34.00 39.45
CA THR P 112 7.71 34.97 38.83
C THR P 112 8.94 34.21 38.36
N VAL P 113 9.12 34.11 37.04
CA VAL P 113 10.23 33.36 36.47
C VAL P 113 11.01 34.16 35.45
N LEU P 114 12.25 33.77 35.21
CA LEU P 114 13.08 34.39 34.19
C LEU P 114 12.66 33.82 32.83
N ALA P 115 12.70 34.64 31.76
CA ALA P 115 12.32 34.17 30.43
C ALA P 115 13.09 32.91 30.01
N GLY P 116 12.37 31.94 29.47
CA GLY P 116 12.99 30.68 29.08
C GLY P 116 12.83 29.56 30.09
N GLU P 117 12.43 29.90 31.33
CA GLU P 117 12.22 28.91 32.39
C GLU P 117 10.92 28.17 32.13
N ASN P 118 10.90 26.84 32.29
CA ASN P 118 9.67 26.09 32.08
C ASN P 118 8.70 26.31 33.22
N VAL P 119 7.53 26.87 32.91
CA VAL P 119 6.50 27.05 33.91
C VAL P 119 5.41 26.00 33.73
N THR P 120 4.84 25.55 34.83
CA THR P 120 3.75 24.60 34.81
C THR P 120 2.79 25.02 35.90
N LEU P 121 1.55 25.33 35.52
CA LEU P 121 0.55 25.74 36.50
C LEU P 121 -0.25 24.54 36.93
N SER P 122 -0.40 24.34 38.24
CA SER P 122 -1.09 23.20 38.80
C SER P 122 -2.44 23.61 39.38
N CYS P 123 -3.51 23.02 38.87
CA CYS P 123 -4.87 23.27 39.34
C CYS P 123 -5.24 22.10 40.24
N SER P 124 -5.50 22.35 41.54
CA SER P 124 -5.80 21.27 42.46
C SER P 124 -7.10 21.46 43.24
N SER P 125 -7.66 20.36 43.75
CA SER P 125 -8.90 20.39 44.52
C SER P 125 -9.06 19.10 45.36
N ARG P 126 -9.76 19.18 46.49
CA ARG P 126 -10.08 18.01 47.30
C ARG P 126 -11.24 17.21 46.68
N SER P 127 -12.16 17.89 45.98
CA SER P 127 -13.27 17.28 45.25
C SER P 127 -12.71 16.67 43.96
N SER P 128 -13.33 15.61 43.46
CA SER P 128 -12.82 14.94 42.28
C SER P 128 -13.45 15.39 40.99
N TYR P 129 -12.99 16.52 40.44
CA TYR P 129 -13.47 16.96 39.13
C TYR P 129 -12.95 16.00 38.07
N ASP P 130 -13.75 15.80 37.02
CA ASP P 130 -13.33 14.96 35.90
C ASP P 130 -12.41 15.75 34.95
N MET P 131 -12.56 17.08 34.88
CA MET P 131 -11.75 17.92 34.00
C MET P 131 -11.37 19.22 34.68
N TYR P 132 -10.22 19.77 34.32
CA TYR P 132 -9.77 21.05 34.82
C TYR P 132 -9.58 21.97 33.63
N HIS P 133 -9.97 23.25 33.75
CA HIS P 133 -9.87 24.18 32.63
C HIS P 133 -9.01 25.37 33.00
N LEU P 134 -7.95 25.64 32.24
CA LEU P 134 -7.06 26.75 32.51
C LEU P 134 -7.35 27.90 31.57
N SER P 135 -7.72 29.04 32.13
CA SER P 135 -8.08 30.21 31.34
C SER P 135 -7.08 31.33 31.52
N ARG P 136 -6.59 31.87 30.40
CA ARG P 136 -5.68 33.00 30.45
C ARG P 136 -6.48 34.25 30.15
N GLU P 137 -6.38 35.27 31.00
CA GLU P 137 -7.12 36.52 30.83
C GLU P 137 -6.72 37.18 29.53
N GLY P 138 -7.70 37.34 28.64
CA GLY P 138 -7.45 37.92 27.34
C GLY P 138 -7.74 36.94 26.23
N GLU P 139 -7.34 35.68 26.40
CA GLU P 139 -7.58 34.63 25.42
C GLU P 139 -9.04 34.20 25.42
N ALA P 140 -9.54 33.73 24.27
CA ALA P 140 -10.92 33.21 24.15
C ALA P 140 -10.92 31.67 24.04
N HIS P 141 -9.89 31.01 24.62
CA HIS P 141 -9.65 29.58 24.56
C HIS P 141 -9.27 29.06 25.95
N GLU P 142 -10.01 28.08 26.46
CA GLU P 142 -9.76 27.52 27.78
C GLU P 142 -9.21 26.09 27.64
N ARG P 143 -7.96 25.88 28.06
CA ARG P 143 -7.21 24.62 27.98
C ARG P 143 -7.75 23.56 28.94
N ARG P 144 -8.28 22.41 28.45
CA ARG P 144 -8.79 21.37 29.34
C ARG P 144 -7.84 20.20 29.48
N LEU P 145 -7.83 19.59 30.68
CA LEU P 145 -6.95 18.49 31.02
C LEU P 145 -7.56 17.68 32.16
N PRO P 146 -7.52 16.34 32.09
CA PRO P 146 -8.10 15.53 33.18
C PRO P 146 -7.33 15.55 34.48
N ALA P 147 -7.99 15.12 35.54
CA ALA P 147 -7.47 15.09 36.90
C ALA P 147 -6.77 13.78 37.20
N GLY P 148 -5.84 13.82 38.14
CA GLY P 148 -5.14 12.64 38.61
C GLY P 148 -5.18 12.59 40.12
N PRO P 149 -5.39 11.42 40.73
CA PRO P 149 -5.42 11.36 42.19
C PRO P 149 -4.03 11.31 42.82
N LYS P 150 -3.62 12.40 43.49
CA LYS P 150 -2.36 12.44 44.22
C LYS P 150 -2.44 11.42 45.38
N VAL P 151 -1.29 10.81 45.76
CA VAL P 151 -1.25 9.78 46.80
C VAL P 151 -1.97 10.21 48.12
N ASN P 152 -2.03 11.52 48.40
CA ASN P 152 -2.72 12.02 49.59
C ASN P 152 -4.24 12.11 49.47
N GLY P 153 -4.82 11.41 48.50
CA GLY P 153 -6.26 11.41 48.27
C GLY P 153 -6.81 12.61 47.53
N THR P 154 -5.96 13.60 47.25
CA THR P 154 -6.37 14.83 46.58
C THR P 154 -6.32 14.68 45.02
N PHE P 155 -6.80 15.68 44.25
CA PHE P 155 -6.83 15.55 42.79
C PHE P 155 -6.30 16.79 42.12
N GLN P 156 -5.43 16.64 41.12
CA GLN P 156 -4.88 17.80 40.43
C GLN P 156 -4.58 17.57 38.95
N ALA P 157 -4.31 18.67 38.23
CA ALA P 157 -3.99 18.64 36.82
C ALA P 157 -2.86 19.62 36.60
N ASP P 158 -1.77 19.18 35.97
CA ASP P 158 -0.62 20.06 35.75
C ASP P 158 -0.53 20.49 34.31
N PHE P 159 -0.66 21.79 34.06
CA PHE P 159 -0.63 22.37 32.72
C PHE P 159 0.75 22.92 32.41
N PRO P 160 1.54 22.21 31.60
CA PRO P 160 2.86 22.73 31.24
C PRO P 160 2.76 23.86 30.21
N LEU P 161 3.29 25.04 30.54
CA LEU P 161 3.25 26.17 29.62
C LEU P 161 4.52 26.32 28.74
N GLY P 162 5.51 25.46 28.94
CA GLY P 162 6.76 25.54 28.21
C GLY P 162 7.63 26.68 28.69
N PRO P 163 8.70 27.02 27.95
CA PRO P 163 9.58 28.13 28.36
C PRO P 163 8.83 29.46 28.43
N ALA P 164 9.11 30.27 29.46
CA ALA P 164 8.45 31.57 29.70
C ALA P 164 8.70 32.59 28.61
N THR P 165 7.61 33.10 28.02
CA THR P 165 7.70 34.09 26.95
C THR P 165 7.09 35.41 27.42
N HIS P 166 5.80 35.40 27.79
CA HIS P 166 5.09 36.59 28.25
C HIS P 166 4.24 36.27 29.49
N GLY P 167 4.00 37.29 30.31
CA GLY P 167 3.21 37.16 31.52
C GLY P 167 1.72 36.92 31.27
N GLY P 168 0.92 36.97 32.33
CA GLY P 168 -0.51 36.78 32.19
C GLY P 168 -1.23 36.39 33.47
N THR P 169 -2.53 36.68 33.53
CA THR P 169 -3.33 36.32 34.69
C THR P 169 -4.11 35.05 34.37
N TYR P 170 -3.94 34.01 35.18
CA TYR P 170 -4.61 32.74 34.93
C TYR P 170 -5.64 32.41 36.00
N ARG P 171 -6.65 31.64 35.62
CA ARG P 171 -7.72 31.18 36.50
C ARG P 171 -8.06 29.76 36.09
N CYS P 172 -8.33 28.86 37.05
CA CYS P 172 -8.72 27.50 36.67
C CYS P 172 -10.04 27.07 37.31
N PHE P 173 -10.73 26.18 36.60
CA PHE P 173 -12.05 25.67 36.96
C PHE P 173 -12.07 24.14 36.90
N GLY P 174 -13.06 23.52 37.51
CA GLY P 174 -13.22 22.07 37.48
C GLY P 174 -14.62 21.72 37.00
N SER P 175 -14.77 20.64 36.23
CA SER P 175 -16.07 20.23 35.70
C SER P 175 -16.27 18.71 35.77
N PHE P 176 -17.46 18.21 35.42
CA PHE P 176 -17.74 16.77 35.44
C PHE P 176 -18.15 16.28 34.05
N HIS P 177 -17.90 14.99 33.74
CA HIS P 177 -18.23 14.37 32.44
C HIS P 177 -19.70 14.60 32.06
N ASP P 178 -20.63 14.36 33.01
CA ASP P 178 -22.07 14.47 32.82
C ASP P 178 -22.60 15.87 32.57
N SER P 179 -21.87 16.89 32.99
CA SER P 179 -22.30 18.28 32.83
C SER P 179 -21.12 19.11 32.37
N PRO P 180 -20.75 19.04 31.07
CA PRO P 180 -19.57 19.75 30.59
C PRO P 180 -19.67 21.27 30.51
N TYR P 181 -20.88 21.83 30.65
CA TYR P 181 -21.04 23.28 30.61
C TYR P 181 -21.33 23.90 31.97
N GLU P 182 -21.05 23.16 33.06
CA GLU P 182 -21.25 23.63 34.42
C GLU P 182 -19.90 23.50 35.08
N TRP P 183 -19.29 24.63 35.43
CA TRP P 183 -17.95 24.67 36.02
C TRP P 183 -17.97 25.14 37.46
N SER P 184 -16.87 24.90 38.17
CA SER P 184 -16.73 25.33 39.55
C SER P 184 -16.56 26.87 39.61
N LYS P 185 -16.48 27.44 40.83
CA LYS P 185 -16.15 28.83 41.04
C LYS P 185 -14.69 29.00 40.58
N SER P 186 -14.37 30.12 39.93
CA SER P 186 -13.03 30.38 39.44
C SER P 186 -12.02 30.37 40.57
N SER P 187 -10.83 29.82 40.31
CA SER P 187 -9.76 29.85 41.30
C SER P 187 -9.30 31.31 41.46
N ASP P 188 -8.60 31.62 42.56
CA ASP P 188 -8.06 32.98 42.76
C ASP P 188 -7.05 33.27 41.64
N PRO P 189 -7.20 34.41 40.94
CA PRO P 189 -6.31 34.69 39.80
C PRO P 189 -4.83 34.66 40.15
N LEU P 190 -4.05 33.92 39.36
CA LEU P 190 -2.62 33.80 39.57
C LEU P 190 -1.90 34.60 38.50
N LEU P 191 -1.08 35.57 38.91
CA LEU P 191 -0.35 36.39 37.97
C LEU P 191 1.02 35.82 37.72
N VAL P 192 1.32 35.46 36.48
CA VAL P 192 2.63 34.96 36.10
C VAL P 192 3.43 36.14 35.58
N SER P 193 4.63 36.36 36.11
CA SER P 193 5.47 37.46 35.72
C SER P 193 6.75 36.91 35.09
N VAL P 194 7.05 37.33 33.86
CA VAL P 194 8.25 36.89 33.17
C VAL P 194 9.29 38.02 33.17
N THR P 195 10.44 37.80 33.81
CA THR P 195 11.48 38.82 33.90
C THR P 195 12.70 38.44 33.06
C1 NAG Q . 47.62 -31.15 14.58
C2 NAG Q . 46.13 -30.79 14.72
C3 NAG Q . 45.49 -31.56 15.89
C4 NAG Q . 46.25 -31.27 17.19
C5 NAG Q . 47.76 -31.38 16.97
C6 NAG Q . 48.53 -32.19 17.98
C7 NAG Q . 44.89 -28.70 14.42
C8 NAG Q . 44.68 -27.31 14.95
N2 NAG Q . 45.93 -29.37 14.93
O1 NAG Q . 47.81 -31.84 13.39
O3 NAG Q . 45.52 -32.96 15.64
O5 NAG Q . 48.05 -31.97 15.68
O6 NAG Q . 49.90 -32.12 17.59
O7 NAG Q . 44.21 -29.17 13.51
C1 FUC Q . 50.93 -32.18 18.57
C2 FUC Q . 51.55 -30.76 18.75
C3 FUC Q . 50.96 -29.97 19.90
C4 FUC Q . 50.83 -30.83 21.14
C5 FUC Q . 49.93 -32.00 20.79
C6 FUC Q . 49.59 -32.89 21.97
O2 FUC Q . 51.45 -30.01 17.54
O3 FUC Q . 51.79 -28.83 20.17
O4 FUC Q . 52.10 -31.29 21.60
O5 FUC Q . 50.57 -32.82 19.81
C1 NAG R . -0.98 -26.23 -19.85
C2 NAG R . -0.92 -26.88 -18.46
C3 NAG R . -1.77 -28.14 -18.49
C4 NAG R . -3.19 -27.83 -18.97
C5 NAG R . -3.14 -27.09 -20.30
C6 NAG R . -4.50 -26.60 -20.76
C7 NAG R . 1.34 -27.77 -18.78
C8 NAG R . 2.61 -27.02 -18.99
N2 NAG R . 0.43 -27.16 -18.02
O3 NAG R . -1.78 -28.72 -17.19
O4 NAG R . -3.88 -29.07 -19.17
O5 NAG R . -2.33 -25.90 -20.17
O6 NAG R . -5.53 -27.51 -20.40
O7 NAG R . 1.14 -28.87 -19.29
C1 FUC R . -6.74 -26.74 -20.23
C2 FUC R . -7.77 -27.15 -21.29
C3 FUC R . -9.00 -26.27 -21.16
C4 FUC R . -9.54 -26.26 -19.72
C5 FUC R . -8.44 -26.05 -18.67
C6 FUC R . -7.95 -24.63 -18.52
O2 FUC R . -8.11 -28.52 -21.13
O3 FUC R . -8.74 -24.95 -21.64
O4 FUC R . -10.61 -25.31 -19.59
O5 FUC R . -7.32 -26.92 -18.94
C1 NAG S . 35.29 -3.83 -44.52
C2 NAG S . 35.62 -3.08 -45.81
C3 NAG S . 36.40 -4.00 -46.74
C4 NAG S . 37.63 -4.54 -46.02
C5 NAG S . 37.32 -5.08 -44.63
C6 NAG S . 38.58 -5.27 -43.81
C7 NAG S . 33.99 -1.27 -46.35
C8 NAG S . 34.73 -0.35 -45.41
N2 NAG S . 34.43 -2.54 -46.44
O3 NAG S . 36.82 -3.29 -47.91
O4 NAG S . 38.15 -5.63 -46.78
O5 NAG S . 36.49 -4.19 -43.87
O6 NAG S . 39.27 -4.03 -43.61
O7 NAG S . 33.06 -0.84 -47.05
C1 FUC S . 40.62 -4.21 -43.27
C2 FUC S . 41.32 -2.85 -43.26
C3 FUC S . 40.93 -2.04 -42.03
C4 FUC S . 41.17 -2.85 -40.77
C5 FUC S . 40.37 -4.15 -40.86
C6 FUC S . 40.54 -5.06 -39.67
O2 FUC S . 41.09 -2.12 -44.46
O3 FUC S . 41.69 -0.84 -41.96
O4 FUC S . 42.56 -3.15 -40.66
O5 FUC S . 40.80 -4.89 -42.02
C1 NAG T . -29.73 6.61 3.08
C2 NAG T . -30.11 6.26 4.53
C3 NAG T . -31.30 7.10 5.00
C4 NAG T . -31.04 8.58 4.76
C5 NAG T . -30.70 8.80 3.29
C6 NAG T . -30.41 10.25 2.96
C7 NAG T . -29.49 3.92 5.01
C8 NAG T . -30.00 2.52 5.16
N2 NAG T . -30.40 4.85 4.67
O3 NAG T . -31.52 6.84 6.38
O4 NAG T . -32.20 9.35 5.10
O5 NAG T . -29.54 8.03 2.96
O6 NAG T . -29.03 10.52 2.70
O7 NAG T . -28.31 4.20 5.16
C1 FUC T . -28.34 11.04 3.81
C2 FUC T . -27.30 12.06 3.29
C3 FUC T . -26.52 12.72 4.44
C4 FUC T . -27.19 12.60 5.82
C5 FUC T . -28.72 12.67 5.66
C6 FUC T . -29.48 12.63 6.96
O2 FUC T . -27.91 13.04 2.47
O3 FUC T . -25.18 12.24 4.47
O4 FUC T . -26.79 11.41 6.49
O5 FUC T . -29.23 11.59 4.82
C1 NAG U . -28.57 18.17 20.38
C2 NAG U . -29.14 16.76 20.20
C3 NAG U . -28.02 15.76 19.91
C4 NAG U . -27.12 16.25 18.78
C5 NAG U . -26.67 17.69 19.04
C6 NAG U . -25.84 18.28 17.92
C7 NAG U . -31.19 16.54 21.54
C8 NAG U . -31.77 16.11 22.85
N2 NAG U . -29.87 16.38 21.40
O3 NAG U . -28.61 14.51 19.57
O4 NAG U . -25.97 15.42 18.68
O5 NAG U . -27.81 18.53 19.22
O6 NAG U . -26.29 17.87 16.63
O7 NAG U . -31.88 17.02 20.64
C1 FUC U . -26.92 18.89 15.93
C2 FUC U . -25.90 19.58 15.03
C3 FUC U . -26.56 20.67 14.21
C4 FUC U . -27.80 20.15 13.47
C5 FUC U . -28.73 19.36 14.38
C6 FUC U . -29.53 20.18 15.37
O2 FUC U . -25.29 18.61 14.18
O3 FUC U . -26.86 21.80 15.02
O4 FUC U . -28.50 21.23 12.84
O5 FUC U . -27.99 18.37 15.12
C1 NAG V . 27.00 -17.96 11.25
C2 NAG V . 26.23 -18.64 10.11
C3 NAG V . 26.05 -20.15 10.35
C4 NAG V . 25.67 -20.42 11.81
C5 NAG V . 26.70 -19.83 12.76
C6 NAG V . 27.54 -20.89 13.44
C7 NAG V . 24.65 -17.16 8.86
C8 NAG V . 25.77 -16.85 7.91
N2 NAG V . 24.94 -17.99 9.89
O3 NAG V . 27.29 -20.79 10.07
O4 NAG V . 24.38 -19.90 12.09
O5 NAG V . 27.63 -18.96 12.07
O6 NAG V . 28.37 -21.58 12.52
O7 NAG V . 23.53 -16.69 8.71
C1 NAG W . 47.68 -73.66 28.86
C2 NAG W . 48.06 -75.14 28.84
C3 NAG W . 48.88 -75.49 27.58
C4 NAG W . 50.08 -74.56 27.45
C5 NAG W . 49.70 -73.10 27.69
C6 NAG W . 50.18 -72.16 26.59
C7 NAG W . 48.26 -75.83 31.23
C8 NAG W . 46.80 -76.21 31.23
N2 NAG W . 48.80 -75.49 30.04
O3 NAG W . 48.03 -75.37 26.43
O4 NAG W . 51.10 -74.92 28.38
O5 NAG W . 48.26 -72.96 27.74
O6 NAG W . 49.57 -72.46 25.35
O7 NAG W . 48.91 -75.80 32.27
C1 NAG X . -1.55 -29.11 -61.51
C2 NAG X . -0.60 -29.67 -60.44
C3 NAG X . -0.19 -31.13 -60.72
C4 NAG X . -0.10 -31.43 -62.21
C5 NAG X . -1.41 -31.08 -62.93
C6 NAG X . -2.26 -32.30 -63.23
C7 NAG X . 0.90 -27.65 -60.74
C8 NAG X . 0.56 -27.45 -62.20
N2 NAG X . 0.58 -28.84 -60.20
O3 NAG X . -1.16 -32.00 -60.12
O4 NAG X . 1.01 -30.72 -62.76
O5 NAG X . -2.24 -30.18 -62.16
O6 NAG X . -3.01 -32.74 -62.10
O7 NAG X . 1.39 -26.74 -60.08
C1 NAG Y . 15.58 7.04 -48.94
C2 NAG Y . 14.12 6.80 -49.37
C3 NAG Y . 13.46 5.78 -48.45
C4 NAG Y . 14.31 4.53 -48.30
C5 NAG Y . 15.72 4.91 -47.88
C6 NAG Y . 16.66 3.73 -47.78
C7 NAG Y . 13.39 8.95 -50.36
C8 NAG Y . 12.48 10.14 -50.18
N2 NAG Y . 13.38 8.05 -49.36
O3 NAG Y . 12.17 5.46 -48.95
O4 NAG Y . 13.76 3.66 -47.31
O5 NAG Y . 16.28 5.80 -48.87
O6 NAG Y . 16.74 3.02 -49.00
O7 NAG Y . 14.10 8.83 -51.35
C1 NAG Z . 41.52 -42.85 -28.26
C2 NAG Z . 41.55 -41.66 -29.22
C3 NAG Z . 42.69 -41.84 -30.21
C4 NAG Z . 44.00 -42.28 -29.54
C5 NAG Z . 43.98 -42.39 -28.00
C6 NAG Z . 44.41 -41.11 -27.31
C7 NAG Z . 39.71 -42.04 -30.96
C8 NAG Z . 40.51 -43.16 -31.60
N2 NAG Z . 40.25 -41.43 -29.87
O3 NAG Z . 42.88 -40.70 -31.03
O4 NAG Z . 44.51 -43.49 -30.11
O5 NAG Z . 42.70 -42.82 -27.43
O6 NAG Z . 44.84 -41.35 -25.98
O7 NAG Z . 38.63 -41.69 -31.41
C1 NAG AA . 7.79 -52.40 37.12
C2 NAG AA . 8.26 -53.32 35.98
C3 NAG AA . 8.84 -54.62 36.52
C4 NAG AA . 9.92 -54.35 37.54
C5 NAG AA . 9.29 -53.57 38.67
C6 NAG AA . 10.25 -53.21 39.79
C7 NAG AA . 5.90 -53.51 35.10
C8 NAG AA . 5.08 -54.12 34.01
N2 NAG AA . 7.24 -53.62 34.97
O3 NAG AA . 9.34 -55.41 35.44
O4 NAG AA . 10.49 -55.57 38.02
O5 NAG AA . 8.79 -52.33 38.15
O6 NAG AA . 11.41 -52.54 39.31
O7 NAG AA . 5.38 -52.84 36.00
C1 NAG BA . 6.34 -56.53 -3.58
C2 NAG BA . 7.65 -56.82 -2.89
C3 NAG BA . 8.52 -57.68 -3.81
C4 NAG BA . 7.78 -59.00 -3.98
C5 NAG BA . 6.35 -58.79 -4.53
C6 NAG BA . 5.51 -60.04 -4.42
C7 NAG BA . 8.82 -54.62 -3.16
C8 NAG BA . 9.43 -53.48 -2.40
N2 NAG BA . 8.34 -55.62 -2.41
O3 NAG BA . 9.82 -57.88 -3.27
O4 NAG BA . 8.50 -59.84 -4.87
O5 NAG BA . 5.64 -57.77 -3.79
O6 NAG BA . 5.07 -60.26 -3.08
O7 NAG BA . 8.79 -54.64 -4.38
C1 NAG CA . -24.49 -16.36 2.37
C2 NAG CA . -24.74 -15.07 1.57
C3 NAG CA . -23.81 -14.97 0.35
C4 NAG CA . -23.84 -16.26 -0.48
C5 NAG CA . -23.71 -17.51 0.40
C6 NAG CA . -22.59 -18.44 -0.04
C7 NAG CA . -26.78 -13.84 0.95
C8 NAG CA . -28.22 -13.96 0.51
N2 NAG CA . -26.14 -14.99 1.15
O3 NAG CA . -22.49 -14.67 0.77
O4 NAG CA . -25.03 -16.33 -1.25
O5 NAG CA . -23.44 -17.14 1.77
O6 NAG CA . -21.31 -17.84 0.12
O7 NAG CA . -26.24 -12.75 1.10
C1 NAG DA . -54.82 26.77 -22.70
C2 NAG DA . -56.15 27.47 -22.98
C3 NAG DA . -56.28 28.72 -22.10
C4 NAG DA . -56.06 28.37 -20.63
C5 NAG DA . -54.75 27.62 -20.46
C6 NAG DA . -54.52 27.12 -19.05
C7 NAG DA . -57.42 27.79 -25.07
C8 NAG DA . -57.33 28.14 -26.52
N2 NAG DA . -56.26 27.81 -24.39
O3 NAG DA . -57.56 29.33 -22.29
O4 NAG DA . -56.03 29.56 -19.86
O5 NAG DA . -54.73 26.46 -21.31
O6 NAG DA . -55.57 26.29 -18.60
O7 NAG DA . -58.49 27.54 -24.52
C1 NAG EA . 0.44 20.59 -19.46
C2 NAG EA . -0.41 19.97 -20.58
C3 NAG EA . -0.89 18.56 -20.21
C4 NAG EA . -1.66 18.55 -18.88
C5 NAG EA . -1.09 19.55 -17.88
C6 NAG EA . -1.12 19.06 -16.45
C7 NAG EA . -1.42 21.95 -21.64
C8 NAG EA . -2.67 22.76 -21.83
N2 NAG EA . -1.53 20.84 -20.92
O3 NAG EA . 0.20 17.65 -20.16
O4 NAG EA . -3.04 18.81 -19.11
O5 NAG EA . 0.29 19.84 -18.23
O6 NAG EA . -1.30 20.12 -15.53
O7 NAG EA . -0.34 22.29 -22.14
C1 NAG FA . -10.17 16.54 21.61
C2 NAG FA . -10.73 15.90 20.35
C3 NAG FA . -11.48 14.62 20.70
C4 NAG FA . -10.59 13.68 21.51
C5 NAG FA . -9.97 14.40 22.72
C6 NAG FA . -8.91 13.57 23.41
C7 NAG FA . -11.68 16.98 18.30
C8 NAG FA . -10.60 16.33 17.49
N2 NAG FA . -11.62 16.82 19.64
O3 NAG FA . -11.91 13.97 19.51
O4 NAG FA . -11.37 12.58 21.99
O5 NAG FA . -9.32 15.61 22.28
O6 NAG FA . -7.99 14.38 24.15
O7 NAG FA . -12.61 17.60 17.78
C1 NAG GA . -28.76 56.92 8.49
C2 NAG GA . -28.99 55.48 8.92
C3 NAG GA . -27.94 55.09 9.96
C4 NAG GA . -26.54 55.33 9.41
C5 NAG GA . -26.38 56.70 8.77
C6 NAG GA . -25.13 56.82 7.92
C7 NAG GA . -30.87 55.62 10.60
C8 NAG GA . -32.24 55.08 10.90
N2 NAG GA . -30.35 55.22 9.41
O3 NAG GA . -28.13 53.75 10.39
O4 NAG GA . -25.61 55.22 10.48
O5 NAG GA . -27.46 57.03 7.89
O6 NAG GA . -24.01 56.13 8.49
O7 NAG GA . -30.29 56.40 11.35
C1 NAG HA . -42.16 17.16 -5.07
C2 NAG HA . -41.93 17.56 -3.62
C3 NAG HA . -42.25 16.38 -2.71
C4 NAG HA . -43.69 15.94 -2.94
C5 NAG HA . -43.98 15.69 -4.42
C6 NAG HA . -45.47 15.63 -4.70
C7 NAG HA . -40.30 19.09 -2.66
C8 NAG HA . -38.84 19.46 -2.54
N2 NAG HA . -40.58 18.03 -3.41
O3 NAG HA . -42.05 16.76 -1.35
O4 NAG HA . -43.95 14.74 -2.20
O5 NAG HA . -43.52 16.77 -5.24
O6 NAG HA . -46.04 16.95 -4.72
O7 NAG HA . -41.18 19.74 -2.09
C1 NAG IA . -46.34 18.65 36.04
C2 NAG IA . -45.01 19.22 35.54
C3 NAG IA . -44.97 20.75 35.66
C4 NAG IA . -45.36 21.20 37.06
C5 NAG IA . -46.64 20.51 37.54
C6 NAG IA . -47.72 21.48 37.98
C7 NAG IA . -42.66 18.48 35.72
C8 NAG IA . -41.63 17.85 36.61
N2 NAG IA . -43.88 18.62 36.25
O3 NAG IA . -45.84 21.33 34.70
O4 NAG IA . -44.30 20.95 37.97
O5 NAG IA . -47.20 19.70 36.50
O6 NAG IA . -48.20 22.26 36.91
O7 NAG IA . -42.40 18.83 34.57
C1 NAG JA . 12.07 22.25 30.03
C2 NAG JA . 12.02 22.80 28.58
C3 NAG JA . 13.37 23.39 28.16
C4 NAG JA . 14.47 22.35 28.31
C5 NAG JA . 14.37 21.58 29.63
C6 NAG JA . 15.68 21.48 30.37
C7 NAG JA . 10.36 21.42 27.30
C8 NAG JA . 9.28 22.39 27.70
N2 NAG JA . 11.63 21.72 27.67
O3 NAG JA . 13.66 24.52 28.99
O4 NAG JA . 14.41 21.42 27.23
O5 NAG JA . 13.43 22.23 30.51
O6 NAG JA . 16.17 22.75 30.77
O7 NAG JA . 10.11 20.38 26.70
#